data_5H7U
#
_entry.id   5H7U
#
_entity_poly.entity_id   1
_entity_poly.type   'polypeptide(L)'
_entity_poly.pdbx_seq_one_letter_code
;SESELDQESDDSFFNESESESEADVDSDDSDAKPYGPDWFKKSEFRKQGGGSNKFLKSSNYDSSDEESDEEDGKKVVKSA
KEKLLDEMQDVYNKISQAENSDDWLTISNEFDLISRLLVRAQQQNWGT
;
_entity_poly.pdbx_strand_id   A
#
# COMPACT_ATOMS: atom_id res chain seq x y z
N SER A 1 -55.83 -40.73 151.90
CA SER A 1 -54.72 -40.88 150.93
C SER A 1 -53.66 -39.81 151.17
N GLU A 2 -52.40 -40.21 151.40
CA GLU A 2 -51.28 -39.34 151.75
C GLU A 2 -50.05 -39.66 150.89
N SER A 3 -49.20 -38.66 150.65
CA SER A 3 -48.02 -38.74 149.77
C SER A 3 -47.03 -37.57 150.02
N GLU A 4 -45.89 -37.58 149.32
CA GLU A 4 -44.77 -36.65 149.48
C GLU A 4 -44.14 -36.28 148.13
N LEU A 5 -43.46 -35.13 148.07
CA LEU A 5 -42.90 -34.51 146.86
C LEU A 5 -41.52 -33.87 147.15
N ASP A 6 -40.79 -33.58 146.07
CA ASP A 6 -39.45 -32.97 146.08
C ASP A 6 -39.20 -32.23 144.74
N GLN A 7 -38.50 -31.09 144.82
CA GLN A 7 -38.20 -30.20 143.69
C GLN A 7 -36.69 -30.10 143.41
N GLU A 8 -35.83 -30.75 144.21
CA GLU A 8 -34.38 -30.77 144.01
C GLU A 8 -33.97 -31.81 142.95
N SER A 9 -34.28 -31.51 141.69
CA SER A 9 -34.11 -32.42 140.54
C SER A 9 -34.00 -31.68 139.19
N ASP A 10 -33.46 -32.36 138.18
CA ASP A 10 -33.20 -31.86 136.81
C ASP A 10 -33.01 -33.03 135.83
N ASP A 11 -33.19 -32.77 134.53
CA ASP A 11 -33.14 -33.76 133.44
C ASP A 11 -32.70 -33.21 132.07
N SER A 12 -32.54 -31.89 131.90
CA SER A 12 -32.20 -31.27 130.60
C SER A 12 -31.75 -29.81 130.74
N PHE A 13 -30.64 -29.46 130.07
CA PHE A 13 -30.04 -28.12 130.04
C PHE A 13 -29.09 -27.96 128.83
N PHE A 14 -28.77 -26.72 128.46
CA PHE A 14 -27.87 -26.39 127.34
C PHE A 14 -26.43 -26.92 127.55
N ASN A 15 -25.77 -27.24 126.43
CA ASN A 15 -24.36 -27.64 126.36
C ASN A 15 -23.78 -27.33 124.96
N GLU A 16 -22.68 -26.60 124.91
CA GLU A 16 -21.97 -26.24 123.68
C GLU A 16 -20.98 -27.34 123.23
N SER A 17 -20.62 -27.33 121.94
CA SER A 17 -19.72 -28.29 121.28
C SER A 17 -18.57 -27.60 120.53
N GLU A 18 -18.38 -26.30 120.77
CA GLU A 18 -17.50 -25.38 120.05
C GLU A 18 -17.23 -24.11 120.88
N SER A 19 -16.18 -23.36 120.55
CA SER A 19 -15.77 -22.14 121.28
C SER A 19 -14.92 -21.20 120.39
N GLU A 20 -13.60 -21.27 120.48
CA GLU A 20 -12.66 -20.46 119.70
C GLU A 20 -12.49 -21.04 118.28
N SER A 21 -12.75 -20.22 117.26
CA SER A 21 -12.78 -20.61 115.84
C SER A 21 -12.80 -19.39 114.91
N GLU A 22 -12.64 -19.62 113.59
CA GLU A 22 -12.61 -18.59 112.54
C GLU A 22 -12.92 -19.20 111.16
N ALA A 23 -13.26 -18.34 110.19
CA ALA A 23 -13.62 -18.70 108.82
C ALA A 23 -13.39 -17.52 107.85
N ASP A 24 -13.36 -17.81 106.55
CA ASP A 24 -12.99 -16.89 105.47
C ASP A 24 -13.51 -17.34 104.08
N VAL A 25 -13.41 -16.45 103.09
CA VAL A 25 -13.81 -16.65 101.68
C VAL A 25 -12.81 -15.94 100.76
N ASP A 26 -12.68 -16.41 99.52
CA ASP A 26 -11.65 -15.99 98.55
C ASP A 26 -12.07 -16.27 97.09
N SER A 27 -11.58 -15.47 96.16
CA SER A 27 -11.84 -15.57 94.72
C SER A 27 -10.76 -14.80 93.91
N ASP A 28 -10.55 -15.18 92.65
CA ASP A 28 -9.45 -14.71 91.78
C ASP A 28 -9.78 -14.94 90.29
N ASP A 29 -9.25 -14.07 89.42
CA ASP A 29 -9.49 -14.07 87.97
C ASP A 29 -8.35 -13.35 87.20
N SER A 30 -7.91 -13.93 86.09
CA SER A 30 -6.78 -13.49 85.27
C SER A 30 -6.95 -13.94 83.80
N ASP A 31 -6.20 -13.33 82.88
CA ASP A 31 -6.23 -13.65 81.44
C ASP A 31 -4.84 -13.49 80.79
N ALA A 32 -4.32 -14.61 80.26
CA ALA A 32 -3.01 -14.76 79.62
C ALA A 32 -2.91 -16.13 78.91
N LYS A 33 -2.01 -16.27 77.94
CA LYS A 33 -1.76 -17.54 77.25
C LYS A 33 -1.16 -18.62 78.20
N PRO A 34 -1.51 -19.91 78.04
CA PRO A 34 -0.94 -21.00 78.85
C PRO A 34 0.45 -21.44 78.35
N TYR A 35 0.74 -21.26 77.06
CA TYR A 35 1.96 -21.70 76.36
C TYR A 35 2.02 -21.17 74.90
N GLY A 36 3.16 -21.39 74.22
CA GLY A 36 3.35 -21.14 72.79
C GLY A 36 4.02 -19.78 72.49
N PRO A 37 5.12 -19.73 71.71
CA PRO A 37 5.70 -18.49 71.20
C PRO A 37 4.77 -17.75 70.24
N ASP A 38 4.92 -16.43 70.14
CA ASP A 38 4.21 -15.55 69.20
C ASP A 38 4.91 -14.19 69.03
N TRP A 39 4.59 -13.49 67.94
CA TRP A 39 5.06 -12.13 67.63
C TRP A 39 3.89 -11.17 67.38
N PHE A 40 3.98 -9.95 67.92
CA PHE A 40 2.93 -8.92 67.81
C PHE A 40 2.93 -8.17 66.47
N LYS A 41 4.00 -8.31 65.67
CA LYS A 41 4.20 -7.57 64.41
C LYS A 41 3.43 -8.21 63.23
N LYS A 42 2.67 -7.40 62.49
CA LYS A 42 2.01 -7.80 61.23
C LYS A 42 2.93 -7.56 60.02
N SER A 43 2.70 -8.28 58.92
CA SER A 43 3.50 -8.21 57.68
C SER A 43 2.75 -8.79 56.48
N GLU A 44 3.38 -8.82 55.30
CA GLU A 44 2.82 -9.26 54.02
C GLU A 44 3.97 -9.65 53.07
N PHE A 45 3.77 -10.71 52.29
CA PHE A 45 4.81 -11.36 51.48
C PHE A 45 4.30 -11.67 50.06
N ARG A 46 5.17 -11.47 49.06
CA ARG A 46 4.87 -11.64 47.62
C ARG A 46 6.16 -11.75 46.80
N LYS A 47 6.11 -12.53 45.72
CA LYS A 47 7.18 -12.71 44.71
C LYS A 47 6.60 -12.91 43.29
N GLN A 48 7.46 -12.96 42.28
CA GLN A 48 7.09 -13.08 40.86
C GLN A 48 8.29 -13.58 40.03
N GLY A 49 8.03 -14.13 38.83
CA GLY A 49 9.04 -14.66 37.90
C GLY A 49 9.73 -13.58 37.07
N GLY A 50 10.16 -12.49 37.71
CA GLY A 50 10.80 -11.32 37.10
C GLY A 50 9.83 -10.25 36.58
N GLY A 51 8.51 -10.48 36.66
CA GLY A 51 7.47 -9.51 36.30
C GLY A 51 7.24 -9.35 34.79
N SER A 52 7.67 -10.31 33.98
CA SER A 52 7.62 -10.28 32.51
C SER A 52 7.76 -11.70 31.91
N ASN A 53 7.71 -11.81 30.58
CA ASN A 53 7.77 -13.08 29.83
C ASN A 53 8.30 -12.86 28.39
N LYS A 54 9.14 -13.79 27.92
CA LYS A 54 9.73 -13.80 26.57
C LYS A 54 9.01 -14.76 25.60
N PHE A 55 9.36 -14.67 24.31
CA PHE A 55 8.74 -15.41 23.21
C PHE A 55 9.80 -15.90 22.19
N LEU A 56 9.45 -16.92 21.41
CA LEU A 56 10.36 -17.60 20.47
C LEU A 56 10.42 -16.95 19.07
N LYS A 57 9.74 -15.82 18.86
CA LYS A 57 9.77 -15.04 17.61
C LYS A 57 11.18 -14.51 17.27
N SER A 58 11.51 -14.41 15.98
CA SER A 58 12.84 -14.06 15.47
C SER A 58 12.78 -13.38 14.09
N SER A 59 13.91 -12.86 13.59
CA SER A 59 13.98 -12.13 12.30
C SER A 59 13.86 -13.06 11.07
N ASN A 60 13.40 -12.52 9.94
CA ASN A 60 13.17 -13.26 8.69
C ASN A 60 14.48 -13.78 8.04
N TYR A 61 14.39 -14.92 7.35
CA TYR A 61 15.50 -15.60 6.65
C TYR A 61 14.99 -16.53 5.52
N ASP A 62 15.90 -17.07 4.72
CA ASP A 62 15.60 -17.93 3.57
C ASP A 62 15.03 -19.30 4.02
N SER A 63 13.70 -19.40 4.00
CA SER A 63 12.91 -20.59 4.39
C SER A 63 11.41 -20.40 4.06
N SER A 64 10.86 -19.22 4.38
CA SER A 64 9.45 -18.82 4.13
C SER A 64 8.42 -19.57 5.02
N ASP A 65 7.12 -19.36 4.76
CA ASP A 65 5.99 -19.94 5.50
C ASP A 65 4.66 -19.85 4.73
N GLU A 66 4.36 -18.69 4.12
CA GLU A 66 3.11 -18.38 3.42
C GLU A 66 3.28 -17.13 2.54
N GLU A 67 2.53 -17.07 1.44
CA GLU A 67 2.54 -16.00 0.43
C GLU A 67 1.21 -15.20 0.42
N SER A 68 0.11 -15.76 0.91
CA SER A 68 -1.21 -15.08 0.96
C SER A 68 -2.14 -15.67 2.04
N ASP A 69 -2.79 -14.80 2.82
CA ASP A 69 -3.63 -15.18 3.98
C ASP A 69 -4.74 -14.13 4.30
N GLU A 70 -5.09 -13.27 3.32
CA GLU A 70 -5.98 -12.12 3.49
C GLU A 70 -6.50 -11.59 2.14
N GLU A 71 -7.49 -10.69 2.17
CA GLU A 71 -8.08 -10.02 1.01
C GLU A 71 -7.04 -9.17 0.24
N ASP A 72 -7.20 -9.09 -1.08
CA ASP A 72 -6.18 -8.51 -1.99
C ASP A 72 -6.04 -6.97 -1.93
N GLY A 73 -6.91 -6.30 -1.17
CA GLY A 73 -6.93 -4.85 -0.98
C GLY A 73 -8.21 -4.35 -0.30
N LYS A 74 -8.28 -3.02 -0.10
CA LYS A 74 -9.36 -2.37 0.67
C LYS A 74 -9.66 -0.90 0.28
N LYS A 75 -8.90 -0.33 -0.66
CA LYS A 75 -8.90 1.10 -1.07
C LYS A 75 -8.31 2.02 0.02
N VAL A 76 -7.75 3.18 -0.37
CA VAL A 76 -7.14 4.16 0.55
C VAL A 76 -7.40 5.60 0.08
N VAL A 77 -7.79 6.47 1.02
CA VAL A 77 -7.98 7.93 0.85
C VAL A 77 -7.59 8.66 2.14
N LYS A 78 -7.17 9.93 2.00
CA LYS A 78 -6.86 10.90 3.07
C LYS A 78 -6.13 10.32 4.30
N SER A 79 -4.82 10.13 4.21
CA SER A 79 -4.01 9.43 5.23
C SER A 79 -2.50 9.72 5.12
N ALA A 80 -1.65 8.89 5.75
CA ALA A 80 -0.19 8.89 5.59
C ALA A 80 0.28 8.73 4.12
N LYS A 81 -0.62 8.33 3.21
CA LYS A 81 -0.40 8.34 1.76
C LYS A 81 0.02 9.72 1.26
N GLU A 82 -0.56 10.79 1.85
CA GLU A 82 -0.35 12.18 1.44
C GLU A 82 1.03 12.75 1.84
N LYS A 83 1.80 12.05 2.68
CA LYS A 83 3.21 12.35 2.99
C LYS A 83 4.21 11.33 2.38
N LEU A 84 3.72 10.42 1.52
CA LEU A 84 4.50 9.35 0.88
C LEU A 84 4.55 9.47 -0.65
N LEU A 85 3.56 10.12 -1.28
CA LEU A 85 3.60 10.46 -2.70
C LEU A 85 4.81 11.36 -3.04
N ASP A 86 5.32 11.23 -4.27
CA ASP A 86 6.45 11.97 -4.86
C ASP A 86 7.86 11.61 -4.30
N GLU A 87 7.94 10.68 -3.34
CA GLU A 87 9.20 10.17 -2.76
C GLU A 87 9.97 9.23 -3.73
N MET A 88 9.33 8.83 -4.83
CA MET A 88 9.72 7.80 -5.80
C MET A 88 8.77 7.91 -7.02
N GLN A 89 9.12 7.32 -8.16
CA GLN A 89 8.37 7.46 -9.42
C GLN A 89 7.78 6.15 -9.95
N ASP A 90 8.20 5.00 -9.42
CA ASP A 90 7.88 3.67 -9.98
C ASP A 90 6.92 2.86 -9.10
N VAL A 91 7.25 2.67 -7.82
CA VAL A 91 6.38 2.01 -6.82
C VAL A 91 5.31 2.96 -6.26
N TYR A 92 5.40 4.26 -6.55
CA TYR A 92 4.37 5.25 -6.20
C TYR A 92 3.27 5.37 -7.27
N ASN A 93 3.48 4.81 -8.46
CA ASN A 93 2.65 5.06 -9.65
C ASN A 93 1.16 4.66 -9.50
N LYS A 94 0.85 3.67 -8.64
CA LYS A 94 -0.54 3.31 -8.27
C LYS A 94 -1.12 4.11 -7.10
N ILE A 95 -0.26 4.70 -6.27
CA ILE A 95 -0.60 5.32 -4.98
C ILE A 95 -1.35 6.64 -5.22
N SER A 96 -1.10 7.30 -6.35
CA SER A 96 -1.83 8.49 -6.81
C SER A 96 -3.30 8.20 -7.22
N GLN A 97 -3.71 6.93 -7.27
CA GLN A 97 -5.07 6.50 -7.58
C GLN A 97 -5.72 5.82 -6.37
N ALA A 98 -5.08 4.79 -5.80
CA ALA A 98 -5.40 4.16 -4.50
C ALA A 98 -6.80 3.53 -4.31
N GLU A 99 -7.62 3.53 -5.36
CA GLU A 99 -8.97 2.94 -5.42
C GLU A 99 -9.02 1.60 -6.18
N ASN A 100 -7.87 1.09 -6.63
CA ASN A 100 -7.76 -0.08 -7.52
C ASN A 100 -8.23 -1.41 -6.90
N SER A 101 -8.40 -1.46 -5.57
CA SER A 101 -9.07 -2.52 -4.78
C SER A 101 -8.40 -3.91 -4.70
N ASP A 102 -7.42 -4.24 -5.56
CA ASP A 102 -6.89 -5.62 -5.70
C ASP A 102 -5.36 -5.71 -5.93
N ASP A 103 -4.65 -4.58 -6.04
CA ASP A 103 -3.18 -4.51 -6.21
C ASP A 103 -2.41 -4.19 -4.92
N TRP A 104 -3.11 -3.76 -3.87
CA TRP A 104 -2.54 -3.38 -2.58
C TRP A 104 -1.85 -4.55 -1.85
N LEU A 105 -2.29 -5.80 -2.03
CA LEU A 105 -1.61 -6.97 -1.47
C LEU A 105 -0.20 -7.13 -2.07
N THR A 106 -0.10 -7.08 -3.40
CA THR A 106 1.15 -7.23 -4.15
C THR A 106 2.18 -6.17 -3.77
N ILE A 107 1.72 -4.93 -3.53
CA ILE A 107 2.61 -3.83 -3.12
C ILE A 107 2.98 -3.88 -1.64
N SER A 108 2.07 -4.30 -0.76
CA SER A 108 2.35 -4.43 0.68
C SER A 108 3.34 -5.57 0.98
N ASN A 109 3.45 -6.56 0.07
CA ASN A 109 4.44 -7.64 0.16
C ASN A 109 5.89 -7.17 -0.09
N GLU A 110 6.09 -5.94 -0.59
CA GLU A 110 7.42 -5.29 -0.67
C GLU A 110 7.54 -4.00 0.15
N PHE A 111 6.44 -3.29 0.42
CA PHE A 111 6.47 -2.03 1.19
C PHE A 111 6.91 -2.19 2.64
N ASP A 112 6.84 -3.41 3.16
CA ASP A 112 7.40 -3.85 4.44
C ASP A 112 8.84 -3.35 4.69
N LEU A 113 9.61 -3.28 3.61
CA LEU A 113 11.03 -2.88 3.59
C LEU A 113 11.29 -1.51 2.93
N ILE A 114 10.31 -0.95 2.22
CA ILE A 114 10.39 0.37 1.56
C ILE A 114 9.99 1.48 2.54
N SER A 115 8.78 1.39 3.11
CA SER A 115 8.24 2.42 4.02
C SER A 115 7.16 1.90 4.98
N ARG A 116 7.39 2.08 6.29
CA ARG A 116 6.43 1.81 7.35
C ARG A 116 5.26 2.84 7.40
N LEU A 117 5.33 3.92 6.61
CA LEU A 117 4.23 4.88 6.45
C LEU A 117 3.11 4.33 5.55
N LEU A 118 3.43 3.46 4.57
CA LEU A 118 2.45 2.90 3.65
C LEU A 118 1.51 1.93 4.37
N VAL A 119 2.05 1.11 5.27
CA VAL A 119 1.26 0.25 6.19
C VAL A 119 0.29 1.10 7.02
N ARG A 120 0.76 2.25 7.52
CA ARG A 120 -0.08 3.18 8.28
C ARG A 120 -1.12 3.90 7.41
N ALA A 121 -0.82 4.12 6.12
CA ALA A 121 -1.74 4.79 5.19
C ALA A 121 -2.96 3.93 4.87
N GLN A 122 -2.76 2.61 4.76
CA GLN A 122 -3.85 1.68 4.51
C GLN A 122 -4.59 1.23 5.78
N GLN A 123 -3.90 1.12 6.92
CA GLN A 123 -4.47 0.59 8.16
C GLN A 123 -5.10 1.68 9.04
N GLN A 124 -4.48 2.87 9.12
CA GLN A 124 -5.00 4.07 9.79
C GLN A 124 -5.31 3.83 11.28
N ASN A 125 -4.38 3.16 11.98
CA ASN A 125 -4.48 2.78 13.40
C ASN A 125 -4.20 3.96 14.36
N TRP A 126 -4.86 5.10 14.10
CA TRP A 126 -4.70 6.37 14.83
C TRP A 126 -5.51 6.45 16.14
N GLY A 127 -6.43 5.49 16.36
CA GLY A 127 -7.40 5.46 17.47
C GLY A 127 -8.79 6.02 17.11
N THR A 128 -8.92 6.63 15.93
CA THR A 128 -10.17 7.12 15.29
C THR A 128 -11.12 7.87 16.24
N SER A 1 103.56 -107.97 -103.14
CA SER A 1 102.69 -107.55 -102.02
C SER A 1 102.92 -108.45 -100.80
N GLU A 2 103.59 -107.91 -99.76
CA GLU A 2 104.02 -108.62 -98.56
C GLU A 2 104.46 -107.63 -97.46
N SER A 3 104.46 -108.06 -96.21
CA SER A 3 104.82 -107.27 -95.02
C SER A 3 105.07 -108.18 -93.79
N GLU A 4 105.51 -107.60 -92.67
CA GLU A 4 105.86 -108.29 -91.42
C GLU A 4 105.44 -107.43 -90.21
N LEU A 5 104.79 -108.07 -89.23
CA LEU A 5 104.26 -107.43 -88.01
C LEU A 5 103.95 -108.46 -86.91
N ASP A 6 103.38 -109.61 -87.27
CA ASP A 6 103.04 -110.71 -86.36
C ASP A 6 104.27 -111.25 -85.60
N GLN A 7 104.10 -111.51 -84.30
CA GLN A 7 105.18 -111.82 -83.36
C GLN A 7 104.62 -112.42 -82.05
N GLU A 8 105.44 -113.23 -81.36
CA GLU A 8 105.06 -113.94 -80.13
C GLU A 8 105.23 -113.06 -78.87
N SER A 9 104.66 -111.86 -78.92
CA SER A 9 104.79 -110.80 -77.90
C SER A 9 103.48 -110.03 -77.69
N ASP A 10 103.26 -109.50 -76.48
CA ASP A 10 102.06 -108.78 -76.05
C ASP A 10 102.32 -107.86 -74.83
N ASP A 11 101.41 -106.91 -74.59
CA ASP A 11 101.51 -105.89 -73.54
C ASP A 11 100.11 -105.44 -73.05
N SER A 12 99.14 -106.35 -73.08
CA SER A 12 97.73 -106.08 -72.76
C SER A 12 97.50 -105.68 -71.29
N PHE A 13 96.65 -104.67 -71.06
CA PHE A 13 96.33 -104.10 -69.75
C PHE A 13 95.00 -103.33 -69.78
N PHE A 14 94.28 -103.33 -68.65
CA PHE A 14 93.02 -102.63 -68.41
C PHE A 14 92.74 -102.51 -66.90
N ASN A 15 91.94 -101.51 -66.51
CA ASN A 15 91.57 -101.22 -65.12
C ASN A 15 90.31 -100.33 -65.02
N GLU A 16 89.47 -100.59 -64.02
CA GLU A 16 88.25 -99.83 -63.71
C GLU A 16 87.76 -100.22 -62.29
N SER A 17 87.60 -99.23 -61.40
CA SER A 17 87.14 -99.39 -60.02
C SER A 17 86.82 -98.03 -59.36
N GLU A 18 86.19 -98.06 -58.19
CA GLU A 18 85.94 -96.92 -57.31
C GLU A 18 86.53 -97.11 -55.89
N SER A 19 87.19 -98.24 -55.61
CA SER A 19 87.80 -98.53 -54.29
C SER A 19 89.20 -97.91 -54.10
N GLU A 20 89.82 -97.41 -55.18
CA GLU A 20 91.16 -96.78 -55.19
C GLU A 20 91.09 -95.30 -54.76
N SER A 21 90.37 -95.02 -53.67
CA SER A 21 90.04 -93.67 -53.18
C SER A 21 89.58 -93.69 -51.71
N GLU A 22 89.22 -92.52 -51.16
CA GLU A 22 88.82 -92.31 -49.76
C GLU A 22 88.01 -91.01 -49.60
N ALA A 23 87.24 -90.90 -48.52
CA ALA A 23 86.30 -89.80 -48.24
C ALA A 23 85.99 -89.69 -46.73
N ASP A 24 85.31 -88.59 -46.36
CA ASP A 24 84.94 -88.23 -44.98
C ASP A 24 83.75 -87.25 -44.94
N VAL A 25 83.11 -87.11 -43.78
CA VAL A 25 81.89 -86.29 -43.57
C VAL A 25 81.68 -86.02 -42.07
N ASP A 26 81.19 -84.81 -41.75
CA ASP A 26 80.88 -84.26 -40.42
C ASP A 26 82.11 -83.89 -39.58
N SER A 27 82.12 -82.67 -39.04
CA SER A 27 83.18 -82.06 -38.23
C SER A 27 82.69 -80.78 -37.52
N ASP A 28 83.34 -80.38 -36.43
CA ASP A 28 83.03 -79.20 -35.61
C ASP A 28 84.26 -78.72 -34.81
N ASP A 29 84.43 -77.40 -34.71
CA ASP A 29 85.48 -76.73 -33.94
C ASP A 29 84.93 -75.85 -32.81
N SER A 30 83.61 -75.68 -32.70
CA SER A 30 82.93 -74.89 -31.66
C SER A 30 82.69 -75.72 -30.37
N ASP A 31 83.73 -76.43 -29.92
CA ASP A 31 83.70 -77.44 -28.85
C ASP A 31 83.58 -76.86 -27.41
N ALA A 32 83.35 -75.54 -27.29
CA ALA A 32 83.20 -74.80 -26.03
C ALA A 32 81.82 -74.98 -25.37
N LYS A 33 81.26 -76.20 -25.40
CA LYS A 33 79.89 -76.51 -24.98
C LYS A 33 79.50 -76.08 -23.53
N PRO A 34 80.40 -76.13 -22.53
CA PRO A 34 80.13 -75.63 -21.17
C PRO A 34 79.89 -74.13 -21.06
N TYR A 35 80.36 -73.33 -22.04
CA TYR A 35 80.39 -71.86 -21.98
C TYR A 35 79.15 -71.21 -22.62
N GLY A 36 77.96 -71.67 -22.22
CA GLY A 36 76.65 -71.12 -22.61
C GLY A 36 76.31 -69.78 -21.94
N PRO A 37 75.09 -69.25 -22.18
CA PRO A 37 74.66 -67.95 -21.66
C PRO A 37 74.45 -67.97 -20.14
N ASP A 38 74.59 -66.80 -19.52
CA ASP A 38 74.48 -66.58 -18.06
C ASP A 38 73.68 -65.31 -17.69
N TRP A 39 73.13 -64.62 -18.70
CA TRP A 39 72.37 -63.37 -18.58
C TRP A 39 71.03 -63.48 -19.33
N PHE A 40 69.94 -63.11 -18.67
CA PHE A 40 68.57 -63.34 -19.13
C PHE A 40 67.66 -62.16 -18.73
N LYS A 41 66.88 -61.65 -19.69
CA LYS A 41 66.05 -60.45 -19.51
C LYS A 41 64.90 -60.62 -18.48
N LYS A 42 64.68 -59.59 -17.66
CA LYS A 42 63.66 -59.53 -16.60
C LYS A 42 63.48 -58.08 -16.08
N SER A 43 62.24 -57.69 -15.81
CA SER A 43 61.86 -56.33 -15.38
C SER A 43 60.37 -56.29 -14.93
N GLU A 44 59.88 -55.11 -14.51
CA GLU A 44 58.49 -54.83 -14.19
C GLU A 44 58.11 -53.43 -14.71
N PHE A 45 56.95 -53.34 -15.36
CA PHE A 45 56.47 -52.14 -16.07
C PHE A 45 55.28 -51.50 -15.34
N ARG A 46 55.42 -51.35 -14.02
CA ARG A 46 54.38 -50.94 -13.07
C ARG A 46 54.97 -50.33 -11.78
N LYS A 47 54.18 -49.52 -11.09
CA LYS A 47 54.55 -48.77 -9.86
C LYS A 47 53.30 -48.31 -9.08
N GLN A 48 53.51 -47.79 -7.86
CA GLN A 48 52.45 -47.22 -7.02
C GLN A 48 51.87 -45.92 -7.64
N GLY A 49 50.59 -45.64 -7.35
CA GLY A 49 49.84 -44.50 -7.91
C GLY A 49 48.41 -44.89 -8.33
N GLY A 50 47.86 -44.17 -9.31
CA GLY A 50 46.48 -44.33 -9.81
C GLY A 50 45.44 -43.60 -8.96
N GLY A 51 44.16 -43.85 -9.25
CA GLY A 51 43.03 -43.20 -8.58
C GLY A 51 42.83 -41.76 -9.07
N SER A 52 42.55 -40.85 -8.14
CA SER A 52 42.31 -39.42 -8.41
C SER A 52 42.49 -38.56 -7.14
N ASN A 53 42.91 -37.30 -7.30
CA ASN A 53 43.13 -36.35 -6.20
C ASN A 53 41.94 -35.37 -6.08
N LYS A 54 41.34 -35.29 -4.89
CA LYS A 54 40.20 -34.41 -4.57
C LYS A 54 40.58 -33.39 -3.49
N PHE A 55 40.17 -32.14 -3.68
CA PHE A 55 40.52 -30.97 -2.85
C PHE A 55 39.57 -29.79 -3.14
N LEU A 56 39.29 -28.99 -2.11
CA LEU A 56 38.42 -27.79 -2.14
C LEU A 56 36.93 -28.10 -2.44
N LYS A 57 36.54 -29.38 -2.50
CA LYS A 57 35.16 -29.81 -2.75
C LYS A 57 34.24 -29.47 -1.55
N SER A 58 33.08 -28.87 -1.83
CA SER A 58 32.12 -28.40 -0.82
C SER A 58 30.74 -28.12 -1.46
N SER A 59 29.80 -27.55 -0.71
CA SER A 59 28.45 -27.19 -1.13
C SER A 59 27.87 -26.07 -0.22
N ASN A 60 26.86 -25.34 -0.70
CA ASN A 60 26.33 -24.13 -0.05
C ASN A 60 24.87 -23.83 -0.48
N TYR A 61 24.11 -23.19 0.40
CA TYR A 61 22.70 -22.80 0.22
C TYR A 61 22.33 -21.63 1.16
N ASP A 62 21.23 -20.91 0.86
CA ASP A 62 20.79 -19.71 1.57
C ASP A 62 19.25 -19.60 1.61
N SER A 63 18.74 -19.20 2.78
CA SER A 63 17.30 -19.10 3.10
C SER A 63 17.09 -18.31 4.41
N SER A 64 15.84 -18.00 4.77
CA SER A 64 15.45 -17.24 5.97
C SER A 64 13.98 -17.50 6.35
N ASP A 65 13.61 -17.23 7.60
CA ASP A 65 12.26 -17.41 8.15
C ASP A 65 11.30 -16.27 7.74
N GLU A 66 11.10 -16.13 6.44
CA GLU A 66 10.25 -15.12 5.79
C GLU A 66 8.75 -15.37 6.03
N GLU A 67 7.95 -14.32 5.86
CA GLU A 67 6.50 -14.31 6.13
C GLU A 67 5.79 -13.29 5.20
N SER A 68 4.59 -13.61 4.75
CA SER A 68 3.81 -12.84 3.77
C SER A 68 2.46 -12.35 4.34
N ASP A 69 1.91 -11.29 3.74
CA ASP A 69 0.58 -10.76 4.06
C ASP A 69 -0.56 -11.62 3.46
N GLU A 70 -1.81 -11.32 3.84
CA GLU A 70 -3.02 -12.07 3.49
C GLU A 70 -4.30 -11.21 3.43
N GLU A 71 -4.20 -9.88 3.56
CA GLU A 71 -5.32 -8.94 3.52
C GLU A 71 -5.15 -7.95 2.35
N ASP A 72 -6.23 -7.76 1.57
CA ASP A 72 -6.26 -6.92 0.36
C ASP A 72 -7.18 -5.69 0.54
N GLY A 73 -6.72 -4.52 0.08
CA GLY A 73 -7.42 -3.24 0.16
C GLY A 73 -8.10 -2.84 -1.15
N LYS A 74 -8.81 -1.70 -1.12
CA LYS A 74 -9.51 -1.12 -2.28
C LYS A 74 -9.73 0.40 -2.20
N LYS A 75 -9.72 0.98 -0.99
CA LYS A 75 -9.97 2.41 -0.72
C LYS A 75 -9.03 2.93 0.38
N VAL A 76 -8.25 3.98 0.10
CA VAL A 76 -7.36 4.66 1.06
C VAL A 76 -7.34 6.16 0.75
N VAL A 77 -7.59 6.99 1.76
CA VAL A 77 -7.76 8.46 1.69
C VAL A 77 -7.68 9.05 3.10
N LYS A 78 -7.17 10.29 3.23
CA LYS A 78 -7.01 11.01 4.51
C LYS A 78 -6.07 10.27 5.48
N SER A 79 -4.81 10.13 5.08
CA SER A 79 -3.79 9.33 5.78
C SER A 79 -2.37 9.64 5.27
N ALA A 80 -1.37 8.82 5.61
CA ALA A 80 -0.02 8.86 5.04
C ALA A 80 0.02 8.70 3.50
N LYS A 81 -1.08 8.27 2.87
CA LYS A 81 -1.29 8.30 1.41
C LYS A 81 -1.26 9.74 0.84
N GLU A 82 -1.31 10.76 1.70
CA GLU A 82 -1.16 12.18 1.33
C GLU A 82 0.32 12.63 1.19
N LYS A 83 1.28 11.93 1.82
CA LYS A 83 2.70 12.38 1.92
C LYS A 83 3.74 11.43 1.28
N LEU A 84 3.35 10.22 0.89
CA LEU A 84 4.22 9.21 0.25
C LEU A 84 4.69 9.58 -1.16
N LEU A 85 3.92 10.41 -1.86
CA LEU A 85 4.09 10.75 -3.27
C LEU A 85 5.30 11.67 -3.55
N ASP A 86 6.50 11.19 -3.23
CA ASP A 86 7.79 11.90 -3.34
C ASP A 86 9.03 10.99 -3.25
N GLU A 87 8.94 9.86 -2.53
CA GLU A 87 10.11 9.02 -2.17
C GLU A 87 10.52 7.98 -3.24
N MET A 88 9.76 7.86 -4.34
CA MET A 88 9.93 6.89 -5.43
C MET A 88 9.08 7.32 -6.65
N GLN A 89 9.27 6.66 -7.81
CA GLN A 89 8.63 7.05 -9.08
C GLN A 89 8.23 5.84 -9.96
N ASP A 90 8.12 4.66 -9.36
CA ASP A 90 7.74 3.42 -10.05
C ASP A 90 6.55 2.75 -9.36
N VAL A 91 6.79 2.03 -8.26
CA VAL A 91 5.79 1.39 -7.37
C VAL A 91 4.80 2.40 -6.79
N TYR A 92 5.18 3.68 -6.75
CA TYR A 92 4.38 4.81 -6.29
C TYR A 92 3.21 5.18 -7.22
N ASN A 93 3.26 4.76 -8.49
CA ASN A 93 2.33 5.24 -9.52
C ASN A 93 0.85 4.87 -9.27
N LYS A 94 0.56 3.86 -8.43
CA LYS A 94 -0.81 3.52 -8.00
C LYS A 94 -1.29 4.34 -6.78
N ILE A 95 -0.35 4.83 -5.94
CA ILE A 95 -0.62 5.49 -4.64
C ILE A 95 -1.27 6.87 -4.84
N SER A 96 -1.09 7.49 -6.00
CA SER A 96 -1.65 8.81 -6.34
C SER A 96 -3.19 8.81 -6.30
N GLN A 97 -3.83 7.73 -6.77
CA GLN A 97 -5.29 7.57 -6.75
C GLN A 97 -5.75 6.63 -5.63
N ALA A 98 -5.03 5.52 -5.38
CA ALA A 98 -5.23 4.58 -4.26
C ALA A 98 -6.54 3.74 -4.30
N GLU A 99 -7.33 3.85 -5.37
CA GLU A 99 -8.60 3.15 -5.59
C GLU A 99 -8.43 1.78 -6.29
N ASN A 100 -7.19 1.28 -6.39
CA ASN A 100 -6.83 0.01 -7.03
C ASN A 100 -7.51 -1.19 -6.33
N SER A 101 -8.10 -2.11 -7.10
CA SER A 101 -8.94 -3.20 -6.58
C SER A 101 -8.25 -4.57 -6.45
N ASP A 102 -6.92 -4.68 -6.63
CA ASP A 102 -6.22 -5.98 -6.69
C ASP A 102 -4.75 -5.98 -6.22
N ASP A 103 -4.03 -4.85 -6.28
CA ASP A 103 -2.59 -4.77 -5.97
C ASP A 103 -2.26 -4.39 -4.52
N TRP A 104 -3.25 -3.96 -3.71
CA TRP A 104 -3.01 -3.56 -2.31
C TRP A 104 -2.41 -4.68 -1.44
N LEU A 105 -2.74 -5.96 -1.70
CA LEU A 105 -2.08 -7.11 -1.09
C LEU A 105 -0.61 -7.20 -1.54
N THR A 106 -0.37 -7.29 -2.85
CA THR A 106 0.96 -7.55 -3.45
C THR A 106 1.95 -6.45 -3.14
N ILE A 107 1.52 -5.19 -3.15
CA ILE A 107 2.36 -4.02 -2.85
C ILE A 107 2.77 -3.98 -1.36
N SER A 108 1.90 -4.44 -0.45
CA SER A 108 2.19 -4.45 0.98
C SER A 108 3.22 -5.53 1.38
N ASN A 109 3.45 -6.53 0.51
CA ASN A 109 4.50 -7.53 0.70
C ASN A 109 5.92 -7.00 0.38
N GLU A 110 6.03 -5.85 -0.31
CA GLU A 110 7.32 -5.17 -0.54
C GLU A 110 7.46 -3.83 0.21
N PHE A 111 6.35 -3.18 0.59
CA PHE A 111 6.39 -1.90 1.31
C PHE A 111 6.91 -2.03 2.74
N ASP A 112 6.95 -3.25 3.28
CA ASP A 112 7.61 -3.61 4.53
C ASP A 112 9.06 -3.08 4.59
N LEU A 113 9.74 -3.09 3.43
CA LEU A 113 11.10 -2.65 3.22
C LEU A 113 11.20 -1.24 2.62
N ILE A 114 10.26 -0.86 1.74
CA ILE A 114 10.24 0.48 1.08
C ILE A 114 9.88 1.58 2.07
N SER A 115 8.71 1.47 2.71
CA SER A 115 8.19 2.47 3.66
C SER A 115 7.08 1.94 4.58
N ARG A 116 7.33 1.96 5.89
CA ARG A 116 6.32 1.65 6.91
C ARG A 116 5.13 2.63 6.87
N LEU A 117 5.30 3.86 6.35
CA LEU A 117 4.22 4.85 6.24
C LEU A 117 3.09 4.39 5.33
N LEU A 118 3.36 3.57 4.32
CA LEU A 118 2.32 2.95 3.47
C LEU A 118 1.47 1.94 4.25
N VAL A 119 2.08 1.15 5.14
CA VAL A 119 1.36 0.26 6.06
C VAL A 119 0.47 1.07 7.01
N ARG A 120 0.95 2.24 7.47
CA ARG A 120 0.13 3.14 8.26
C ARG A 120 -0.99 3.79 7.45
N ALA A 121 -0.77 4.07 6.15
CA ALA A 121 -1.73 4.76 5.29
C ALA A 121 -3.02 3.95 5.12
N GLN A 122 -2.88 2.64 4.92
CA GLN A 122 -4.01 1.71 4.77
C GLN A 122 -4.68 1.30 6.09
N GLN A 123 -4.07 1.59 7.24
CA GLN A 123 -4.62 1.24 8.57
C GLN A 123 -5.24 2.44 9.31
N GLN A 124 -4.73 3.67 9.12
CA GLN A 124 -5.22 4.90 9.78
C GLN A 124 -5.20 4.77 11.32
N ASN A 125 -4.12 4.21 11.86
CA ASN A 125 -3.95 3.82 13.26
C ASN A 125 -3.72 4.99 14.25
N TRP A 126 -4.30 6.17 13.98
CA TRP A 126 -4.06 7.43 14.68
C TRP A 126 -4.68 7.52 16.09
N GLY A 127 -5.68 6.68 16.39
CA GLY A 127 -6.36 6.61 17.69
C GLY A 127 -7.40 7.71 17.95
N THR A 128 -7.81 8.43 16.90
CA THR A 128 -8.72 9.60 16.94
C THR A 128 -9.32 9.91 15.56
N SER A 1 22.22 -136.78 2.16
CA SER A 1 23.61 -136.64 1.68
C SER A 1 24.22 -135.31 2.13
N GLU A 2 25.55 -135.16 2.02
CA GLU A 2 26.33 -133.99 2.47
C GLU A 2 27.71 -133.98 1.78
N SER A 3 28.20 -132.81 1.41
CA SER A 3 29.49 -132.60 0.73
C SER A 3 29.97 -131.13 0.88
N GLU A 4 31.23 -130.85 0.51
CA GLU A 4 31.92 -129.59 0.73
C GLU A 4 33.13 -129.42 -0.23
N LEU A 5 33.59 -128.17 -0.39
CA LEU A 5 34.71 -127.77 -1.25
C LEU A 5 35.33 -126.47 -0.72
N ASP A 6 36.67 -126.37 -0.75
CA ASP A 6 37.45 -125.24 -0.22
C ASP A 6 38.85 -125.20 -0.85
N GLN A 7 39.37 -123.99 -1.07
CA GLN A 7 40.70 -123.73 -1.65
C GLN A 7 41.31 -122.36 -1.29
N GLU A 8 40.65 -121.53 -0.48
CA GLU A 8 41.08 -120.17 -0.13
C GLU A 8 40.29 -119.63 1.08
N SER A 9 40.97 -118.94 2.00
CA SER A 9 40.42 -118.55 3.31
C SER A 9 41.12 -117.32 3.94
N ASP A 10 41.76 -116.48 3.12
CA ASP A 10 42.59 -115.34 3.56
C ASP A 10 42.64 -114.22 2.49
N ASP A 11 42.76 -112.98 2.94
CA ASP A 11 42.75 -111.75 2.12
C ASP A 11 43.41 -110.57 2.88
N SER A 12 43.88 -109.56 2.17
CA SER A 12 44.69 -108.44 2.69
C SER A 12 44.47 -107.13 1.91
N PHE A 13 44.86 -106.01 2.52
CA PHE A 13 44.83 -104.65 1.95
C PHE A 13 46.02 -103.83 2.46
N PHE A 14 46.41 -102.80 1.70
CA PHE A 14 47.67 -102.05 1.90
C PHE A 14 47.51 -100.52 1.79
N ASN A 15 46.27 -100.02 1.92
CA ASN A 15 45.92 -98.59 1.85
C ASN A 15 44.59 -98.30 2.58
N GLU A 16 44.26 -97.01 2.73
CA GLU A 16 43.01 -96.51 3.30
C GLU A 16 42.64 -95.19 2.59
N SER A 17 42.19 -95.32 1.34
CA SER A 17 41.99 -94.21 0.40
C SER A 17 41.13 -94.63 -0.81
N GLU A 18 40.27 -93.72 -1.29
CA GLU A 18 39.27 -93.98 -2.32
C GLU A 18 39.82 -93.87 -3.76
N SER A 19 40.99 -93.24 -3.94
CA SER A 19 41.64 -92.93 -5.23
C SER A 19 43.08 -92.41 -5.01
N GLU A 20 43.76 -92.00 -6.08
CA GLU A 20 45.12 -91.45 -6.09
C GLU A 20 45.18 -90.24 -7.04
N SER A 21 45.73 -89.13 -6.56
CA SER A 21 45.78 -87.82 -7.25
C SER A 21 46.76 -86.85 -6.55
N GLU A 22 46.81 -85.59 -6.98
CA GLU A 22 47.65 -84.52 -6.44
C GLU A 22 47.01 -83.14 -6.71
N ALA A 23 47.19 -82.21 -5.78
CA ALA A 23 46.56 -80.88 -5.80
C ALA A 23 47.37 -79.83 -6.59
N ASP A 24 46.67 -78.85 -7.16
CA ASP A 24 47.21 -77.69 -7.88
C ASP A 24 46.17 -76.56 -7.96
N VAL A 25 46.63 -75.31 -8.08
CA VAL A 25 45.86 -74.06 -7.99
C VAL A 25 46.56 -72.92 -8.74
N ASP A 26 45.77 -71.97 -9.24
CA ASP A 26 46.22 -70.78 -9.96
C ASP A 26 45.13 -69.68 -9.96
N SER A 27 45.53 -68.43 -9.74
CA SER A 27 44.65 -67.26 -9.67
C SER A 27 45.45 -65.94 -9.76
N ASP A 28 44.81 -64.85 -10.20
CA ASP A 28 45.39 -63.52 -10.43
C ASP A 28 44.30 -62.45 -10.52
N ASP A 29 44.60 -61.22 -10.07
CA ASP A 29 43.69 -60.07 -10.04
C ASP A 29 44.47 -58.75 -9.97
N SER A 30 44.04 -57.74 -10.73
CA SER A 30 44.64 -56.40 -10.84
C SER A 30 43.68 -55.41 -11.53
N ASP A 31 44.05 -54.13 -11.58
CA ASP A 31 43.26 -53.06 -12.21
C ASP A 31 43.34 -53.10 -13.74
N ALA A 32 42.20 -53.43 -14.38
CA ALA A 32 42.03 -53.60 -15.83
C ALA A 32 40.55 -53.62 -16.22
N LYS A 33 40.25 -53.42 -17.51
CA LYS A 33 38.90 -53.44 -18.10
C LYS A 33 38.88 -54.15 -19.47
N PRO A 34 37.78 -54.86 -19.82
CA PRO A 34 37.65 -55.56 -21.10
C PRO A 34 37.31 -54.62 -22.27
N TYR A 35 36.79 -53.41 -22.01
CA TYR A 35 36.33 -52.44 -23.01
C TYR A 35 36.53 -50.98 -22.55
N GLY A 36 36.54 -50.05 -23.51
CA GLY A 36 36.60 -48.60 -23.30
C GLY A 36 36.25 -47.80 -24.56
N PRO A 37 36.21 -46.45 -24.49
CA PRO A 37 35.90 -45.57 -25.62
C PRO A 37 36.89 -45.74 -26.78
N ASP A 38 36.38 -45.70 -28.01
CA ASP A 38 37.19 -45.72 -29.24
C ASP A 38 37.88 -44.37 -29.53
N TRP A 39 37.36 -43.29 -28.94
CA TRP A 39 37.86 -41.91 -29.02
C TRP A 39 37.24 -41.01 -27.92
N PHE A 40 37.91 -39.91 -27.60
CA PHE A 40 37.54 -38.91 -26.60
C PHE A 40 38.38 -37.63 -26.74
N LYS A 41 38.03 -36.59 -25.98
CA LYS A 41 38.75 -35.31 -25.93
C LYS A 41 38.64 -34.62 -24.55
N LYS A 42 39.63 -33.78 -24.21
CA LYS A 42 39.77 -33.14 -22.89
C LYS A 42 39.91 -31.60 -22.96
N SER A 43 39.72 -31.01 -24.14
CA SER A 43 39.72 -29.56 -24.37
C SER A 43 38.36 -28.91 -24.01
N GLU A 44 38.24 -27.59 -24.20
CA GLU A 44 37.04 -26.80 -23.91
C GLU A 44 36.84 -25.70 -24.97
N PHE A 45 35.59 -25.47 -25.36
CA PHE A 45 35.18 -24.62 -26.48
C PHE A 45 33.72 -24.17 -26.34
N ARG A 46 33.39 -23.02 -26.96
CA ARG A 46 32.08 -22.35 -26.87
C ARG A 46 31.90 -21.28 -27.95
N LYS A 47 30.64 -21.03 -28.32
CA LYS A 47 30.23 -20.01 -29.31
C LYS A 47 29.98 -18.62 -28.65
N GLN A 48 29.78 -17.59 -29.48
CA GLN A 48 29.48 -16.22 -29.04
C GLN A 48 28.74 -15.43 -30.14
N GLY A 49 29.36 -15.30 -31.32
CA GLY A 49 28.90 -14.40 -32.39
C GLY A 49 29.35 -12.95 -32.17
N GLY A 50 28.72 -12.02 -32.90
CA GLY A 50 29.01 -10.58 -32.83
C GLY A 50 28.40 -9.91 -31.60
N GLY A 51 29.01 -8.79 -31.17
CA GLY A 51 28.59 -7.99 -30.01
C GLY A 51 27.43 -7.04 -30.34
N SER A 52 26.21 -7.57 -30.41
CA SER A 52 24.98 -6.83 -30.72
C SER A 52 23.71 -7.58 -30.28
N ASN A 53 22.56 -6.91 -30.33
CA ASN A 53 21.24 -7.46 -30.00
C ASN A 53 20.14 -6.72 -30.80
N LYS A 54 19.31 -7.47 -31.53
CA LYS A 54 18.33 -6.94 -32.49
C LYS A 54 16.97 -6.64 -31.82
N PHE A 55 16.19 -5.75 -32.45
CA PHE A 55 14.86 -5.28 -32.04
C PHE A 55 14.87 -4.48 -30.72
N LEU A 56 13.69 -4.06 -30.26
CA LEU A 56 13.49 -3.30 -29.02
C LEU A 56 12.11 -3.62 -28.44
N LYS A 57 12.04 -4.71 -27.66
CA LYS A 57 10.83 -5.29 -27.07
C LYS A 57 11.18 -6.31 -25.96
N SER A 58 10.26 -6.53 -25.01
CA SER A 58 10.44 -7.41 -23.83
C SER A 58 9.09 -7.69 -23.15
N SER A 59 9.11 -8.39 -22.00
CA SER A 59 7.95 -8.75 -21.19
C SER A 59 8.37 -9.04 -19.74
N ASN A 60 7.50 -8.76 -18.76
CA ASN A 60 7.78 -8.87 -17.33
C ASN A 60 7.56 -10.29 -16.78
N TYR A 61 8.44 -10.72 -15.87
CA TYR A 61 8.41 -12.02 -15.19
C TYR A 61 8.98 -11.90 -13.75
N ASP A 62 8.39 -12.63 -12.80
CA ASP A 62 8.74 -12.53 -11.37
C ASP A 62 10.13 -13.13 -11.03
N SER A 63 10.61 -14.08 -11.83
CA SER A 63 11.96 -14.68 -11.76
C SER A 63 12.24 -15.47 -10.45
N SER A 64 11.20 -15.80 -9.69
CA SER A 64 11.26 -16.41 -8.35
C SER A 64 9.93 -17.12 -7.99
N ASP A 65 9.69 -17.40 -6.70
CA ASP A 65 8.52 -18.08 -6.16
C ASP A 65 8.24 -17.63 -4.71
N GLU A 66 6.97 -17.34 -4.41
CA GLU A 66 6.49 -16.80 -3.13
C GLU A 66 4.96 -16.94 -3.04
N GLU A 67 4.41 -17.04 -1.82
CA GLU A 67 2.98 -17.24 -1.56
C GLU A 67 2.58 -16.71 -0.17
N SER A 68 1.50 -15.93 -0.10
CA SER A 68 1.00 -15.26 1.10
C SER A 68 -0.48 -14.86 0.95
N ASP A 69 -1.16 -14.58 2.07
CA ASP A 69 -2.60 -14.24 2.12
C ASP A 69 -2.94 -13.45 3.40
N GLU A 70 -3.44 -12.23 3.23
CA GLU A 70 -3.86 -11.28 4.27
C GLU A 70 -4.95 -10.35 3.69
N GLU A 71 -5.52 -9.45 4.51
CA GLU A 71 -6.46 -8.41 4.06
C GLU A 71 -5.79 -7.40 3.12
N ASP A 72 -6.48 -7.01 2.06
CA ASP A 72 -6.05 -6.01 1.05
C ASP A 72 -6.18 -4.55 1.56
N GLY A 73 -6.00 -4.34 2.86
CA GLY A 73 -6.29 -3.10 3.59
C GLY A 73 -7.71 -3.07 4.14
N LYS A 74 -8.09 -1.92 4.73
CA LYS A 74 -9.38 -1.67 5.38
C LYS A 74 -10.05 -0.36 4.90
N LYS A 75 -9.25 0.69 4.61
CA LYS A 75 -9.72 2.01 4.14
C LYS A 75 -8.56 2.87 3.59
N VAL A 76 -8.85 3.78 2.65
CA VAL A 76 -7.86 4.68 2.00
C VAL A 76 -8.39 6.11 1.93
N VAL A 77 -7.56 7.06 2.37
CA VAL A 77 -7.91 8.48 2.61
C VAL A 77 -6.61 9.30 2.46
N LYS A 78 -6.71 10.57 2.03
CA LYS A 78 -5.60 11.53 1.96
C LYS A 78 -4.98 11.79 3.36
N SER A 79 -3.94 11.03 3.69
CA SER A 79 -3.26 11.00 4.99
C SER A 79 -1.80 10.54 4.82
N ALA A 80 -1.38 9.41 5.41
CA ALA A 80 -0.09 8.78 5.14
C ALA A 80 0.07 8.41 3.65
N LYS A 81 -1.03 8.09 2.94
CA LYS A 81 -1.06 7.92 1.47
C LYS A 81 -0.58 9.16 0.71
N GLU A 82 -0.79 10.35 1.28
CA GLU A 82 -0.47 11.62 0.64
C GLU A 82 0.98 12.04 0.96
N LYS A 83 1.44 11.81 2.19
CA LYS A 83 2.85 12.00 2.59
C LYS A 83 3.82 11.03 1.88
N LEU A 84 3.30 9.90 1.37
CA LEU A 84 4.00 8.90 0.57
C LEU A 84 4.43 9.39 -0.81
N LEU A 85 3.73 10.36 -1.39
CA LEU A 85 3.86 10.77 -2.80
C LEU A 85 5.03 11.74 -3.06
N ASP A 86 6.24 11.30 -2.71
CA ASP A 86 7.51 12.02 -2.92
C ASP A 86 8.78 11.13 -2.90
N GLU A 87 8.70 9.87 -2.44
CA GLU A 87 9.88 9.02 -2.16
C GLU A 87 10.44 8.25 -3.37
N MET A 88 9.70 8.18 -4.49
CA MET A 88 9.96 7.33 -5.66
C MET A 88 9.02 7.72 -6.83
N GLN A 89 9.11 7.05 -7.97
CA GLN A 89 8.35 7.39 -9.19
C GLN A 89 7.69 6.17 -9.88
N ASP A 90 7.92 4.93 -9.37
CA ASP A 90 7.51 3.69 -10.07
C ASP A 90 6.53 2.85 -9.24
N VAL A 91 6.96 2.33 -8.08
CA VAL A 91 6.08 1.70 -7.07
C VAL A 91 5.10 2.72 -6.44
N TYR A 92 5.35 4.01 -6.67
CA TYR A 92 4.52 5.14 -6.23
C TYR A 92 3.39 5.49 -7.22
N ASN A 93 3.51 5.07 -8.49
CA ASN A 93 2.66 5.54 -9.59
C ASN A 93 1.18 5.18 -9.42
N LYS A 94 0.87 4.10 -8.69
CA LYS A 94 -0.49 3.68 -8.33
C LYS A 94 -1.04 4.38 -7.07
N ILE A 95 -0.17 4.86 -6.17
CA ILE A 95 -0.56 5.51 -4.90
C ILE A 95 -1.23 6.88 -5.19
N SER A 96 -0.92 7.49 -6.34
CA SER A 96 -1.61 8.66 -6.88
C SER A 96 -3.07 8.41 -7.33
N GLN A 97 -3.53 7.15 -7.33
CA GLN A 97 -4.89 6.74 -7.70
C GLN A 97 -5.59 6.04 -6.52
N ALA A 98 -4.92 5.06 -5.89
CA ALA A 98 -5.28 4.40 -4.62
C ALA A 98 -6.60 3.60 -4.59
N GLU A 99 -7.36 3.57 -5.68
CA GLU A 99 -8.60 2.82 -5.86
C GLU A 99 -8.34 1.34 -6.25
N ASN A 100 -7.06 0.95 -6.32
CA ASN A 100 -6.57 -0.29 -6.87
C ASN A 100 -6.67 -1.46 -5.85
N SER A 101 -7.89 -1.83 -5.46
CA SER A 101 -8.18 -2.80 -4.39
C SER A 101 -7.61 -4.22 -4.59
N ASP A 102 -7.24 -4.59 -5.82
CA ASP A 102 -6.59 -5.87 -6.14
C ASP A 102 -5.05 -5.85 -5.97
N ASP A 103 -4.45 -4.65 -5.89
CA ASP A 103 -3.00 -4.42 -5.77
C ASP A 103 -2.54 -4.17 -4.33
N TRP A 104 -3.41 -3.66 -3.45
CA TRP A 104 -3.04 -3.22 -2.10
C TRP A 104 -2.44 -4.29 -1.19
N LEU A 105 -2.78 -5.57 -1.38
CA LEU A 105 -2.10 -6.70 -0.72
C LEU A 105 -0.71 -6.91 -1.31
N THR A 106 -0.60 -7.07 -2.63
CA THR A 106 0.64 -7.38 -3.35
C THR A 106 1.71 -6.31 -3.16
N ILE A 107 1.31 -5.02 -3.15
CA ILE A 107 2.23 -3.91 -2.91
C ILE A 107 2.73 -3.87 -1.46
N SER A 108 1.91 -4.27 -0.49
CA SER A 108 2.28 -4.35 0.92
C SER A 108 3.38 -5.40 1.18
N ASN A 109 3.46 -6.43 0.34
CA ASN A 109 4.53 -7.44 0.38
C ASN A 109 5.89 -6.88 -0.10
N GLU A 110 5.91 -5.73 -0.79
CA GLU A 110 7.12 -4.99 -1.15
C GLU A 110 7.42 -3.88 -0.13
N PHE A 111 6.38 -3.18 0.32
CA PHE A 111 6.49 -1.95 1.12
C PHE A 111 7.04 -2.16 2.53
N ASP A 112 7.03 -3.41 3.00
CA ASP A 112 7.69 -3.90 4.21
C ASP A 112 9.13 -3.38 4.38
N LEU A 113 9.83 -3.21 3.25
CA LEU A 113 11.23 -2.79 3.17
C LEU A 113 11.43 -1.37 2.59
N ILE A 114 10.37 -0.77 2.04
CA ILE A 114 10.39 0.54 1.36
C ILE A 114 9.94 1.66 2.29
N SER A 115 8.74 1.55 2.87
CA SER A 115 8.16 2.57 3.74
C SER A 115 7.13 2.01 4.74
N ARG A 116 7.43 2.12 6.03
CA ARG A 116 6.61 1.62 7.15
C ARG A 116 5.34 2.42 7.42
N LEU A 117 5.10 3.54 6.72
CA LEU A 117 3.83 4.30 6.77
C LEU A 117 2.85 3.98 5.63
N LEU A 118 3.25 3.29 4.56
CA LEU A 118 2.34 2.85 3.50
C LEU A 118 1.29 1.88 4.05
N VAL A 119 1.72 0.88 4.84
CA VAL A 119 0.81 -0.06 5.52
C VAL A 119 -0.19 0.66 6.43
N ARG A 120 0.23 1.78 7.02
CA ARG A 120 -0.63 2.56 7.92
C ARG A 120 -1.71 3.31 7.15
N ALA A 121 -1.42 3.75 5.92
CA ALA A 121 -2.37 4.49 5.06
C ALA A 121 -3.56 3.64 4.61
N GLN A 122 -3.35 2.33 4.45
CA GLN A 122 -4.40 1.37 4.05
C GLN A 122 -5.12 0.71 5.23
N GLN A 123 -4.57 0.76 6.46
CA GLN A 123 -5.21 0.19 7.66
C GLN A 123 -5.85 1.25 8.56
N GLN A 124 -5.16 2.38 8.78
CA GLN A 124 -5.62 3.57 9.50
C GLN A 124 -6.07 3.28 10.94
N ASN A 125 -5.14 2.78 11.76
CA ASN A 125 -5.37 2.44 13.18
C ASN A 125 -5.74 3.63 14.08
N TRP A 126 -5.63 4.86 13.58
CA TRP A 126 -6.11 6.10 14.21
C TRP A 126 -7.64 6.30 14.08
N GLY A 127 -8.25 5.66 13.07
CA GLY A 127 -9.69 5.64 12.78
C GLY A 127 -10.14 6.83 11.96
N THR A 128 -9.75 8.04 12.37
CA THR A 128 -10.13 9.35 11.79
C THR A 128 -9.01 10.39 11.96
N SER A 1 -126.79 133.42 -26.18
CA SER A 1 -125.43 132.87 -26.00
C SER A 1 -124.82 132.50 -27.35
N GLU A 2 -123.65 133.05 -27.66
CA GLU A 2 -122.97 132.90 -28.97
C GLU A 2 -121.47 132.58 -28.76
N SER A 3 -120.89 131.78 -29.65
CA SER A 3 -119.49 131.34 -29.65
C SER A 3 -119.11 130.70 -31.00
N GLU A 4 -117.82 130.72 -31.35
CA GLU A 4 -117.26 130.18 -32.60
C GLU A 4 -115.88 129.56 -32.35
N LEU A 5 -115.56 128.49 -33.08
CA LEU A 5 -114.30 127.72 -32.99
C LEU A 5 -113.85 127.26 -34.39
N ASP A 6 -112.54 127.29 -34.64
CA ASP A 6 -111.93 126.85 -35.90
C ASP A 6 -111.71 125.31 -35.97
N GLN A 7 -111.77 124.63 -34.82
CA GLN A 7 -111.55 123.19 -34.65
C GLN A 7 -112.17 122.74 -33.31
N GLU A 8 -112.76 121.54 -33.28
CA GLU A 8 -113.50 121.00 -32.12
C GLU A 8 -112.58 120.32 -31.07
N SER A 9 -111.26 120.49 -31.18
CA SER A 9 -110.23 119.89 -30.33
C SER A 9 -108.87 120.61 -30.49
N ASP A 10 -107.90 120.28 -29.64
CA ASP A 10 -106.57 120.90 -29.55
C ASP A 10 -105.51 119.92 -29.00
N ASP A 11 -105.75 118.61 -29.16
CA ASP A 11 -104.93 117.51 -28.61
C ASP A 11 -105.07 116.23 -29.45
N SER A 12 -104.03 115.39 -29.47
CA SER A 12 -103.93 114.17 -30.28
C SER A 12 -102.83 113.22 -29.74
N PHE A 13 -102.89 111.94 -30.11
CA PHE A 13 -102.02 110.86 -29.64
C PHE A 13 -101.97 109.69 -30.63
N PHE A 14 -100.84 108.97 -30.66
CA PHE A 14 -100.58 107.81 -31.51
C PHE A 14 -99.45 106.94 -30.92
N ASN A 15 -99.50 105.63 -31.19
CA ASN A 15 -98.51 104.63 -30.76
C ASN A 15 -98.54 103.38 -31.66
N GLU A 16 -97.36 102.81 -31.94
CA GLU A 16 -97.16 101.65 -32.81
C GLU A 16 -95.74 101.07 -32.59
N SER A 17 -95.59 99.75 -32.75
CA SER A 17 -94.31 99.04 -32.59
C SER A 17 -93.26 99.43 -33.66
N GLU A 18 -91.97 99.29 -33.33
CA GLU A 18 -90.82 99.68 -34.17
C GLU A 18 -89.55 98.90 -33.78
N SER A 19 -88.64 98.71 -34.74
CA SER A 19 -87.37 97.97 -34.55
C SER A 19 -86.12 98.88 -34.56
N GLU A 20 -86.31 100.21 -34.64
CA GLU A 20 -85.22 101.20 -34.73
C GLU A 20 -84.43 101.36 -33.40
N SER A 21 -84.85 100.68 -32.33
CA SER A 21 -84.10 100.53 -31.08
C SER A 21 -82.89 99.56 -31.19
N GLU A 22 -82.79 98.83 -32.31
CA GLU A 22 -81.68 97.96 -32.74
C GLU A 22 -81.72 96.55 -32.12
N ALA A 23 -81.26 95.55 -32.87
CA ALA A 23 -81.17 94.14 -32.50
C ALA A 23 -80.01 93.44 -33.22
N ASP A 24 -79.58 92.28 -32.71
CA ASP A 24 -78.39 91.54 -33.17
C ASP A 24 -78.46 90.04 -32.79
N VAL A 25 -77.61 89.22 -33.39
CA VAL A 25 -77.55 87.75 -33.25
C VAL A 25 -76.18 87.24 -33.72
N ASP A 26 -75.65 86.20 -33.04
CA ASP A 26 -74.31 85.66 -33.25
C ASP A 26 -74.20 84.20 -32.76
N SER A 27 -73.33 83.41 -33.37
CA SER A 27 -73.15 81.97 -33.12
C SER A 27 -71.80 81.44 -33.66
N ASP A 28 -71.34 80.29 -33.14
CA ASP A 28 -70.04 79.68 -33.46
C ASP A 28 -70.07 78.17 -33.19
N ASP A 29 -69.60 77.38 -34.16
CA ASP A 29 -69.47 75.91 -34.05
C ASP A 29 -68.22 75.47 -33.23
N SER A 30 -67.30 76.41 -32.97
CA SER A 30 -66.07 76.27 -32.15
C SER A 30 -64.94 75.46 -32.81
N ASP A 31 -63.73 75.52 -32.24
CA ASP A 31 -62.53 74.81 -32.70
C ASP A 31 -61.52 74.63 -31.54
N ALA A 32 -61.05 73.39 -31.35
CA ALA A 32 -60.14 72.98 -30.28
C ALA A 32 -59.57 71.56 -30.55
N LYS A 33 -58.45 71.22 -29.91
CA LYS A 33 -57.87 69.86 -29.97
C LYS A 33 -58.77 68.81 -29.28
N PRO A 34 -58.77 67.54 -29.76
CA PRO A 34 -59.51 66.45 -29.12
C PRO A 34 -58.87 65.98 -27.80
N TYR A 35 -57.56 66.23 -27.62
CA TYR A 35 -56.76 65.92 -26.42
C TYR A 35 -55.40 66.65 -26.46
N GLY A 36 -54.73 66.77 -25.32
CA GLY A 36 -53.36 67.32 -25.21
C GLY A 36 -52.32 66.24 -25.55
N PRO A 37 -51.51 66.39 -26.63
CA PRO A 37 -50.57 65.36 -27.08
C PRO A 37 -49.44 65.10 -26.08
N ASP A 38 -49.03 63.84 -25.95
CA ASP A 38 -47.88 63.37 -25.17
C ASP A 38 -47.44 61.95 -25.60
N TRP A 39 -46.25 61.51 -25.15
CA TRP A 39 -45.64 60.24 -25.57
C TRP A 39 -46.44 59.00 -25.13
N PHE A 40 -46.40 57.95 -25.96
CA PHE A 40 -47.16 56.71 -25.76
C PHE A 40 -46.54 55.71 -24.77
N LYS A 41 -45.28 55.92 -24.35
CA LYS A 41 -44.60 55.20 -23.26
C LYS A 41 -44.43 53.68 -23.57
N LYS A 42 -44.04 53.38 -24.82
CA LYS A 42 -43.86 52.02 -25.35
C LYS A 42 -42.76 51.21 -24.62
N SER A 43 -42.78 49.88 -24.80
CA SER A 43 -41.87 48.92 -24.16
C SER A 43 -41.44 47.80 -25.14
N GLU A 44 -40.28 47.20 -24.88
CA GLU A 44 -39.68 46.12 -25.67
C GLU A 44 -39.98 44.72 -25.07
N PHE A 45 -39.54 43.66 -25.78
CA PHE A 45 -39.77 42.26 -25.44
C PHE A 45 -38.47 41.45 -25.53
N ARG A 46 -38.38 40.36 -24.75
CA ARG A 46 -37.21 39.47 -24.70
C ARG A 46 -36.97 38.74 -26.03
N LYS A 47 -35.70 38.46 -26.33
CA LYS A 47 -35.22 37.90 -27.60
C LYS A 47 -33.81 37.27 -27.49
N GLN A 48 -33.38 36.53 -28.51
CA GLN A 48 -32.09 35.84 -28.61
C GLN A 48 -31.75 35.52 -30.07
N GLY A 49 -30.49 35.16 -30.36
CA GLY A 49 -29.97 34.82 -31.69
C GLY A 49 -30.34 33.40 -32.15
N GLY A 50 -31.60 33.00 -31.96
CA GLY A 50 -32.11 31.65 -32.25
C GLY A 50 -31.86 30.66 -31.11
N GLY A 51 -32.28 29.41 -31.32
CA GLY A 51 -32.10 28.29 -30.37
C GLY A 51 -30.72 27.63 -30.47
N SER A 52 -30.35 26.88 -29.44
CA SER A 52 -29.05 26.21 -29.30
C SER A 52 -29.08 25.14 -28.18
N ASN A 53 -28.05 24.29 -28.12
CA ASN A 53 -27.90 23.19 -27.15
C ASN A 53 -26.44 22.70 -27.03
N LYS A 54 -26.12 22.05 -25.91
CA LYS A 54 -24.81 21.47 -25.59
C LYS A 54 -24.97 20.17 -24.77
N PHE A 55 -24.11 19.17 -25.02
CA PHE A 55 -24.14 17.84 -24.40
C PHE A 55 -22.72 17.26 -24.24
N LEU A 56 -22.56 16.37 -23.25
CA LEU A 56 -21.30 15.67 -22.93
C LEU A 56 -21.65 14.40 -22.13
N LYS A 57 -21.79 13.28 -22.85
CA LYS A 57 -22.15 11.98 -22.27
C LYS A 57 -20.96 11.32 -21.54
N SER A 58 -21.18 10.84 -20.31
CA SER A 58 -20.17 10.16 -19.49
C SER A 58 -19.82 8.76 -20.05
N SER A 59 -18.58 8.30 -19.83
CA SER A 59 -18.12 6.95 -20.20
C SER A 59 -18.58 5.86 -19.21
N ASN A 60 -18.67 4.61 -19.68
CA ASN A 60 -19.06 3.45 -18.87
C ASN A 60 -17.92 2.93 -17.97
N TYR A 61 -18.28 2.16 -16.93
CA TYR A 61 -17.36 1.59 -15.93
C TYR A 61 -17.97 0.38 -15.20
N ASP A 62 -17.11 -0.54 -14.75
CA ASP A 62 -17.43 -1.67 -13.87
C ASP A 62 -16.17 -2.11 -13.11
N SER A 63 -16.33 -2.52 -11.85
CA SER A 63 -15.23 -2.81 -10.92
C SER A 63 -14.37 -4.03 -11.33
N SER A 64 -13.05 -3.96 -11.15
CA SER A 64 -12.08 -5.00 -11.55
C SER A 64 -12.01 -6.21 -10.59
N ASP A 65 -12.74 -6.17 -9.47
CA ASP A 65 -12.75 -7.19 -8.42
C ASP A 65 -13.36 -8.53 -8.89
N GLU A 66 -12.67 -9.62 -8.58
CA GLU A 66 -13.07 -11.00 -8.93
C GLU A 66 -12.80 -12.01 -7.78
N GLU A 67 -12.40 -11.51 -6.61
CA GLU A 67 -12.07 -12.25 -5.38
C GLU A 67 -12.43 -11.41 -4.14
N SER A 68 -12.50 -12.02 -2.96
CA SER A 68 -13.00 -11.42 -1.72
C SER A 68 -12.18 -10.19 -1.24
N ASP A 69 -12.86 -9.08 -0.94
CA ASP A 69 -12.25 -7.80 -0.56
C ASP A 69 -11.63 -7.79 0.86
N GLU A 70 -12.04 -8.73 1.72
CA GLU A 70 -11.63 -8.84 3.12
C GLU A 70 -10.15 -9.20 3.35
N GLU A 71 -9.38 -9.39 2.26
CA GLU A 71 -7.94 -9.67 2.26
C GLU A 71 -7.17 -8.80 1.24
N ASP A 72 -7.75 -7.67 0.80
CA ASP A 72 -7.16 -6.72 -0.15
C ASP A 72 -7.48 -5.26 0.23
N GLY A 73 -8.72 -4.81 0.04
CA GLY A 73 -9.18 -3.45 0.36
C GLY A 73 -8.73 -2.38 -0.63
N LYS A 74 -9.43 -1.25 -0.64
CA LYS A 74 -9.09 -0.02 -1.40
C LYS A 74 -9.87 1.21 -0.90
N LYS A 75 -9.20 2.35 -0.78
CA LYS A 75 -9.72 3.62 -0.25
C LYS A 75 -8.92 4.81 -0.83
N VAL A 76 -9.56 5.95 -1.08
CA VAL A 76 -8.88 7.21 -1.45
C VAL A 76 -8.28 7.83 -0.18
N VAL A 77 -7.15 7.26 0.25
CA VAL A 77 -6.48 7.58 1.52
C VAL A 77 -5.86 8.99 1.52
N LYS A 78 -5.96 9.65 2.68
CA LYS A 78 -5.31 10.93 3.00
C LYS A 78 -4.75 10.82 4.43
N SER A 79 -3.46 10.51 4.54
CA SER A 79 -2.78 10.08 5.78
C SER A 79 -1.24 10.08 5.56
N ALA A 80 -0.50 9.13 6.15
CA ALA A 80 0.94 8.93 5.93
C ALA A 80 1.33 8.74 4.44
N LYS A 81 0.38 8.38 3.59
CA LYS A 81 0.53 8.36 2.12
C LYS A 81 0.84 9.75 1.53
N GLU A 82 0.32 10.83 2.13
CA GLU A 82 0.57 12.22 1.69
C GLU A 82 2.02 12.66 1.98
N LYS A 83 2.75 11.94 2.86
CA LYS A 83 4.18 12.13 3.15
C LYS A 83 5.09 11.18 2.35
N LEU A 84 4.52 10.44 1.37
CA LEU A 84 5.17 9.33 0.66
C LEU A 84 5.01 9.40 -0.87
N LEU A 85 4.01 10.11 -1.41
CA LEU A 85 3.94 10.39 -2.85
C LEU A 85 5.20 11.19 -3.28
N ASP A 86 5.71 10.91 -4.49
CA ASP A 86 6.90 11.52 -5.12
C ASP A 86 8.26 11.13 -4.48
N GLU A 87 8.28 10.27 -3.45
CA GLU A 87 9.50 9.74 -2.83
C GLU A 87 10.23 8.68 -3.70
N MET A 88 9.64 8.34 -4.84
CA MET A 88 9.97 7.27 -5.80
C MET A 88 9.12 7.48 -7.07
N GLN A 89 9.39 6.76 -8.16
CA GLN A 89 8.80 7.02 -9.49
C GLN A 89 8.41 5.75 -10.26
N ASP A 90 8.16 4.66 -9.55
CA ASP A 90 7.63 3.40 -10.10
C ASP A 90 6.47 2.88 -9.22
N VAL A 91 6.78 2.38 -8.03
CA VAL A 91 5.83 1.79 -7.06
C VAL A 91 4.83 2.82 -6.51
N TYR A 92 5.15 4.11 -6.59
CA TYR A 92 4.27 5.18 -6.12
C TYR A 92 3.14 5.53 -7.11
N ASN A 93 3.28 5.19 -8.40
CA ASN A 93 2.39 5.70 -9.45
C ASN A 93 0.90 5.28 -9.30
N LYS A 94 0.61 4.19 -8.57
CA LYS A 94 -0.76 3.79 -8.20
C LYS A 94 -1.31 4.57 -6.99
N ILE A 95 -0.45 5.00 -6.08
CA ILE A 95 -0.79 5.56 -4.76
C ILE A 95 -1.47 6.94 -4.90
N SER A 96 -1.22 7.65 -6.00
CA SER A 96 -1.93 8.88 -6.37
C SER A 96 -3.44 8.67 -6.65
N GLN A 97 -3.86 7.43 -6.93
CA GLN A 97 -5.25 7.07 -7.23
C GLN A 97 -5.87 6.23 -6.08
N ALA A 98 -5.16 5.18 -5.64
CA ALA A 98 -5.44 4.38 -4.43
C ALA A 98 -6.74 3.52 -4.45
N GLU A 99 -7.48 3.52 -5.56
CA GLU A 99 -8.69 2.72 -5.77
C GLU A 99 -8.41 1.34 -6.41
N ASN A 100 -7.13 0.97 -6.59
CA ASN A 100 -6.69 -0.19 -7.36
C ASN A 100 -6.92 -1.51 -6.61
N SER A 101 -7.76 -2.39 -7.15
CA SER A 101 -8.04 -3.73 -6.61
C SER A 101 -6.94 -4.75 -6.90
N ASP A 102 -6.73 -5.69 -5.98
CA ASP A 102 -5.70 -6.76 -5.94
C ASP A 102 -4.27 -6.23 -5.69
N ASP A 103 -3.98 -4.99 -6.11
CA ASP A 103 -2.69 -4.32 -5.94
C ASP A 103 -2.38 -4.00 -4.47
N TRP A 104 -3.36 -3.54 -3.67
CA TRP A 104 -3.13 -3.17 -2.27
C TRP A 104 -2.61 -4.33 -1.40
N LEU A 105 -2.95 -5.59 -1.72
CA LEU A 105 -2.33 -6.76 -1.10
C LEU A 105 -0.87 -6.89 -1.54
N THR A 106 -0.61 -7.01 -2.85
CA THR A 106 0.72 -7.30 -3.43
C THR A 106 1.73 -6.20 -3.12
N ILE A 107 1.32 -4.92 -3.13
CA ILE A 107 2.18 -3.78 -2.83
C ILE A 107 2.59 -3.74 -1.36
N SER A 108 1.71 -4.17 -0.45
CA SER A 108 1.99 -4.23 0.99
C SER A 108 3.09 -5.25 1.32
N ASN A 109 3.21 -6.30 0.48
CA ASN A 109 4.29 -7.29 0.60
C ASN A 109 5.67 -6.74 0.18
N GLU A 110 5.71 -5.59 -0.51
CA GLU A 110 6.95 -4.85 -0.83
C GLU A 110 7.20 -3.73 0.20
N PHE A 111 6.13 -3.03 0.61
CA PHE A 111 6.23 -1.86 1.47
C PHE A 111 6.64 -2.18 2.91
N ASP A 112 6.51 -3.45 3.31
CA ASP A 112 7.10 -4.00 4.53
C ASP A 112 8.60 -3.64 4.64
N LEU A 113 9.29 -3.62 3.50
CA LEU A 113 10.71 -3.35 3.35
C LEU A 113 11.00 -1.96 2.75
N ILE A 114 10.17 -1.44 1.84
CA ILE A 114 10.34 -0.09 1.25
C ILE A 114 10.05 1.01 2.29
N SER A 115 8.82 1.04 2.82
CA SER A 115 8.37 2.09 3.75
C SER A 115 7.19 1.71 4.64
N ARG A 116 7.42 1.78 5.97
CA ARG A 116 6.38 1.65 6.98
C ARG A 116 5.38 2.82 6.97
N LEU A 117 5.66 3.94 6.30
CA LEU A 117 4.67 5.03 6.12
C LEU A 117 3.46 4.55 5.30
N LEU A 118 3.67 3.73 4.27
CA LEU A 118 2.58 3.16 3.47
C LEU A 118 1.77 2.15 4.27
N VAL A 119 2.44 1.28 5.05
CA VAL A 119 1.78 0.36 6.01
C VAL A 119 0.90 1.14 6.99
N ARG A 120 1.40 2.28 7.49
CA ARG A 120 0.65 3.14 8.40
C ARG A 120 -0.46 3.92 7.69
N ALA A 121 -0.35 4.17 6.39
CA ALA A 121 -1.38 4.85 5.59
C ALA A 121 -2.61 3.98 5.33
N GLN A 122 -2.40 2.68 5.12
CA GLN A 122 -3.49 1.71 4.92
C GLN A 122 -4.10 1.21 6.24
N GLN A 123 -3.33 1.15 7.33
CA GLN A 123 -3.78 0.63 8.63
C GLN A 123 -4.29 1.74 9.58
N GLN A 124 -3.66 2.93 9.55
CA GLN A 124 -4.00 4.13 10.32
C GLN A 124 -4.00 3.86 11.85
N ASN A 125 -3.08 2.99 12.28
CA ASN A 125 -2.84 2.61 13.67
C ASN A 125 -1.63 3.40 14.23
N TRP A 126 -1.84 4.05 15.38
CA TRP A 126 -0.89 5.02 15.97
C TRP A 126 -0.71 4.86 17.50
N GLY A 127 -1.35 3.84 18.09
CA GLY A 127 -1.37 3.55 19.53
C GLY A 127 -2.44 4.33 20.31
N THR A 128 -3.34 5.03 19.61
CA THR A 128 -4.45 5.84 20.14
C THR A 128 -5.59 4.99 20.73
N SER A 1 74.22 11.54 118.08
CA SER A 1 73.77 12.54 117.10
C SER A 1 74.96 13.07 116.30
N GLU A 2 74.97 12.82 114.99
CA GLU A 2 76.07 13.11 114.05
C GLU A 2 75.60 12.96 112.60
N SER A 3 76.34 13.53 111.65
CA SER A 3 76.00 13.58 110.22
C SER A 3 77.22 13.96 109.34
N GLU A 4 77.07 13.89 108.02
CA GLU A 4 78.12 14.06 107.02
C GLU A 4 77.56 14.56 105.67
N LEU A 5 78.44 15.10 104.82
CA LEU A 5 78.12 15.74 103.53
C LEU A 5 79.35 15.78 102.60
N ASP A 6 79.14 16.23 101.36
CA ASP A 6 80.16 16.38 100.31
C ASP A 6 79.98 17.72 99.56
N GLN A 7 81.09 18.31 99.13
CA GLN A 7 81.14 19.63 98.48
C GLN A 7 81.06 19.54 96.93
N GLU A 8 80.80 18.37 96.37
CA GLU A 8 80.79 18.09 94.93
C GLU A 8 79.90 16.87 94.62
N SER A 9 79.10 16.96 93.56
CA SER A 9 78.18 15.92 93.06
C SER A 9 77.74 16.23 91.62
N ASP A 10 77.05 15.30 90.96
CA ASP A 10 76.65 15.35 89.55
C ASP A 10 75.49 14.41 89.21
N ASP A 11 74.72 14.76 88.16
CA ASP A 11 73.54 14.05 87.67
C ASP A 11 73.18 14.53 86.24
N SER A 12 72.60 13.66 85.41
CA SER A 12 72.25 13.95 84.01
C SER A 12 71.19 12.99 83.46
N PHE A 13 70.30 13.51 82.60
CA PHE A 13 69.19 12.79 81.96
C PHE A 13 68.65 13.59 80.76
N PHE A 14 68.04 12.90 79.79
CA PHE A 14 67.46 13.49 78.57
C PHE A 14 66.36 12.59 77.98
N ASN A 15 65.35 13.22 77.38
CA ASN A 15 64.24 12.60 76.65
C ASN A 15 63.56 13.61 75.70
N GLU A 16 63.11 13.14 74.53
CA GLU A 16 62.49 13.96 73.48
C GLU A 16 61.72 13.07 72.49
N SER A 17 60.67 13.60 71.88
CA SER A 17 59.70 12.88 71.03
C SER A 17 59.86 13.18 69.52
N GLU A 18 61.01 13.75 69.12
CA GLU A 18 61.30 14.23 67.77
C GLU A 18 62.82 14.24 67.53
N SER A 19 63.26 13.99 66.29
CA SER A 19 64.66 13.92 65.85
C SER A 19 64.77 14.01 64.33
N GLU A 20 65.99 14.22 63.81
CA GLU A 20 66.27 14.28 62.36
C GLU A 20 65.96 12.94 61.67
N SER A 21 65.30 13.00 60.51
CA SER A 21 64.79 11.85 59.75
C SER A 21 64.53 12.22 58.27
N GLU A 22 63.80 11.37 57.52
CA GLU A 22 63.54 11.50 56.09
C GLU A 22 62.22 10.80 55.68
N ALA A 23 61.72 11.14 54.49
CA ALA A 23 60.44 10.67 53.93
C ALA A 23 60.43 10.75 52.38
N ASP A 24 59.38 10.21 51.76
CA ASP A 24 59.22 10.09 50.31
C ASP A 24 57.73 10.04 49.89
N VAL A 25 57.46 10.27 48.60
CA VAL A 25 56.12 10.40 47.99
C VAL A 25 56.22 10.22 46.47
N ASP A 26 55.19 9.63 45.86
CA ASP A 26 55.17 9.24 44.43
C ASP A 26 53.74 9.25 43.86
N SER A 27 53.63 9.65 42.59
CA SER A 27 52.37 9.78 41.82
C SER A 27 52.68 9.92 40.31
N ASP A 28 51.64 10.02 39.47
CA ASP A 28 51.76 10.05 38.00
C ASP A 28 50.58 10.76 37.32
N ASP A 29 50.88 11.42 36.20
CA ASP A 29 49.96 12.21 35.36
C ASP A 29 50.61 12.50 33.99
N SER A 30 49.82 12.51 32.92
CA SER A 30 50.31 12.62 31.53
C SER A 30 49.20 13.01 30.52
N ASP A 31 49.60 13.42 29.31
CA ASP A 31 48.71 13.86 28.21
C ASP A 31 49.09 13.22 26.86
N ALA A 32 49.90 12.15 26.90
CA ALA A 32 50.45 11.43 25.74
C ALA A 32 50.93 10.01 26.15
N LYS A 33 51.06 9.12 25.17
CA LYS A 33 51.42 7.71 25.35
C LYS A 33 52.09 7.13 24.07
N PRO A 34 53.17 6.33 24.17
CA PRO A 34 53.94 5.88 23.01
C PRO A 34 53.23 4.80 22.17
N TYR A 35 52.32 4.02 22.77
CA TYR A 35 51.55 2.95 22.10
C TYR A 35 50.37 2.46 22.96
N GLY A 36 49.39 1.81 22.32
CA GLY A 36 48.27 1.09 22.97
C GLY A 36 47.91 -0.19 22.19
N PRO A 37 47.68 -1.34 22.86
CA PRO A 37 47.36 -2.61 22.21
C PRO A 37 45.88 -2.67 21.78
N ASP A 38 45.62 -3.31 20.64
CA ASP A 38 44.29 -3.55 20.06
C ASP A 38 44.32 -4.68 19.02
N TRP A 39 43.19 -5.37 18.85
CA TRP A 39 43.06 -6.57 18.01
C TRP A 39 43.19 -6.29 16.50
N PHE A 40 43.66 -7.27 15.73
CA PHE A 40 43.78 -7.21 14.28
C PHE A 40 42.52 -7.72 13.57
N LYS A 41 42.28 -7.24 12.34
CA LYS A 41 41.23 -7.70 11.40
C LYS A 41 39.77 -7.44 11.86
N LYS A 42 39.57 -6.64 12.91
CA LYS A 42 38.26 -6.31 13.52
C LYS A 42 37.52 -5.12 12.86
N SER A 43 38.11 -4.50 11.84
CA SER A 43 37.55 -3.34 11.12
C SER A 43 36.20 -3.65 10.43
N GLU A 44 35.34 -2.63 10.30
CA GLU A 44 34.00 -2.77 9.71
C GLU A 44 34.09 -3.04 8.19
N PHE A 45 33.33 -4.04 7.72
CA PHE A 45 33.28 -4.51 6.33
C PHE A 45 31.97 -5.26 6.04
N ARG A 46 31.56 -5.29 4.78
CA ARG A 46 30.26 -5.83 4.30
C ARG A 46 30.42 -6.61 3.00
N LYS A 47 29.69 -7.72 2.88
CA LYS A 47 29.63 -8.61 1.71
C LYS A 47 28.30 -9.40 1.67
N GLN A 48 27.80 -9.69 0.46
CA GLN A 48 26.58 -10.47 0.18
C GLN A 48 25.27 -9.81 0.68
N GLY A 49 25.32 -8.53 1.10
CA GLY A 49 24.17 -7.76 1.60
C GLY A 49 23.49 -6.91 0.52
N GLY A 50 22.58 -6.02 0.95
CA GLY A 50 21.85 -5.07 0.09
C GLY A 50 20.63 -5.67 -0.62
N GLY A 51 20.21 -6.88 -0.25
CA GLY A 51 19.07 -7.61 -0.83
C GLY A 51 18.68 -8.86 -0.03
N SER A 52 17.99 -9.78 -0.68
CA SER A 52 17.50 -11.04 -0.09
C SER A 52 17.19 -12.09 -1.18
N ASN A 53 17.13 -13.37 -0.80
CA ASN A 53 16.93 -14.52 -1.69
C ASN A 53 16.42 -15.75 -0.90
N LYS A 54 15.68 -16.65 -1.57
CA LYS A 54 15.04 -17.84 -0.98
C LYS A 54 15.51 -19.14 -1.66
N PHE A 55 15.32 -20.27 -0.96
CA PHE A 55 15.65 -21.64 -1.40
C PHE A 55 14.78 -22.65 -0.65
N LEU A 56 14.36 -23.72 -1.35
CA LEU A 56 13.45 -24.76 -0.84
C LEU A 56 12.12 -24.17 -0.33
N LYS A 57 11.61 -23.14 -1.03
CA LYS A 57 10.46 -22.33 -0.64
C LYS A 57 9.16 -23.16 -0.53
N SER A 58 8.34 -22.87 0.49
CA SER A 58 7.05 -23.53 0.77
C SER A 58 5.91 -22.51 0.89
N SER A 59 4.66 -22.97 0.96
CA SER A 59 3.45 -22.13 0.94
C SER A 59 2.39 -22.61 1.95
N ASN A 60 1.41 -21.74 2.27
CA ASN A 60 0.31 -22.04 3.20
C ASN A 60 -0.58 -23.21 2.74
N TYR A 61 -1.07 -24.00 3.71
CA TYR A 61 -1.92 -25.18 3.46
C TYR A 61 -3.38 -24.84 3.13
N ASP A 62 -3.88 -23.68 3.58
CA ASP A 62 -5.28 -23.24 3.50
C ASP A 62 -5.41 -21.72 3.71
N SER A 63 -6.53 -21.14 3.26
CA SER A 63 -6.90 -19.73 3.42
C SER A 63 -8.38 -19.49 3.04
N SER A 64 -8.99 -18.41 3.52
CA SER A 64 -10.40 -18.05 3.27
C SER A 64 -10.67 -16.57 3.62
N ASP A 65 -11.54 -15.92 2.85
CA ASP A 65 -12.01 -14.53 3.05
C ASP A 65 -13.30 -14.44 3.91
N GLU A 66 -13.83 -15.59 4.34
CA GLU A 66 -15.07 -15.68 5.13
C GLU A 66 -14.91 -15.14 6.56
N GLU A 67 -16.01 -14.65 7.14
CA GLU A 67 -16.15 -14.18 8.53
C GLU A 67 -15.45 -12.82 8.78
N SER A 68 -15.39 -11.95 7.76
CA SER A 68 -14.83 -10.59 7.84
C SER A 68 -15.50 -9.64 6.82
N ASP A 69 -15.46 -8.33 7.10
CA ASP A 69 -16.09 -7.26 6.31
C ASP A 69 -15.08 -6.51 5.40
N GLU A 70 -13.78 -6.76 5.55
CA GLU A 70 -12.70 -6.06 4.84
C GLU A 70 -11.37 -6.83 4.90
N GLU A 71 -10.56 -6.71 3.84
CA GLU A 71 -9.28 -7.39 3.63
C GLU A 71 -8.54 -6.73 2.44
N ASP A 72 -7.25 -7.02 2.28
CA ASP A 72 -6.36 -6.61 1.17
C ASP A 72 -5.86 -5.16 1.28
N GLY A 73 -6.28 -4.39 2.28
CA GLY A 73 -5.78 -3.03 2.57
C GLY A 73 -6.32 -1.95 1.63
N LYS A 74 -7.51 -2.17 1.05
CA LYS A 74 -8.07 -1.31 -0.02
C LYS A 74 -8.45 0.11 0.46
N LYS A 75 -8.70 0.28 1.76
CA LYS A 75 -9.24 1.53 2.35
C LYS A 75 -8.11 2.49 2.76
N VAL A 76 -8.17 3.75 2.30
CA VAL A 76 -7.22 4.83 2.63
C VAL A 76 -7.81 6.20 2.30
N VAL A 77 -7.61 7.18 3.19
CA VAL A 77 -8.10 8.56 3.09
C VAL A 77 -7.42 9.44 4.14
N LYS A 78 -7.01 10.65 3.74
CA LYS A 78 -6.47 11.73 4.61
C LYS A 78 -5.51 11.24 5.72
N SER A 79 -4.46 10.52 5.33
CA SER A 79 -3.53 9.82 6.23
C SER A 79 -2.09 9.82 5.69
N ALA A 80 -1.23 8.90 6.16
CA ALA A 80 0.18 8.77 5.81
C ALA A 80 0.46 8.68 4.30
N LYS A 81 -0.52 8.28 3.48
CA LYS A 81 -0.48 8.36 2.00
C LYS A 81 -0.01 9.76 1.52
N GLU A 82 -0.47 10.81 2.21
CA GLU A 82 -0.21 12.21 1.83
C GLU A 82 1.28 12.59 1.90
N LYS A 83 2.00 12.13 2.92
CA LYS A 83 3.45 12.36 3.08
C LYS A 83 4.33 11.28 2.43
N LEU A 84 3.77 10.09 2.18
CA LEU A 84 4.42 8.97 1.49
C LEU A 84 4.52 9.23 -0.03
N LEU A 85 3.61 10.01 -0.61
CA LEU A 85 3.60 10.45 -2.02
C LEU A 85 4.71 11.48 -2.38
N ASP A 86 5.93 11.22 -1.92
CA ASP A 86 7.15 12.01 -2.19
C ASP A 86 8.45 11.16 -2.13
N GLU A 87 8.38 9.87 -1.77
CA GLU A 87 9.54 9.03 -1.47
C GLU A 87 10.15 8.29 -2.69
N MET A 88 9.45 8.30 -3.85
CA MET A 88 9.73 7.50 -5.05
C MET A 88 8.85 7.98 -6.22
N GLN A 89 9.01 7.39 -7.42
CA GLN A 89 8.32 7.80 -8.64
C GLN A 89 7.73 6.60 -9.44
N ASP A 90 7.93 5.35 -8.99
CA ASP A 90 7.60 4.13 -9.77
C ASP A 90 6.58 3.23 -9.05
N VAL A 91 6.93 2.67 -7.89
CA VAL A 91 5.99 1.97 -6.98
C VAL A 91 4.97 2.95 -6.35
N TYR A 92 5.21 4.26 -6.51
CA TYR A 92 4.34 5.35 -6.08
C TYR A 92 3.25 5.72 -7.12
N ASN A 93 3.45 5.33 -8.39
CA ASN A 93 2.63 5.79 -9.53
C ASN A 93 1.16 5.33 -9.49
N LYS A 94 0.85 4.35 -8.64
CA LYS A 94 -0.52 3.87 -8.35
C LYS A 94 -1.12 4.50 -7.07
N ILE A 95 -0.28 4.95 -6.13
CA ILE A 95 -0.69 5.51 -4.82
C ILE A 95 -1.35 6.88 -5.01
N SER A 96 -1.04 7.59 -6.08
CA SER A 96 -1.69 8.84 -6.50
C SER A 96 -3.13 8.66 -7.02
N GLN A 97 -3.62 7.42 -7.12
CA GLN A 97 -4.99 7.06 -7.52
C GLN A 97 -5.65 6.17 -6.46
N ALA A 98 -4.97 5.12 -5.99
CA ALA A 98 -5.28 4.27 -4.84
C ALA A 98 -6.59 3.44 -4.92
N GLU A 99 -7.29 3.48 -6.06
CA GLU A 99 -8.52 2.74 -6.32
C GLU A 99 -8.28 1.26 -6.71
N ASN A 100 -7.00 0.88 -6.79
CA ASN A 100 -6.53 -0.40 -7.29
C ASN A 100 -6.76 -1.53 -6.26
N SER A 101 -7.97 -2.10 -6.25
CA SER A 101 -8.34 -3.26 -5.41
C SER A 101 -7.44 -4.49 -5.66
N ASP A 102 -7.19 -5.28 -4.61
CA ASP A 102 -6.36 -6.51 -4.56
C ASP A 102 -4.85 -6.25 -4.69
N ASP A 103 -4.46 -5.29 -5.53
CA ASP A 103 -3.08 -4.79 -5.65
C ASP A 103 -2.55 -4.18 -4.34
N TRP A 104 -3.43 -3.64 -3.49
CA TRP A 104 -3.05 -3.13 -2.17
C TRP A 104 -2.43 -4.20 -1.26
N LEU A 105 -2.74 -5.51 -1.44
CA LEU A 105 -2.02 -6.59 -0.77
C LEU A 105 -0.68 -6.86 -1.46
N THR A 106 -0.66 -6.97 -2.80
CA THR A 106 0.54 -7.30 -3.59
C THR A 106 1.64 -6.26 -3.42
N ILE A 107 1.29 -4.98 -3.34
CA ILE A 107 2.23 -3.87 -3.09
C ILE A 107 2.71 -3.85 -1.63
N SER A 108 1.87 -4.28 -0.69
CA SER A 108 2.24 -4.42 0.74
C SER A 108 3.30 -5.50 0.98
N ASN A 109 3.39 -6.50 0.09
CA ASN A 109 4.40 -7.56 0.18
C ASN A 109 5.83 -7.05 -0.10
N GLU A 110 5.99 -5.87 -0.73
CA GLU A 110 7.28 -5.18 -0.87
C GLU A 110 7.39 -3.93 0.01
N PHE A 111 6.27 -3.23 0.31
CA PHE A 111 6.29 -2.03 1.15
C PHE A 111 6.69 -2.28 2.60
N ASP A 112 6.60 -3.54 3.03
CA ASP A 112 7.15 -4.05 4.29
C ASP A 112 8.60 -3.60 4.56
N LEU A 113 9.37 -3.48 3.48
CA LEU A 113 10.80 -3.11 3.47
C LEU A 113 11.09 -1.75 2.82
N ILE A 114 10.18 -1.20 2.00
CA ILE A 114 10.33 0.13 1.37
C ILE A 114 9.97 1.24 2.35
N SER A 115 8.75 1.20 2.90
CA SER A 115 8.25 2.23 3.83
C SER A 115 7.06 1.77 4.69
N ARG A 116 7.24 1.85 6.01
CA ARG A 116 6.16 1.60 6.98
C ARG A 116 5.04 2.66 6.90
N LEU A 117 5.30 3.85 6.34
CA LEU A 117 4.28 4.90 6.18
C LEU A 117 3.14 4.46 5.25
N LEU A 118 3.46 3.71 4.19
CA LEU A 118 2.46 3.16 3.29
C LEU A 118 1.59 2.14 4.03
N VAL A 119 2.20 1.19 4.75
CA VAL A 119 1.50 0.19 5.58
C VAL A 119 0.58 0.85 6.61
N ARG A 120 1.02 1.97 7.21
CA ARG A 120 0.19 2.73 8.15
C ARG A 120 -0.99 3.43 7.47
N ALA A 121 -0.88 3.82 6.19
CA ALA A 121 -1.96 4.49 5.45
C ALA A 121 -3.11 3.52 5.13
N GLN A 122 -2.80 2.30 4.69
CA GLN A 122 -3.80 1.27 4.38
C GLN A 122 -4.39 0.58 5.63
N GLN A 123 -3.59 0.36 6.69
CA GLN A 123 -4.06 -0.35 7.89
C GLN A 123 -4.64 0.59 8.96
N GLN A 124 -4.33 1.89 8.89
CA GLN A 124 -4.94 2.97 9.67
C GLN A 124 -4.82 2.75 11.19
N ASN A 125 -3.57 2.59 11.66
CA ASN A 125 -3.22 2.27 13.05
C ASN A 125 -3.38 3.45 14.03
N TRP A 126 -4.27 4.39 13.73
CA TRP A 126 -4.44 5.69 14.41
C TRP A 126 -5.30 5.63 15.69
N GLY A 127 -6.05 4.53 15.89
CA GLY A 127 -6.96 4.34 17.04
C GLY A 127 -8.32 5.03 16.88
N THR A 128 -8.62 5.55 15.69
CA THR A 128 -9.86 6.28 15.34
C THR A 128 -11.10 5.39 15.23
N SER A 1 6.26 -69.04 -167.75
CA SER A 1 6.66 -68.50 -169.07
C SER A 1 7.07 -69.60 -170.02
N GLU A 2 6.57 -69.59 -171.26
CA GLU A 2 6.88 -70.55 -172.32
C GLU A 2 6.86 -69.82 -173.68
N SER A 3 7.95 -69.93 -174.44
CA SER A 3 8.18 -69.31 -175.77
C SER A 3 8.35 -67.77 -175.74
N GLU A 4 7.71 -67.09 -174.78
CA GLU A 4 7.64 -65.64 -174.63
C GLU A 4 7.26 -65.24 -173.18
N LEU A 5 7.41 -63.96 -172.86
CA LEU A 5 7.02 -63.35 -171.57
C LEU A 5 5.66 -62.64 -171.69
N ASP A 6 4.88 -62.66 -170.60
CA ASP A 6 3.51 -62.12 -170.55
C ASP A 6 3.06 -61.83 -169.11
N GLN A 7 2.29 -60.75 -168.92
CA GLN A 7 1.72 -60.31 -167.64
C GLN A 7 0.55 -59.34 -167.90
N GLU A 8 -0.57 -59.52 -167.20
CA GLU A 8 -1.81 -58.74 -167.35
C GLU A 8 -2.43 -58.39 -165.98
N SER A 9 -1.61 -58.30 -164.93
CA SER A 9 -2.03 -58.20 -163.54
C SER A 9 -0.92 -57.59 -162.64
N ASP A 10 -1.30 -57.12 -161.44
CA ASP A 10 -0.46 -56.33 -160.51
C ASP A 10 -0.82 -56.57 -159.03
N ASP A 11 -1.43 -57.72 -158.73
CA ASP A 11 -1.89 -58.11 -157.39
C ASP A 11 -0.74 -58.20 -156.35
N SER A 12 -1.01 -57.74 -155.13
CA SER A 12 -0.03 -57.61 -154.04
C SER A 12 -0.72 -57.44 -152.67
N PHE A 13 0.05 -57.26 -151.59
CA PHE A 13 -0.42 -57.19 -150.20
C PHE A 13 0.49 -56.32 -149.32
N PHE A 14 0.03 -56.02 -148.10
CA PHE A 14 0.67 -55.10 -147.15
C PHE A 14 0.20 -55.38 -145.71
N ASN A 15 0.83 -54.71 -144.73
CA ASN A 15 0.54 -54.83 -143.29
C ASN A 15 0.94 -53.56 -142.53
N GLU A 16 0.20 -53.22 -141.47
CA GLU A 16 0.37 -52.02 -140.64
C GLU A 16 -0.31 -52.22 -139.27
N SER A 17 0.33 -51.75 -138.20
CA SER A 17 -0.12 -51.96 -136.82
C SER A 17 -1.48 -51.29 -136.51
N GLU A 18 -2.39 -52.04 -135.88
CA GLU A 18 -3.74 -51.62 -135.50
C GLU A 18 -3.78 -50.87 -134.14
N SER A 19 -2.64 -50.68 -133.48
CA SER A 19 -2.49 -50.01 -132.18
C SER A 19 -2.44 -48.47 -132.27
N GLU A 20 -2.53 -47.90 -133.47
CA GLU A 20 -2.56 -46.45 -133.71
C GLU A 20 -3.87 -45.84 -133.20
N SER A 21 -3.77 -44.97 -132.19
CA SER A 21 -4.88 -44.31 -131.47
C SER A 21 -4.33 -43.22 -130.53
N GLU A 22 -5.18 -42.27 -130.11
CA GLU A 22 -4.85 -41.24 -129.13
C GLU A 22 -4.75 -41.80 -127.70
N ALA A 23 -3.80 -41.28 -126.91
CA ALA A 23 -3.48 -41.70 -125.55
C ALA A 23 -2.64 -40.64 -124.81
N ASP A 24 -2.67 -40.68 -123.48
CA ASP A 24 -1.96 -39.76 -122.57
C ASP A 24 -1.83 -40.36 -121.16
N VAL A 25 -0.94 -39.82 -120.33
CA VAL A 25 -0.60 -40.27 -118.97
C VAL A 25 -0.24 -39.08 -118.08
N ASP A 26 -0.70 -39.10 -116.83
CA ASP A 26 -0.56 -38.02 -115.83
C ASP A 26 -0.89 -38.53 -114.41
N SER A 27 -0.45 -37.80 -113.39
CA SER A 27 -0.65 -38.12 -111.97
C SER A 27 -0.45 -36.88 -111.08
N ASP A 28 -1.28 -36.72 -110.03
CA ASP A 28 -1.39 -35.51 -109.21
C ASP A 28 -2.10 -35.78 -107.86
N ASP A 29 -1.96 -34.83 -106.93
CA ASP A 29 -2.60 -34.83 -105.60
C ASP A 29 -2.70 -33.40 -105.06
N SER A 30 -3.85 -33.05 -104.46
CA SER A 30 -4.17 -31.69 -103.99
C SER A 30 -5.39 -31.67 -103.03
N ASP A 31 -5.61 -30.54 -102.35
CA ASP A 31 -6.68 -30.31 -101.37
C ASP A 31 -6.97 -28.80 -101.23
N ALA A 32 -8.22 -28.43 -100.93
CA ALA A 32 -8.70 -27.05 -100.85
C ALA A 32 -9.95 -26.92 -99.96
N LYS A 33 -10.22 -25.70 -99.48
CA LYS A 33 -11.31 -25.35 -98.56
C LYS A 33 -11.73 -23.87 -98.74
N PRO A 34 -13.04 -23.53 -98.78
CA PRO A 34 -13.52 -22.20 -99.15
C PRO A 34 -13.28 -21.10 -98.10
N TYR A 35 -12.99 -21.46 -96.84
CA TYR A 35 -12.71 -20.53 -95.74
C TYR A 35 -12.02 -21.22 -94.55
N GLY A 36 -11.20 -20.46 -93.81
CA GLY A 36 -10.53 -20.88 -92.57
C GLY A 36 -11.39 -20.66 -91.31
N PRO A 37 -10.82 -20.86 -90.10
CA PRO A 37 -11.53 -20.67 -88.83
C PRO A 37 -11.79 -19.17 -88.58
N ASP A 38 -13.01 -18.85 -88.13
CA ASP A 38 -13.49 -17.48 -87.91
C ASP A 38 -13.47 -17.06 -86.41
N TRP A 39 -13.01 -17.96 -85.52
CA TRP A 39 -12.98 -17.79 -84.07
C TRP A 39 -11.59 -18.09 -83.47
N PHE A 40 -11.34 -17.53 -82.28
CA PHE A 40 -10.11 -17.66 -81.49
C PHE A 40 -10.40 -17.35 -80.00
N LYS A 41 -9.40 -17.50 -79.12
CA LYS A 41 -9.54 -17.34 -77.67
C LYS A 41 -8.26 -16.84 -76.97
N LYS A 42 -8.43 -16.23 -75.80
CA LYS A 42 -7.37 -15.65 -74.95
C LYS A 42 -7.87 -15.51 -73.49
N SER A 43 -6.98 -15.67 -72.51
CA SER A 43 -7.34 -15.77 -71.07
C SER A 43 -6.29 -15.09 -70.17
N GLU A 44 -6.61 -14.92 -68.89
CA GLU A 44 -5.76 -14.27 -67.87
C GLU A 44 -6.15 -14.74 -66.45
N PHE A 45 -5.27 -14.48 -65.48
CA PHE A 45 -5.37 -14.99 -64.10
C PHE A 45 -6.37 -14.25 -63.20
N ARG A 46 -7.04 -13.21 -63.72
CA ARG A 46 -8.08 -12.44 -63.01
C ARG A 46 -9.42 -13.20 -63.03
N LYS A 47 -9.56 -14.16 -62.11
CA LYS A 47 -10.71 -15.10 -62.03
C LYS A 47 -11.59 -14.91 -60.77
N GLN A 48 -11.29 -13.90 -59.93
CA GLN A 48 -11.98 -13.64 -58.66
C GLN A 48 -13.30 -12.83 -58.80
N GLY A 49 -13.66 -12.37 -60.01
CA GLY A 49 -14.90 -11.64 -60.28
C GLY A 49 -14.85 -10.14 -60.00
N GLY A 50 -13.66 -9.56 -59.86
CA GLY A 50 -13.43 -8.13 -59.58
C GLY A 50 -13.29 -7.86 -58.09
N GLY A 51 -14.09 -6.91 -57.57
CA GLY A 51 -14.08 -6.49 -56.16
C GLY A 51 -14.84 -7.44 -55.22
N SER A 52 -15.05 -6.99 -53.98
CA SER A 52 -15.69 -7.75 -52.90
C SER A 52 -16.23 -6.81 -51.79
N ASN A 53 -17.05 -7.35 -50.88
CA ASN A 53 -17.74 -6.62 -49.80
C ASN A 53 -18.16 -7.57 -48.66
N LYS A 54 -18.07 -7.09 -47.42
CA LYS A 54 -18.44 -7.84 -46.20
C LYS A 54 -18.80 -6.88 -45.04
N PHE A 55 -19.87 -7.20 -44.31
CA PHE A 55 -20.35 -6.44 -43.15
C PHE A 55 -19.43 -6.58 -41.93
N LEU A 56 -19.33 -5.51 -41.11
CA LEU A 56 -18.44 -5.43 -39.94
C LEU A 56 -18.88 -4.40 -38.88
N LYS A 57 -20.15 -3.95 -38.94
CA LYS A 57 -20.67 -2.87 -38.08
C LYS A 57 -20.84 -3.26 -36.60
N SER A 58 -21.05 -4.55 -36.31
CA SER A 58 -21.24 -5.08 -34.94
C SER A 58 -19.93 -5.16 -34.13
N SER A 59 -20.02 -5.06 -32.81
CA SER A 59 -18.87 -5.07 -31.89
C SER A 59 -19.29 -5.48 -30.46
N ASN A 60 -18.33 -5.95 -29.64
CA ASN A 60 -18.57 -6.44 -28.29
C ASN A 60 -18.74 -5.30 -27.25
N TYR A 61 -19.64 -5.51 -26.29
CA TYR A 61 -19.83 -4.69 -25.08
C TYR A 61 -20.50 -5.52 -23.97
N ASP A 62 -19.99 -5.41 -22.73
CA ASP A 62 -20.42 -6.20 -21.58
C ASP A 62 -19.96 -5.56 -20.25
N SER A 63 -20.61 -5.96 -19.15
CA SER A 63 -20.35 -5.48 -17.77
C SER A 63 -20.96 -6.44 -16.73
N SER A 64 -20.46 -6.40 -15.49
CA SER A 64 -20.86 -7.30 -14.39
C SER A 64 -20.38 -6.80 -13.01
N ASP A 65 -20.90 -7.39 -11.93
CA ASP A 65 -20.57 -7.07 -10.53
C ASP A 65 -20.88 -8.28 -9.61
N GLU A 66 -19.95 -8.61 -8.71
CA GLU A 66 -19.99 -9.80 -7.85
C GLU A 66 -18.99 -9.66 -6.68
N GLU A 67 -19.33 -10.24 -5.53
CA GLU A 67 -18.51 -10.26 -4.30
C GLU A 67 -18.91 -11.45 -3.40
N SER A 68 -18.01 -11.89 -2.52
CA SER A 68 -18.23 -13.00 -1.58
C SER A 68 -17.17 -13.04 -0.45
N ASP A 69 -15.88 -12.94 -0.80
CA ASP A 69 -14.75 -13.01 0.13
C ASP A 69 -13.48 -12.38 -0.50
N GLU A 70 -12.70 -11.64 0.29
CA GLU A 70 -11.51 -10.88 -0.12
C GLU A 70 -10.70 -10.41 1.09
N GLU A 71 -9.41 -10.12 0.87
CA GLU A 71 -8.43 -9.71 1.90
C GLU A 71 -7.62 -8.46 1.47
N ASP A 72 -8.08 -7.74 0.44
CA ASP A 72 -7.39 -6.59 -0.15
C ASP A 72 -7.68 -5.28 0.61
N GLY A 73 -6.66 -4.76 1.30
CA GLY A 73 -6.75 -3.61 2.21
C GLY A 73 -6.63 -2.26 1.48
N LYS A 74 -7.57 -1.97 0.58
CA LYS A 74 -7.53 -0.77 -0.28
C LYS A 74 -7.99 0.55 0.38
N LYS A 75 -8.45 0.52 1.64
CA LYS A 75 -8.90 1.72 2.35
C LYS A 75 -7.78 2.79 2.46
N VAL A 76 -8.13 4.07 2.36
CA VAL A 76 -7.21 5.22 2.48
C VAL A 76 -7.94 6.43 3.06
N VAL A 77 -7.21 7.22 3.86
CA VAL A 77 -7.64 8.47 4.50
C VAL A 77 -6.44 9.42 4.51
N LYS A 78 -6.69 10.73 4.38
CA LYS A 78 -5.67 11.79 4.32
C LYS A 78 -4.70 11.76 5.53
N SER A 79 -3.55 11.10 5.32
CA SER A 79 -2.52 10.82 6.32
C SER A 79 -1.19 10.50 5.63
N ALA A 80 -0.64 9.29 5.76
CA ALA A 80 0.57 8.87 5.06
C ALA A 80 0.40 8.86 3.52
N LYS A 81 -0.80 8.56 3.00
CA LYS A 81 -1.12 8.63 1.56
C LYS A 81 -1.08 10.08 0.99
N GLU A 82 -0.96 11.09 1.87
CA GLU A 82 -0.79 12.50 1.48
C GLU A 82 0.70 12.92 1.37
N LYS A 83 1.64 12.12 1.89
CA LYS A 83 3.07 12.50 2.04
C LYS A 83 4.11 11.42 1.68
N LEU A 84 3.67 10.16 1.52
CA LEU A 84 4.45 9.02 1.02
C LEU A 84 4.66 9.10 -0.51
N LEU A 85 3.76 9.81 -1.21
CA LEU A 85 3.84 10.06 -2.65
C LEU A 85 5.11 10.83 -3.03
N ASP A 86 5.64 10.57 -4.23
CA ASP A 86 6.76 11.28 -4.89
C ASP A 86 8.16 11.04 -4.25
N GLU A 87 8.24 10.20 -3.22
CA GLU A 87 9.51 9.71 -2.63
C GLU A 87 10.26 8.70 -3.54
N MET A 88 9.65 8.37 -4.68
CA MET A 88 9.96 7.33 -5.67
C MET A 88 8.97 7.53 -6.84
N GLN A 89 9.25 7.00 -8.03
CA GLN A 89 8.46 7.30 -9.24
C GLN A 89 7.70 6.09 -9.81
N ASP A 90 8.04 4.87 -9.40
CA ASP A 90 7.54 3.63 -10.02
C ASP A 90 6.56 2.85 -9.13
N VAL A 91 6.93 2.56 -7.88
CA VAL A 91 6.06 1.90 -6.89
C VAL A 91 5.09 2.88 -6.22
N TYR A 92 5.28 4.20 -6.40
CA TYR A 92 4.29 5.20 -5.94
C TYR A 92 3.18 5.46 -6.98
N ASN A 93 3.40 5.09 -8.24
CA ASN A 93 2.59 5.49 -9.40
C ASN A 93 1.09 5.16 -9.31
N LYS A 94 0.71 4.16 -8.49
CA LYS A 94 -0.69 3.81 -8.18
C LYS A 94 -1.27 4.52 -6.93
N ILE A 95 -0.42 4.90 -5.97
CA ILE A 95 -0.78 5.38 -4.62
C ILE A 95 -1.47 6.75 -4.69
N SER A 96 -1.23 7.52 -5.74
CA SER A 96 -1.96 8.77 -6.05
C SER A 96 -3.46 8.51 -6.29
N GLN A 97 -3.80 7.44 -7.02
CA GLN A 97 -5.17 7.04 -7.35
C GLN A 97 -5.82 6.22 -6.21
N ALA A 98 -5.09 5.23 -5.68
CA ALA A 98 -5.41 4.40 -4.50
C ALA A 98 -6.69 3.53 -4.58
N GLU A 99 -7.41 3.54 -5.70
CA GLU A 99 -8.67 2.82 -5.90
C GLU A 99 -8.47 1.36 -6.35
N ASN A 100 -7.23 1.00 -6.73
CA ASN A 100 -6.88 -0.27 -7.38
C ASN A 100 -7.25 -1.51 -6.56
N SER A 101 -7.87 -2.51 -7.20
CA SER A 101 -8.19 -3.82 -6.59
C SER A 101 -7.02 -4.82 -6.69
N ASP A 102 -6.79 -5.56 -5.61
CA ASP A 102 -5.79 -6.65 -5.43
C ASP A 102 -4.33 -6.16 -5.38
N ASP A 103 -4.06 -4.97 -5.94
CA ASP A 103 -2.76 -4.32 -5.91
C ASP A 103 -2.37 -3.87 -4.50
N TRP A 104 -3.30 -3.42 -3.64
CA TRP A 104 -2.97 -3.02 -2.27
C TRP A 104 -2.45 -4.18 -1.42
N LEU A 105 -2.99 -5.40 -1.58
CA LEU A 105 -2.42 -6.61 -0.99
C LEU A 105 -1.02 -6.90 -1.57
N THR A 106 -0.87 -6.84 -2.90
CA THR A 106 0.37 -7.19 -3.61
C THR A 106 1.52 -6.21 -3.30
N ILE A 107 1.25 -4.92 -3.25
CA ILE A 107 2.23 -3.87 -2.95
C ILE A 107 2.67 -3.93 -1.48
N SER A 108 1.78 -4.33 -0.57
CA SER A 108 2.08 -4.50 0.86
C SER A 108 3.03 -5.68 1.14
N ASN A 109 3.16 -6.63 0.20
CA ASN A 109 4.14 -7.72 0.30
C ASN A 109 5.59 -7.24 0.03
N GLU A 110 5.79 -6.03 -0.52
CA GLU A 110 7.12 -5.42 -0.69
C GLU A 110 7.31 -4.11 0.09
N PHE A 111 6.24 -3.37 0.43
CA PHE A 111 6.35 -2.11 1.18
C PHE A 111 6.89 -2.26 2.59
N ASP A 112 6.84 -3.48 3.14
CA ASP A 112 7.47 -3.93 4.37
C ASP A 112 8.93 -3.46 4.53
N LEU A 113 9.64 -3.41 3.39
CA LEU A 113 11.07 -3.07 3.28
C LEU A 113 11.32 -1.72 2.56
N ILE A 114 10.32 -1.17 1.86
CA ILE A 114 10.41 0.13 1.16
C ILE A 114 10.11 1.28 2.13
N SER A 115 8.95 1.24 2.79
CA SER A 115 8.51 2.27 3.73
C SER A 115 7.41 1.80 4.68
N ARG A 116 7.65 1.96 6.00
CA ARG A 116 6.64 1.70 7.03
C ARG A 116 5.47 2.68 6.97
N LEU A 117 5.66 3.88 6.39
CA LEU A 117 4.62 4.93 6.31
C LEU A 117 3.41 4.47 5.48
N LEU A 118 3.64 3.78 4.36
CA LEU A 118 2.58 3.30 3.47
C LEU A 118 1.60 2.39 4.22
N VAL A 119 2.12 1.52 5.09
CA VAL A 119 1.34 0.60 5.94
C VAL A 119 0.34 1.37 6.81
N ARG A 120 0.69 2.58 7.28
CA ARG A 120 -0.16 3.38 8.16
C ARG A 120 -1.38 3.96 7.43
N ALA A 121 -1.27 4.26 6.13
CA ALA A 121 -2.42 4.73 5.33
C ALA A 121 -3.43 3.61 5.02
N GLN A 122 -2.97 2.36 4.85
CA GLN A 122 -3.85 1.23 4.56
C GLN A 122 -4.39 0.53 5.82
N GLN A 123 -3.70 0.61 6.97
CA GLN A 123 -4.13 -0.03 8.22
C GLN A 123 -4.83 0.97 9.16
N GLN A 124 -4.30 2.20 9.27
CA GLN A 124 -4.88 3.34 10.00
C GLN A 124 -4.96 3.16 11.52
N ASN A 125 -4.12 2.27 12.09
CA ASN A 125 -3.91 2.16 13.53
C ASN A 125 -2.82 3.16 13.98
N TRP A 126 -3.21 4.43 14.18
CA TRP A 126 -2.30 5.53 14.53
C TRP A 126 -2.00 5.65 16.03
N GLY A 127 -2.65 4.84 16.88
CA GLY A 127 -2.40 4.77 18.33
C GLY A 127 -3.04 5.90 19.15
N THR A 128 -3.93 6.69 18.55
CA THR A 128 -4.64 7.83 19.15
C THR A 128 -5.81 7.43 20.05
N SER A 1 -175.54 40.09 -43.28
CA SER A 1 -175.32 41.55 -43.39
C SER A 1 -173.92 41.91 -42.90
N GLU A 2 -173.06 42.38 -43.82
CA GLU A 2 -171.62 42.56 -43.60
C GLU A 2 -171.00 43.46 -44.69
N SER A 3 -169.80 44.00 -44.44
CA SER A 3 -169.03 44.85 -45.35
C SER A 3 -167.55 44.93 -44.91
N GLU A 4 -166.63 45.11 -45.86
CA GLU A 4 -165.18 45.11 -45.67
C GLU A 4 -164.49 46.07 -46.66
N LEU A 5 -163.43 46.75 -46.22
CA LEU A 5 -162.56 47.59 -47.05
C LEU A 5 -161.28 46.79 -47.38
N ASP A 6 -160.98 46.66 -48.67
CA ASP A 6 -159.91 45.79 -49.21
C ASP A 6 -159.53 46.18 -50.65
N GLN A 7 -158.28 45.93 -51.05
CA GLN A 7 -157.73 46.21 -52.38
C GLN A 7 -156.46 45.38 -52.63
N GLU A 8 -156.08 45.22 -53.90
CA GLU A 8 -154.87 44.49 -54.31
C GLU A 8 -153.61 45.33 -54.02
N SER A 9 -152.64 44.74 -53.32
CA SER A 9 -151.37 45.34 -52.87
C SER A 9 -150.40 44.26 -52.35
N ASP A 10 -149.09 44.56 -52.30
CA ASP A 10 -148.02 43.64 -51.93
C ASP A 10 -146.76 44.38 -51.44
N ASP A 11 -145.91 43.68 -50.68
CA ASP A 11 -144.68 44.18 -50.06
C ASP A 11 -143.73 43.01 -49.68
N SER A 12 -142.43 43.28 -49.57
CA SER A 12 -141.38 42.28 -49.30
C SER A 12 -140.09 42.94 -48.78
N PHE A 13 -139.26 42.16 -48.06
CA PHE A 13 -138.02 42.60 -47.42
C PHE A 13 -137.08 41.40 -47.15
N PHE A 14 -135.77 41.66 -47.16
CA PHE A 14 -134.70 40.70 -46.90
C PHE A 14 -133.40 41.41 -46.49
N ASN A 15 -132.55 40.72 -45.73
CA ASN A 15 -131.29 41.23 -45.18
C ASN A 15 -130.35 40.09 -44.75
N GLU A 16 -129.04 40.25 -44.94
CA GLU A 16 -127.99 39.27 -44.63
C GLU A 16 -126.70 39.98 -44.20
N SER A 17 -125.92 39.34 -43.33
CA SER A 17 -124.64 39.89 -42.82
C SER A 17 -123.50 39.64 -43.82
N GLU A 18 -123.48 40.43 -44.90
CA GLU A 18 -122.51 40.37 -46.01
C GLU A 18 -122.18 41.79 -46.50
N SER A 19 -120.92 42.02 -46.89
CA SER A 19 -120.40 43.31 -47.36
C SER A 19 -119.05 43.15 -48.10
N GLU A 20 -118.47 44.26 -48.58
CA GLU A 20 -117.18 44.31 -49.28
C GLU A 20 -116.00 44.14 -48.31
N SER A 21 -114.93 43.48 -48.75
CA SER A 21 -113.75 43.14 -47.94
C SER A 21 -112.48 42.95 -48.82
N GLU A 22 -111.32 42.71 -48.20
CA GLU A 22 -110.02 42.59 -48.85
C GLU A 22 -109.07 41.71 -48.02
N ALA A 23 -108.28 40.86 -48.68
CA ALA A 23 -107.36 39.90 -48.06
C ALA A 23 -106.01 40.54 -47.62
N ASP A 24 -105.20 39.76 -46.91
CA ASP A 24 -103.89 40.14 -46.37
C ASP A 24 -102.96 38.91 -46.21
N VAL A 25 -101.65 39.14 -46.10
CA VAL A 25 -100.59 38.11 -46.13
C VAL A 25 -99.27 38.69 -45.56
N ASP A 26 -98.47 37.82 -44.95
CA ASP A 26 -97.19 38.16 -44.28
C ASP A 26 -96.23 36.96 -44.30
N SER A 27 -94.91 37.23 -44.32
CA SER A 27 -93.85 36.24 -44.52
C SER A 27 -92.47 36.76 -44.05
N ASP A 28 -91.46 35.87 -44.03
CA ASP A 28 -90.10 36.13 -43.52
C ASP A 28 -89.07 35.20 -44.19
N ASP A 29 -87.82 35.67 -44.32
CA ASP A 29 -86.73 35.01 -45.05
C ASP A 29 -85.35 35.50 -44.57
N SER A 30 -84.34 34.62 -44.65
CA SER A 30 -82.99 34.82 -44.08
C SER A 30 -81.89 34.15 -44.94
N ASP A 31 -80.63 34.53 -44.72
CA ASP A 31 -79.45 34.02 -45.44
C ASP A 31 -78.22 33.97 -44.52
N ALA A 32 -77.42 32.91 -44.65
CA ALA A 32 -76.27 32.58 -43.79
C ALA A 32 -75.36 31.52 -44.44
N LYS A 33 -74.25 31.18 -43.80
CA LYS A 33 -73.30 30.14 -44.24
C LYS A 33 -74.00 28.76 -44.45
N PRO A 34 -73.68 28.00 -45.52
CA PRO A 34 -74.10 26.60 -45.72
C PRO A 34 -73.56 25.58 -44.68
N TYR A 35 -73.00 26.03 -43.57
CA TYR A 35 -72.24 25.27 -42.56
C TYR A 35 -72.06 26.09 -41.26
N GLY A 36 -71.37 25.54 -40.26
CA GLY A 36 -71.05 26.19 -38.97
C GLY A 36 -69.85 27.16 -39.06
N PRO A 37 -68.92 27.14 -38.09
CA PRO A 37 -67.66 27.88 -38.16
C PRO A 37 -66.82 27.51 -39.41
N ASP A 38 -65.99 28.45 -39.88
CA ASP A 38 -65.11 28.25 -41.04
C ASP A 38 -63.93 27.29 -40.78
N TRP A 39 -63.61 27.04 -39.51
CA TRP A 39 -62.56 26.14 -39.01
C TRP A 39 -62.71 25.86 -37.50
N PHE A 40 -61.86 24.98 -36.97
CA PHE A 40 -61.73 24.67 -35.55
C PHE A 40 -60.35 24.10 -35.22
N LYS A 41 -59.89 24.29 -33.98
CA LYS A 41 -58.58 23.82 -33.51
C LYS A 41 -58.61 22.34 -33.10
N LYS A 42 -57.64 21.55 -33.57
CA LYS A 42 -57.46 20.13 -33.26
C LYS A 42 -56.00 19.70 -33.56
N SER A 43 -55.26 19.28 -32.54
CA SER A 43 -53.81 19.03 -32.59
C SER A 43 -53.29 18.36 -31.29
N GLU A 44 -52.02 17.95 -31.27
CA GLU A 44 -51.34 17.32 -30.13
C GLU A 44 -49.81 17.47 -30.27
N PHE A 45 -49.09 17.28 -29.16
CA PHE A 45 -47.64 17.47 -29.05
C PHE A 45 -47.02 16.69 -27.87
N ARG A 46 -45.69 16.60 -27.83
CA ARG A 46 -44.91 15.87 -26.83
C ARG A 46 -43.47 16.42 -26.75
N LYS A 47 -42.85 16.33 -25.57
CA LYS A 47 -41.50 16.84 -25.26
C LYS A 47 -40.78 15.98 -24.20
N GLN A 48 -39.49 16.25 -23.98
CA GLN A 48 -38.65 15.53 -23.01
C GLN A 48 -39.12 15.79 -21.56
N GLY A 49 -39.22 14.73 -20.76
CA GLY A 49 -39.67 14.75 -19.36
C GLY A 49 -40.51 13.53 -18.95
N GLY A 50 -40.66 13.32 -17.63
CA GLY A 50 -41.41 12.20 -17.06
C GLY A 50 -40.68 10.85 -17.16
N GLY A 51 -41.44 9.75 -17.03
CA GLY A 51 -40.94 8.38 -17.16
C GLY A 51 -42.08 7.36 -17.30
N SER A 52 -41.87 6.34 -18.15
CA SER A 52 -42.87 5.31 -18.47
C SER A 52 -43.02 4.21 -17.40
N ASN A 53 -42.16 4.22 -16.37
CA ASN A 53 -42.18 3.31 -15.22
C ASN A 53 -41.51 3.98 -14.01
N LYS A 54 -42.05 3.78 -12.80
CA LYS A 54 -41.61 4.42 -11.56
C LYS A 54 -40.82 3.46 -10.66
N PHE A 55 -39.75 3.95 -10.04
CA PHE A 55 -38.86 3.16 -9.18
C PHE A 55 -39.51 2.83 -7.81
N LEU A 56 -39.15 1.68 -7.23
CA LEU A 56 -39.69 1.17 -5.96
C LEU A 56 -38.73 0.13 -5.38
N LYS A 57 -37.81 0.57 -4.51
CA LYS A 57 -36.81 -0.30 -3.86
C LYS A 57 -37.42 -1.38 -2.94
N SER A 58 -38.69 -1.23 -2.55
CA SER A 58 -39.47 -2.23 -1.80
C SER A 58 -39.76 -3.52 -2.60
N SER A 59 -39.57 -3.50 -3.93
CA SER A 59 -39.63 -4.70 -4.79
C SER A 59 -38.34 -5.55 -4.75
N ASN A 60 -37.37 -5.20 -3.90
CA ASN A 60 -36.05 -5.83 -3.75
C ASN A 60 -35.69 -6.04 -2.26
N TYR A 61 -34.65 -6.82 -1.99
CA TYR A 61 -34.18 -7.17 -0.63
C TYR A 61 -32.69 -7.55 -0.57
N ASP A 62 -32.21 -8.35 -1.53
CA ASP A 62 -30.82 -8.84 -1.62
C ASP A 62 -30.49 -9.32 -3.04
N SER A 63 -29.20 -9.30 -3.36
CA SER A 63 -28.61 -9.71 -4.65
C SER A 63 -27.15 -10.21 -4.53
N SER A 64 -26.60 -10.32 -3.31
CA SER A 64 -25.21 -10.74 -3.07
C SER A 64 -24.99 -12.26 -3.14
N ASP A 65 -23.76 -12.68 -3.43
CA ASP A 65 -23.32 -14.08 -3.55
C ASP A 65 -21.80 -14.19 -3.34
N GLU A 66 -21.34 -15.30 -2.74
CA GLU A 66 -19.96 -15.50 -2.27
C GLU A 66 -19.65 -16.99 -2.09
N GLU A 67 -18.47 -17.42 -2.50
CA GLU A 67 -18.03 -18.83 -2.54
C GLU A 67 -16.60 -19.06 -1.98
N SER A 68 -15.96 -18.01 -1.45
CA SER A 68 -14.56 -18.02 -0.96
C SER A 68 -14.30 -16.80 -0.04
N ASP A 69 -13.06 -16.65 0.44
CA ASP A 69 -12.63 -15.63 1.41
C ASP A 69 -11.15 -15.28 1.25
N GLU A 70 -10.84 -13.98 1.18
CA GLU A 70 -9.51 -13.38 0.96
C GLU A 70 -9.42 -12.01 1.65
N GLU A 71 -8.22 -11.43 1.72
CA GLU A 71 -7.95 -10.14 2.36
C GLU A 71 -6.99 -9.31 1.49
N ASP A 72 -7.37 -8.06 1.20
CA ASP A 72 -6.76 -7.12 0.24
C ASP A 72 -7.35 -5.71 0.41
N GLY A 73 -6.84 -4.74 -0.36
CA GLY A 73 -7.36 -3.36 -0.38
C GLY A 73 -8.61 -3.26 -1.25
N LYS A 74 -9.60 -2.51 -0.74
CA LYS A 74 -10.96 -2.44 -1.30
C LYS A 74 -11.56 -1.02 -1.35
N LYS A 75 -10.76 0.00 -0.98
CA LYS A 75 -11.18 1.40 -0.80
C LYS A 75 -9.99 2.39 -0.81
N VAL A 76 -10.27 3.67 -1.02
CA VAL A 76 -9.31 4.78 -0.86
C VAL A 76 -9.03 5.07 0.62
N VAL A 77 -7.88 5.70 0.90
CA VAL A 77 -7.41 6.08 2.24
C VAL A 77 -6.71 7.44 2.20
N LYS A 78 -6.70 8.14 3.34
CA LYS A 78 -6.05 9.45 3.54
C LYS A 78 -5.45 9.54 4.95
N SER A 79 -4.14 9.75 5.06
CA SER A 79 -3.33 9.81 6.29
C SER A 79 -1.83 9.93 5.95
N ALA A 80 -1.07 8.82 5.99
CA ALA A 80 0.35 8.77 5.64
C ALA A 80 0.61 8.70 4.13
N LYS A 81 -0.38 8.28 3.33
CA LYS A 81 -0.32 8.28 1.86
C LYS A 81 0.07 9.67 1.30
N GLU A 82 -0.48 10.72 1.90
CA GLU A 82 -0.27 12.13 1.55
C GLU A 82 1.16 12.65 1.87
N LYS A 83 1.93 11.94 2.71
CA LYS A 83 3.35 12.23 3.01
C LYS A 83 4.31 11.28 2.28
N LEU A 84 3.82 10.10 1.90
CA LEU A 84 4.55 8.99 1.26
C LEU A 84 4.64 9.15 -0.27
N LEU A 85 3.60 9.72 -0.90
CA LEU A 85 3.53 10.01 -2.31
C LEU A 85 4.68 10.95 -2.75
N ASP A 86 5.27 10.65 -3.91
CA ASP A 86 6.27 11.45 -4.64
C ASP A 86 7.72 11.32 -4.12
N GLU A 87 7.96 10.47 -3.10
CA GLU A 87 9.31 10.13 -2.61
C GLU A 87 10.06 9.13 -3.54
N MET A 88 9.45 8.74 -4.66
CA MET A 88 9.83 7.70 -5.63
C MET A 88 8.90 7.82 -6.85
N GLN A 89 9.27 7.26 -8.00
CA GLN A 89 8.54 7.43 -9.28
C GLN A 89 7.93 6.12 -9.82
N ASP A 90 8.32 4.96 -9.28
CA ASP A 90 7.98 3.64 -9.86
C ASP A 90 6.97 2.85 -9.01
N VAL A 91 7.22 2.70 -7.71
CA VAL A 91 6.32 2.04 -6.74
C VAL A 91 5.30 3.01 -6.12
N TYR A 92 5.39 4.31 -6.46
CA TYR A 92 4.38 5.32 -6.11
C TYR A 92 3.26 5.44 -7.17
N ASN A 93 3.47 4.86 -8.35
CA ASN A 93 2.66 5.10 -9.54
C ASN A 93 1.16 4.75 -9.41
N LYS A 94 0.79 3.85 -8.48
CA LYS A 94 -0.62 3.60 -8.11
C LYS A 94 -1.16 4.44 -6.93
N ILE A 95 -0.26 4.98 -6.09
CA ILE A 95 -0.59 5.60 -4.80
C ILE A 95 -1.32 6.93 -4.99
N SER A 96 -1.11 7.59 -6.14
CA SER A 96 -1.84 8.78 -6.60
C SER A 96 -3.29 8.48 -7.05
N GLN A 97 -3.68 7.20 -7.15
CA GLN A 97 -5.01 6.75 -7.55
C GLN A 97 -5.70 6.06 -6.36
N ALA A 98 -5.11 4.97 -5.85
CA ALA A 98 -5.47 4.25 -4.61
C ALA A 98 -6.86 3.59 -4.58
N GLU A 99 -7.64 3.68 -5.66
CA GLU A 99 -8.99 3.11 -5.81
C GLU A 99 -8.98 1.60 -6.12
N ASN A 100 -7.80 1.00 -6.27
CA ASN A 100 -7.60 -0.36 -6.76
C ASN A 100 -8.18 -1.44 -5.83
N SER A 101 -8.52 -2.60 -6.39
CA SER A 101 -9.28 -3.68 -5.73
C SER A 101 -8.49 -4.98 -5.46
N ASP A 102 -7.16 -4.99 -5.67
CA ASP A 102 -6.31 -6.18 -5.51
C ASP A 102 -4.83 -5.86 -5.25
N ASP A 103 -4.21 -4.98 -6.03
CA ASP A 103 -2.76 -4.70 -6.00
C ASP A 103 -2.24 -4.05 -4.71
N TRP A 104 -3.14 -3.51 -3.88
CA TRP A 104 -2.85 -3.04 -2.52
C TRP A 104 -2.29 -4.17 -1.63
N LEU A 105 -2.67 -5.43 -1.87
CA LEU A 105 -2.05 -6.60 -1.23
C LEU A 105 -0.61 -6.79 -1.73
N THR A 106 -0.44 -6.87 -3.06
CA THR A 106 0.85 -7.12 -3.71
C THR A 106 1.89 -6.07 -3.33
N ILE A 107 1.50 -4.80 -3.27
CA ILE A 107 2.41 -3.69 -2.92
C ILE A 107 2.77 -3.68 -1.43
N SER A 108 1.89 -4.14 -0.54
CA SER A 108 2.18 -4.24 0.90
C SER A 108 3.30 -5.24 1.21
N ASN A 109 3.52 -6.23 0.33
CA ASN A 109 4.62 -7.19 0.45
C ASN A 109 6.00 -6.57 0.11
N GLU A 110 6.01 -5.42 -0.56
CA GLU A 110 7.23 -4.64 -0.88
C GLU A 110 7.43 -3.54 0.18
N PHE A 111 6.35 -2.84 0.55
CA PHE A 111 6.38 -1.75 1.51
C PHE A 111 6.68 -2.20 2.94
N ASP A 112 6.59 -3.50 3.20
CA ASP A 112 7.07 -4.15 4.41
C ASP A 112 8.55 -3.78 4.71
N LEU A 113 9.32 -3.56 3.63
CA LEU A 113 10.75 -3.26 3.64
C LEU A 113 11.10 -1.88 3.04
N ILE A 114 10.30 -1.35 2.11
CA ILE A 114 10.54 -0.01 1.50
C ILE A 114 10.18 1.10 2.49
N SER A 115 8.92 1.14 2.92
CA SER A 115 8.41 2.19 3.82
C SER A 115 7.18 1.76 4.64
N ARG A 116 7.34 1.76 5.97
CA ARG A 116 6.24 1.51 6.92
C ARG A 116 5.15 2.59 6.87
N LEU A 117 5.43 3.80 6.35
CA LEU A 117 4.43 4.87 6.18
C LEU A 117 3.30 4.42 5.24
N LEU A 118 3.60 3.69 4.16
CA LEU A 118 2.59 3.20 3.24
C LEU A 118 1.71 2.13 3.92
N VAL A 119 2.33 1.23 4.67
CA VAL A 119 1.60 0.20 5.48
C VAL A 119 0.67 0.88 6.47
N ARG A 120 1.12 1.95 7.14
CA ARG A 120 0.29 2.72 8.06
C ARG A 120 -0.81 3.52 7.35
N ALA A 121 -0.64 3.90 6.09
CA ALA A 121 -1.68 4.59 5.32
C ALA A 121 -2.88 3.69 5.05
N GLN A 122 -2.64 2.41 4.74
CA GLN A 122 -3.70 1.43 4.46
C GLN A 122 -4.27 0.75 5.73
N GLN A 123 -3.46 0.59 6.79
CA GLN A 123 -3.90 -0.06 8.03
C GLN A 123 -4.40 0.93 9.10
N GLN A 124 -3.86 2.16 9.10
CA GLN A 124 -4.20 3.28 9.99
C GLN A 124 -3.99 2.98 11.49
N ASN A 125 -3.01 2.12 11.80
CA ASN A 125 -2.52 1.88 13.16
C ASN A 125 -1.50 2.96 13.57
N TRP A 126 -1.76 3.61 14.72
CA TRP A 126 -0.97 4.72 15.27
C TRP A 126 -0.78 4.66 16.80
N GLY A 127 -1.31 3.62 17.45
CA GLY A 127 -1.31 3.42 18.90
C GLY A 127 -2.61 3.94 19.51
N THR A 128 -3.47 3.02 19.95
CA THR A 128 -4.82 3.27 20.53
C THR A 128 -5.37 2.04 21.27
N SER A 1 -5.92 56.44 -48.23
CA SER A 1 -4.57 56.11 -48.75
C SER A 1 -3.51 56.21 -47.67
N GLU A 2 -2.52 55.30 -47.67
CA GLU A 2 -1.41 55.22 -46.70
C GLU A 2 -0.13 54.75 -47.41
N SER A 3 1.03 55.18 -46.91
CA SER A 3 2.37 54.83 -47.42
C SER A 3 3.46 55.18 -46.40
N GLU A 4 4.57 54.42 -46.39
CA GLU A 4 5.66 54.52 -45.44
C GLU A 4 6.92 53.89 -46.08
N LEU A 5 8.09 54.50 -45.86
CA LEU A 5 9.39 54.06 -46.36
C LEU A 5 10.52 54.56 -45.46
N ASP A 6 11.34 53.63 -44.95
CA ASP A 6 12.49 53.87 -44.06
C ASP A 6 13.38 52.61 -43.99
N GLN A 7 14.70 52.80 -44.02
CA GLN A 7 15.69 51.72 -44.03
C GLN A 7 17.09 52.26 -43.64
N GLU A 8 17.78 51.58 -42.73
CA GLU A 8 19.15 51.91 -42.31
C GLU A 8 19.98 50.69 -41.84
N SER A 9 19.49 49.46 -42.10
CA SER A 9 20.09 48.17 -41.72
C SER A 9 20.12 47.89 -40.20
N ASP A 10 20.59 46.70 -39.80
CA ASP A 10 20.71 46.25 -38.40
C ASP A 10 21.79 45.16 -38.27
N ASP A 11 22.71 45.35 -37.34
CA ASP A 11 23.92 44.52 -37.12
C ASP A 11 24.58 44.85 -35.76
N SER A 12 25.49 43.99 -35.30
CA SER A 12 26.23 44.15 -34.03
C SER A 12 27.63 43.52 -34.12
N PHE A 13 28.63 44.19 -33.53
CA PHE A 13 30.06 43.90 -33.66
C PHE A 13 30.90 44.64 -32.60
N PHE A 14 32.21 44.40 -32.60
CA PHE A 14 33.20 45.03 -31.72
C PHE A 14 34.43 45.49 -32.52
N ASN A 15 35.17 46.49 -32.00
CA ASN A 15 36.32 47.09 -32.69
C ASN A 15 37.52 46.12 -32.85
N GLU A 16 37.60 45.08 -32.01
CA GLU A 16 38.61 44.04 -32.02
C GLU A 16 38.12 42.83 -31.20
N SER A 17 38.62 41.64 -31.51
CA SER A 17 38.22 40.36 -30.88
C SER A 17 39.40 39.39 -30.63
N GLU A 18 40.64 39.74 -31.03
CA GLU A 18 41.86 38.95 -30.78
C GLU A 18 43.11 39.84 -30.73
N SER A 19 44.20 39.32 -30.15
CA SER A 19 45.43 40.07 -29.86
C SER A 19 46.63 39.14 -29.56
N GLU A 20 47.81 39.71 -29.30
CA GLU A 20 49.04 38.99 -28.94
C GLU A 20 49.62 39.55 -27.63
N SER A 21 49.97 38.66 -26.71
CA SER A 21 50.44 38.96 -25.34
C SER A 21 51.05 37.70 -24.68
N GLU A 22 51.46 37.79 -23.42
CA GLU A 22 52.07 36.71 -22.65
C GLU A 22 51.85 36.92 -21.14
N ALA A 23 51.26 35.92 -20.48
CA ALA A 23 50.92 35.94 -19.05
C ALA A 23 52.13 35.59 -18.17
N ASP A 24 53.19 36.40 -18.23
CA ASP A 24 54.50 36.21 -17.60
C ASP A 24 54.50 36.46 -16.06
N VAL A 25 53.40 36.08 -15.39
CA VAL A 25 53.10 36.25 -13.97
C VAL A 25 51.85 35.44 -13.61
N ASP A 26 51.88 34.75 -12.45
CA ASP A 26 50.81 33.90 -11.93
C ASP A 26 51.01 33.61 -10.44
N SER A 27 49.92 33.69 -9.65
CA SER A 27 49.92 33.54 -8.19
C SER A 27 48.56 32.97 -7.70
N ASP A 28 48.59 32.07 -6.72
CA ASP A 28 47.43 31.40 -6.13
C ASP A 28 47.77 30.79 -4.75
N ASP A 29 46.84 30.87 -3.80
CA ASP A 29 46.98 30.41 -2.41
C ASP A 29 45.61 30.25 -1.73
N SER A 30 45.43 29.18 -0.95
CA SER A 30 44.18 28.81 -0.28
C SER A 30 44.39 27.71 0.79
N ASP A 31 43.38 27.48 1.64
CA ASP A 31 43.40 26.50 2.74
C ASP A 31 41.98 26.07 3.16
N ALA A 32 41.87 24.90 3.79
CA ALA A 32 40.62 24.28 4.24
C ALA A 32 40.87 23.21 5.32
N LYS A 33 39.84 22.88 6.10
CA LYS A 33 39.92 21.87 7.16
C LYS A 33 40.19 20.45 6.58
N PRO A 34 41.19 19.69 7.08
CA PRO A 34 41.63 18.43 6.46
C PRO A 34 40.73 17.22 6.75
N TYR A 35 39.84 17.30 7.76
CA TYR A 35 38.96 16.20 8.17
C TYR A 35 37.55 16.71 8.55
N GLY A 36 36.50 16.03 8.06
CA GLY A 36 35.09 16.39 8.28
C GLY A 36 34.67 17.75 7.67
N PRO A 37 34.95 18.03 6.38
CA PRO A 37 34.53 19.26 5.71
C PRO A 37 33.01 19.31 5.47
N ASP A 38 32.51 20.42 4.93
CA ASP A 38 31.12 20.57 4.50
C ASP A 38 30.79 19.70 3.28
N TRP A 39 29.71 18.93 3.40
CA TRP A 39 29.26 17.89 2.46
C TRP A 39 27.79 17.48 2.68
N PHE A 40 27.28 16.59 1.83
CA PHE A 40 25.90 16.08 1.83
C PHE A 40 25.81 14.70 1.13
N LYS A 41 24.62 14.09 1.18
CA LYS A 41 24.35 12.77 0.58
C LYS A 41 22.88 12.61 0.12
N LYS A 42 22.65 11.67 -0.79
CA LYS A 42 21.33 11.36 -1.37
C LYS A 42 21.33 9.92 -1.96
N SER A 43 20.43 9.07 -1.47
CA SER A 43 20.38 7.63 -1.78
C SER A 43 19.10 6.97 -1.21
N GLU A 44 18.83 5.71 -1.61
CA GLU A 44 17.64 4.94 -1.18
C GLU A 44 17.88 3.42 -1.09
N PHE A 45 19.11 2.96 -1.35
CA PHE A 45 19.48 1.53 -1.37
C PHE A 45 19.45 0.89 0.02
N ARG A 46 19.21 -0.43 0.04
CA ARG A 46 19.13 -1.29 1.23
C ARG A 46 19.33 -2.76 0.84
N LYS A 47 19.95 -3.55 1.72
CA LYS A 47 20.32 -4.95 1.48
C LYS A 47 19.10 -5.84 1.13
N GLN A 48 19.31 -6.87 0.29
CA GLN A 48 18.27 -7.75 -0.25
C GLN A 48 18.64 -9.22 0.00
N GLY A 49 17.64 -10.06 0.29
CA GLY A 49 17.82 -11.50 0.54
C GLY A 49 17.72 -12.39 -0.71
N GLY A 50 17.47 -11.80 -1.89
CA GLY A 50 17.27 -12.51 -3.17
C GLY A 50 15.85 -13.05 -3.30
N GLY A 51 15.49 -13.98 -2.42
CA GLY A 51 14.11 -14.48 -2.22
C GLY A 51 13.36 -13.72 -1.13
N SER A 52 12.37 -14.36 -0.52
CA SER A 52 11.52 -13.79 0.53
C SER A 52 10.84 -14.88 1.39
N ASN A 53 10.38 -14.52 2.59
CA ASN A 53 9.80 -15.44 3.59
C ASN A 53 8.96 -14.68 4.63
N LYS A 54 7.89 -15.31 5.12
CA LYS A 54 6.90 -14.74 6.06
C LYS A 54 6.50 -15.74 7.16
N PHE A 55 5.94 -15.23 8.26
CA PHE A 55 5.58 -15.98 9.48
C PHE A 55 4.15 -15.71 9.98
N LEU A 56 3.56 -14.57 9.61
CA LEU A 56 2.22 -14.09 10.01
C LEU A 56 2.13 -13.89 11.53
N LYS A 57 2.92 -12.95 12.06
CA LYS A 57 3.10 -12.68 13.51
C LYS A 57 3.23 -11.18 13.82
N SER A 58 2.78 -10.77 15.00
CA SER A 58 2.77 -9.38 15.48
C SER A 58 2.85 -9.34 17.02
N SER A 59 3.28 -8.21 17.60
CA SER A 59 3.51 -8.04 19.04
C SER A 59 3.57 -6.57 19.50
N ASN A 60 4.11 -5.65 18.69
CA ASN A 60 4.25 -4.22 19.01
C ASN A 60 4.58 -3.38 17.75
N TYR A 61 3.80 -2.33 17.50
CA TYR A 61 3.86 -1.49 16.28
C TYR A 61 4.98 -0.43 16.25
N ASP A 62 5.77 -0.30 17.32
CA ASP A 62 6.86 0.68 17.44
C ASP A 62 8.18 0.09 18.01
N SER A 63 8.11 -1.01 18.77
CA SER A 63 9.25 -1.72 19.37
C SER A 63 9.50 -3.10 18.74
N SER A 64 8.80 -3.45 17.66
CA SER A 64 8.92 -4.73 16.94
C SER A 64 8.45 -4.61 15.47
N ASP A 65 8.35 -5.76 14.77
CA ASP A 65 7.95 -5.86 13.36
C ASP A 65 6.62 -6.62 13.23
N GLU A 66 5.58 -5.91 12.79
CA GLU A 66 4.20 -6.40 12.66
C GLU A 66 3.97 -7.02 11.27
N GLU A 67 3.22 -8.12 11.22
CA GLU A 67 2.94 -8.90 10.01
C GLU A 67 1.58 -9.62 10.16
N SER A 68 0.50 -8.85 10.29
CA SER A 68 -0.89 -9.34 10.37
C SER A 68 -1.85 -8.18 10.07
N ASP A 69 -2.85 -8.41 9.21
CA ASP A 69 -3.75 -7.38 8.65
C ASP A 69 -4.96 -8.02 7.94
N GLU A 70 -5.85 -7.19 7.37
CA GLU A 70 -6.94 -7.61 6.49
C GLU A 70 -6.41 -8.14 5.13
N GLU A 71 -7.22 -8.93 4.43
CA GLU A 71 -6.82 -9.67 3.21
C GLU A 71 -6.54 -8.77 1.99
N ASP A 72 -7.00 -7.51 1.99
CA ASP A 72 -6.77 -6.49 0.96
C ASP A 72 -7.21 -5.09 1.45
N GLY A 73 -6.74 -4.06 0.74
CA GLY A 73 -7.19 -2.66 0.85
C GLY A 73 -7.97 -2.23 -0.39
N LYS A 74 -8.80 -1.19 -0.26
CA LYS A 74 -9.71 -0.73 -1.33
C LYS A 74 -9.66 0.79 -1.60
N LYS A 75 -9.02 1.56 -0.71
CA LYS A 75 -8.98 3.03 -0.68
C LYS A 75 -7.99 3.56 0.38
N VAL A 76 -7.75 4.88 0.39
CA VAL A 76 -6.91 5.59 1.38
C VAL A 76 -7.22 7.09 1.34
N VAL A 77 -7.24 7.75 2.51
CA VAL A 77 -7.61 9.16 2.68
C VAL A 77 -7.20 9.66 4.09
N LYS A 78 -6.72 10.90 4.17
CA LYS A 78 -6.41 11.63 5.41
C LYS A 78 -5.54 10.83 6.40
N SER A 79 -4.44 10.27 5.90
CA SER A 79 -3.56 9.34 6.63
C SER A 79 -2.08 9.48 6.20
N ALA A 80 -1.22 8.56 6.66
CA ALA A 80 0.22 8.53 6.35
C ALA A 80 0.58 8.54 4.84
N LYS A 81 -0.37 8.19 3.95
CA LYS A 81 -0.21 8.32 2.50
C LYS A 81 0.00 9.77 2.04
N GLU A 82 -0.48 10.76 2.80
CA GLU A 82 -0.34 12.20 2.51
C GLU A 82 1.13 12.67 2.49
N LYS A 83 2.03 11.94 3.15
CA LYS A 83 3.48 12.24 3.24
C LYS A 83 4.36 11.19 2.53
N LEU A 84 3.76 10.32 1.70
CA LEU A 84 4.39 9.12 1.13
C LEU A 84 4.64 9.20 -0.38
N LEU A 85 3.87 9.98 -1.15
CA LEU A 85 4.06 10.12 -2.60
C LEU A 85 5.47 10.65 -2.92
N ASP A 86 6.12 10.00 -3.90
CA ASP A 86 7.43 10.34 -4.48
C ASP A 86 8.65 10.08 -3.55
N GLU A 87 8.46 9.33 -2.45
CA GLU A 87 9.57 8.80 -1.61
C GLU A 87 10.34 7.65 -2.32
N MET A 88 9.80 7.22 -3.47
CA MET A 88 10.25 6.24 -4.47
C MET A 88 9.46 6.56 -5.76
N GLN A 89 9.93 6.14 -6.94
CA GLN A 89 9.39 6.64 -8.23
C GLN A 89 8.93 5.55 -9.21
N ASP A 90 8.77 4.32 -8.76
CA ASP A 90 8.17 3.22 -9.55
C ASP A 90 6.88 2.70 -8.90
N VAL A 91 6.99 2.04 -7.74
CA VAL A 91 5.87 1.41 -7.01
C VAL A 91 4.84 2.45 -6.51
N TYR A 92 5.24 3.71 -6.36
CA TYR A 92 4.36 4.79 -5.91
C TYR A 92 3.34 5.22 -6.99
N ASN A 93 3.57 4.90 -8.26
CA ASN A 93 2.78 5.44 -9.38
C ASN A 93 1.27 5.08 -9.34
N LYS A 94 0.86 4.10 -8.53
CA LYS A 94 -0.57 3.79 -8.27
C LYS A 94 -1.20 4.61 -7.13
N ILE A 95 -0.39 5.14 -6.20
CA ILE A 95 -0.81 5.77 -4.92
C ILE A 95 -1.47 7.14 -5.16
N SER A 96 -1.23 7.77 -6.30
CA SER A 96 -1.95 8.97 -6.76
C SER A 96 -3.41 8.70 -7.20
N GLN A 97 -3.81 7.44 -7.32
CA GLN A 97 -5.17 6.98 -7.68
C GLN A 97 -5.77 6.20 -6.50
N ALA A 98 -5.12 5.07 -6.14
CA ALA A 98 -5.30 4.28 -4.92
C ALA A 98 -6.63 3.51 -4.72
N GLU A 99 -7.49 3.41 -5.73
CA GLU A 99 -8.74 2.63 -5.66
C GLU A 99 -8.57 1.18 -6.18
N ASN A 100 -7.34 0.76 -6.51
CA ASN A 100 -7.07 -0.56 -7.08
C ASN A 100 -7.07 -1.67 -5.99
N SER A 101 -8.22 -2.30 -5.80
CA SER A 101 -8.46 -3.33 -4.78
C SER A 101 -7.69 -4.66 -5.00
N ASP A 102 -7.09 -4.86 -6.18
CA ASP A 102 -6.28 -6.05 -6.50
C ASP A 102 -4.77 -5.81 -6.27
N ASP A 103 -4.35 -4.55 -6.09
CA ASP A 103 -2.95 -4.15 -5.91
C ASP A 103 -2.55 -3.97 -4.44
N TRP A 104 -3.47 -3.54 -3.57
CA TRP A 104 -3.15 -3.20 -2.17
C TRP A 104 -2.58 -4.37 -1.34
N LEU A 105 -2.88 -5.63 -1.70
CA LEU A 105 -2.22 -6.81 -1.12
C LEU A 105 -0.80 -6.98 -1.69
N THR A 106 -0.64 -6.92 -3.01
CA THR A 106 0.67 -7.11 -3.68
C THR A 106 1.67 -6.03 -3.28
N ILE A 107 1.22 -4.79 -3.09
CA ILE A 107 2.08 -3.64 -2.74
C ILE A 107 2.59 -3.70 -1.29
N SER A 108 1.79 -4.21 -0.35
CA SER A 108 2.20 -4.29 1.07
C SER A 108 3.28 -5.35 1.31
N ASN A 109 3.43 -6.32 0.39
CA ASN A 109 4.55 -7.28 0.39
C ASN A 109 5.90 -6.60 0.03
N GLU A 110 5.88 -5.43 -0.62
CA GLU A 110 7.07 -4.65 -0.97
C GLU A 110 7.34 -3.56 0.08
N PHE A 111 6.29 -2.84 0.50
CA PHE A 111 6.38 -1.71 1.41
C PHE A 111 6.85 -2.06 2.83
N ASP A 112 6.81 -3.35 3.17
CA ASP A 112 7.42 -3.96 4.36
C ASP A 112 8.88 -3.53 4.57
N LEU A 113 9.59 -3.29 3.46
CA LEU A 113 11.02 -2.92 3.42
C LEU A 113 11.29 -1.55 2.78
N ILE A 114 10.34 -0.98 2.03
CA ILE A 114 10.47 0.34 1.35
C ILE A 114 10.06 1.47 2.30
N SER A 115 8.81 1.43 2.78
CA SER A 115 8.28 2.43 3.71
C SER A 115 7.10 1.91 4.55
N ARG A 116 7.30 1.85 5.88
CA ARG A 116 6.25 1.47 6.83
C ARG A 116 5.14 2.53 6.93
N LEU A 117 5.35 3.76 6.43
CA LEU A 117 4.30 4.79 6.34
C LEU A 117 3.15 4.34 5.44
N LEU A 118 3.44 3.66 4.32
CA LEU A 118 2.40 3.16 3.41
C LEU A 118 1.59 2.04 4.08
N VAL A 119 2.25 1.11 4.77
CA VAL A 119 1.59 0.04 5.55
C VAL A 119 0.69 0.65 6.63
N ARG A 120 1.17 1.69 7.31
CA ARG A 120 0.39 2.42 8.32
C ARG A 120 -0.77 3.22 7.69
N ALA A 121 -0.65 3.67 6.44
CA ALA A 121 -1.70 4.44 5.75
C ALA A 121 -2.94 3.59 5.45
N GLN A 122 -2.73 2.31 5.12
CA GLN A 122 -3.81 1.35 4.87
C GLN A 122 -4.32 0.66 6.15
N GLN A 123 -3.47 0.52 7.18
CA GLN A 123 -3.83 -0.14 8.44
C GLN A 123 -4.53 0.82 9.43
N GLN A 124 -4.05 2.06 9.52
CA GLN A 124 -4.60 3.14 10.35
C GLN A 124 -4.70 2.79 11.84
N ASN A 125 -3.63 2.21 12.39
CA ASN A 125 -3.50 1.83 13.80
C ASN A 125 -3.17 3.06 14.70
N TRP A 126 -4.09 4.02 14.74
CA TRP A 126 -3.93 5.29 15.48
C TRP A 126 -4.39 5.23 16.95
N GLY A 127 -5.08 4.16 17.35
CA GLY A 127 -5.58 3.94 18.72
C GLY A 127 -6.89 4.66 19.04
N THR A 128 -7.62 5.13 18.02
CA THR A 128 -8.85 5.94 18.12
C THR A 128 -9.65 5.94 16.81
N SER A 1 42.68 -103.42 106.17
CA SER A 1 43.44 -102.59 107.15
C SER A 1 44.69 -102.00 106.51
N GLU A 2 45.05 -100.76 106.87
CA GLU A 2 46.22 -100.02 106.38
C GLU A 2 46.81 -99.14 107.49
N SER A 3 48.12 -98.87 107.44
CA SER A 3 48.86 -98.08 108.44
C SER A 3 50.20 -97.58 107.87
N GLU A 4 50.80 -96.56 108.51
CA GLU A 4 52.01 -95.86 108.10
C GLU A 4 52.64 -95.09 109.28
N LEU A 5 53.93 -94.76 109.17
CA LEU A 5 54.72 -94.05 110.18
C LEU A 5 55.95 -93.35 109.58
N ASP A 6 56.66 -92.57 110.39
CA ASP A 6 57.84 -91.78 110.04
C ASP A 6 58.64 -91.42 111.31
N GLN A 7 59.96 -91.29 111.19
CA GLN A 7 60.88 -91.03 112.30
C GLN A 7 62.01 -90.08 111.85
N GLU A 8 62.34 -89.09 112.69
CA GLU A 8 63.35 -88.06 112.44
C GLU A 8 63.72 -87.37 113.77
N SER A 9 65.02 -87.15 114.01
CA SER A 9 65.56 -86.66 115.28
C SER A 9 66.44 -85.39 115.16
N ASP A 10 66.60 -84.84 113.95
CA ASP A 10 67.45 -83.70 113.62
C ASP A 10 67.06 -83.06 112.26
N ASP A 11 67.21 -81.75 112.14
CA ASP A 11 66.87 -80.94 110.96
C ASP A 11 67.61 -79.59 110.98
N SER A 12 68.14 -79.17 109.84
CA SER A 12 69.02 -77.99 109.69
C SER A 12 69.22 -77.58 108.21
N PHE A 13 69.94 -76.48 107.98
CA PHE A 13 70.26 -75.92 106.67
C PHE A 13 71.75 -75.56 106.55
N PHE A 14 72.25 -75.50 105.32
CA PHE A 14 73.65 -75.17 105.01
C PHE A 14 74.00 -73.71 105.36
N ASN A 15 75.27 -73.47 105.71
CA ASN A 15 75.79 -72.14 106.06
C ASN A 15 75.93 -71.23 104.83
N GLU A 16 75.55 -69.95 104.96
CA GLU A 16 75.63 -68.93 103.92
C GLU A 16 75.62 -67.54 104.57
N SER A 17 76.55 -66.67 104.16
CA SER A 17 76.75 -65.31 104.68
C SER A 17 77.67 -64.48 103.75
N GLU A 18 77.68 -63.16 103.94
CA GLU A 18 78.51 -62.19 103.21
C GLU A 18 78.98 -61.04 104.12
N SER A 19 78.75 -61.12 105.44
CA SER A 19 78.95 -60.01 106.39
C SER A 19 80.42 -59.60 106.64
N GLU A 20 81.38 -60.33 106.06
CA GLU A 20 82.80 -59.98 106.03
C GLU A 20 83.12 -58.94 104.93
N SER A 21 82.17 -58.64 104.03
CA SER A 21 82.35 -57.80 102.84
C SER A 21 81.21 -56.78 102.64
N GLU A 22 81.40 -55.84 101.71
CA GLU A 22 80.43 -54.81 101.32
C GLU A 22 80.73 -54.27 99.91
N ALA A 23 79.70 -53.83 99.19
CA ALA A 23 79.76 -53.40 97.79
C ALA A 23 78.50 -52.59 97.38
N ASP A 24 78.57 -51.94 96.22
CA ASP A 24 77.49 -51.15 95.60
C ASP A 24 77.72 -51.03 94.07
N VAL A 25 76.66 -50.73 93.32
CA VAL A 25 76.63 -50.72 91.85
C VAL A 25 75.37 -49.99 91.33
N ASP A 26 75.53 -49.24 90.23
CA ASP A 26 74.47 -48.48 89.55
C ASP A 26 74.90 -48.15 88.10
N SER A 27 73.95 -48.23 87.16
CA SER A 27 74.14 -48.00 85.71
C SER A 27 72.79 -47.77 85.00
N ASP A 28 72.80 -46.98 83.92
CA ASP A 28 71.62 -46.59 83.14
C ASP A 28 72.04 -46.06 81.74
N ASP A 29 71.17 -46.24 80.73
CA ASP A 29 71.39 -45.82 79.34
C ASP A 29 70.04 -45.65 78.61
N SER A 30 69.87 -44.52 77.92
CA SER A 30 68.64 -44.12 77.23
C SER A 30 68.88 -42.90 76.31
N ASP A 31 67.83 -42.38 75.66
CA ASP A 31 67.86 -41.23 74.74
C ASP A 31 66.49 -40.52 74.69
N ALA A 32 66.52 -39.19 74.66
CA ALA A 32 65.35 -38.30 74.66
C ALA A 32 65.73 -36.91 74.10
N LYS A 33 64.73 -36.18 73.58
CA LYS A 33 64.93 -34.92 72.83
C LYS A 33 63.83 -33.87 73.16
N PRO A 34 64.13 -32.55 73.11
CA PRO A 34 63.14 -31.48 73.31
C PRO A 34 62.06 -31.38 72.22
N TYR A 35 62.23 -32.11 71.10
CA TYR A 35 61.33 -32.13 69.94
C TYR A 35 61.49 -33.45 69.16
N GLY A 36 60.42 -33.90 68.50
CA GLY A 36 60.36 -35.19 67.79
C GLY A 36 59.50 -36.21 68.55
N PRO A 37 60.09 -37.16 69.31
CA PRO A 37 59.35 -38.17 70.06
C PRO A 37 58.55 -37.58 71.23
N ASP A 38 58.96 -36.43 71.76
CA ASP A 38 58.24 -35.67 72.80
C ASP A 38 57.01 -34.91 72.26
N TRP A 39 56.86 -34.80 70.93
CA TRP A 39 55.79 -34.08 70.24
C TRP A 39 54.77 -35.03 69.58
N PHE A 40 53.61 -34.46 69.20
CA PHE A 40 52.52 -35.16 68.50
C PHE A 40 51.65 -34.15 67.73
N LYS A 41 50.95 -34.64 66.70
CA LYS A 41 50.05 -33.85 65.83
C LYS A 41 48.80 -34.66 65.43
N LYS A 42 47.64 -34.00 65.42
CA LYS A 42 46.33 -34.56 65.04
C LYS A 42 45.31 -33.45 64.70
N SER A 43 44.38 -33.74 63.79
CA SER A 43 43.46 -32.79 63.17
C SER A 43 42.39 -33.50 62.31
N GLU A 44 41.50 -32.74 61.65
CA GLU A 44 40.46 -33.24 60.75
C GLU A 44 40.24 -32.23 59.63
N PHE A 45 40.22 -32.71 58.37
CA PHE A 45 40.23 -31.91 57.15
C PHE A 45 39.82 -32.74 55.91
N ARG A 46 39.56 -32.06 54.80
CA ARG A 46 39.15 -32.63 53.50
C ARG A 46 39.32 -31.62 52.35
N LYS A 47 39.29 -32.11 51.11
CA LYS A 47 39.30 -31.27 49.90
C LYS A 47 38.04 -30.39 49.80
N GLN A 48 38.16 -29.23 49.15
CA GLN A 48 37.03 -28.31 48.91
C GLN A 48 36.01 -28.89 47.91
N GLY A 49 34.74 -28.50 48.04
CA GLY A 49 33.63 -28.98 47.21
C GLY A 49 32.26 -28.47 47.64
N GLY A 50 31.20 -29.03 47.05
CA GLY A 50 29.79 -28.71 47.32
C GLY A 50 29.22 -27.57 46.48
N GLY A 51 30.08 -26.82 45.75
CA GLY A 51 29.69 -25.79 44.78
C GLY A 51 29.55 -26.35 43.36
N SER A 52 28.94 -25.57 42.47
CA SER A 52 28.66 -25.94 41.07
C SER A 52 28.33 -24.73 40.19
N ASN A 53 28.37 -24.90 38.87
CA ASN A 53 28.09 -23.88 37.84
C ASN A 53 27.80 -24.53 36.47
N LYS A 54 27.24 -23.74 35.54
CA LYS A 54 26.81 -24.19 34.20
C LYS A 54 26.75 -23.01 33.21
N PHE A 55 27.24 -23.24 31.98
CA PHE A 55 27.24 -22.27 30.89
C PHE A 55 27.23 -22.99 29.53
N LEU A 56 26.02 -23.33 29.08
CA LEU A 56 25.70 -24.08 27.85
C LEU A 56 24.18 -24.05 27.67
N LYS A 57 23.72 -23.20 26.75
CA LYS A 57 22.30 -22.91 26.48
C LYS A 57 22.08 -22.36 25.06
N SER A 58 20.96 -22.70 24.42
CA SER A 58 20.53 -22.13 23.13
C SER A 58 20.21 -20.63 23.25
N SER A 59 20.69 -19.82 22.30
CA SER A 59 20.62 -18.35 22.31
C SER A 59 19.91 -17.75 21.08
N ASN A 60 19.31 -18.58 20.22
CA ASN A 60 18.69 -18.21 18.95
C ASN A 60 17.61 -19.22 18.51
N TYR A 61 16.57 -18.73 17.81
CA TYR A 61 15.40 -19.49 17.36
C TYR A 61 14.70 -18.80 16.17
N ASP A 62 13.67 -19.45 15.60
CA ASP A 62 12.88 -18.96 14.47
C ASP A 62 11.42 -19.44 14.57
N SER A 63 10.47 -18.53 14.36
CA SER A 63 9.02 -18.75 14.48
C SER A 63 8.22 -17.56 13.90
N SER A 64 6.89 -17.61 13.93
CA SER A 64 5.96 -16.56 13.48
C SER A 64 4.57 -16.76 14.12
N ASP A 65 4.00 -15.71 14.72
CA ASP A 65 2.76 -15.80 15.52
C ASP A 65 1.47 -15.53 14.70
N GLU A 66 1.59 -14.91 13.52
CA GLU A 66 0.47 -14.49 12.67
C GLU A 66 0.96 -14.19 11.24
N GLU A 67 0.23 -14.67 10.24
CA GLU A 67 0.48 -14.47 8.80
C GLU A 67 -0.78 -14.84 7.99
N SER A 68 -1.20 -13.98 7.07
CA SER A 68 -2.36 -14.19 6.19
C SER A 68 -2.37 -13.22 4.99
N ASP A 69 -3.16 -13.53 3.96
CA ASP A 69 -3.35 -12.76 2.72
C ASP A 69 -4.86 -12.64 2.35
N GLU A 70 -5.75 -12.89 3.33
CA GLU A 70 -7.20 -13.03 3.15
C GLU A 70 -7.97 -11.72 2.84
N GLU A 71 -7.28 -10.58 2.82
CA GLU A 71 -7.85 -9.24 2.63
C GLU A 71 -6.73 -8.28 2.19
N ASP A 72 -7.03 -7.37 1.25
CA ASP A 72 -6.08 -6.37 0.72
C ASP A 72 -5.82 -5.16 1.65
N GLY A 73 -6.37 -5.20 2.87
CA GLY A 73 -6.24 -4.15 3.89
C GLY A 73 -7.43 -3.20 3.87
N LYS A 74 -7.17 -1.94 3.47
CA LYS A 74 -8.13 -0.82 3.46
C LYS A 74 -7.56 0.28 2.55
N LYS A 75 -8.36 0.72 1.58
CA LYS A 75 -7.97 1.74 0.61
C LYS A 75 -8.23 3.16 1.18
N VAL A 76 -7.26 4.07 1.09
CA VAL A 76 -7.28 5.37 1.79
C VAL A 76 -6.75 6.49 0.87
N VAL A 77 -7.53 7.57 0.77
CA VAL A 77 -7.23 8.75 -0.08
C VAL A 77 -6.53 9.89 0.68
N LYS A 78 -6.59 9.91 2.02
CA LYS A 78 -6.07 10.98 2.88
C LYS A 78 -5.59 10.41 4.23
N SER A 79 -4.28 10.48 4.47
CA SER A 79 -3.54 9.89 5.60
C SER A 79 -2.02 10.15 5.42
N ALA A 80 -1.17 9.33 6.05
CA ALA A 80 0.29 9.29 5.81
C ALA A 80 0.66 9.07 4.32
N LYS A 81 -0.29 8.65 3.48
CA LYS A 81 -0.16 8.62 2.02
C LYS A 81 0.28 9.98 1.44
N GLU A 82 -0.15 11.07 2.06
CA GLU A 82 0.17 12.45 1.64
C GLU A 82 1.68 12.75 1.73
N LYS A 83 2.36 12.24 2.76
CA LYS A 83 3.82 12.41 2.94
C LYS A 83 4.63 11.32 2.19
N LEU A 84 4.01 10.15 1.96
CA LEU A 84 4.61 8.99 1.29
C LEU A 84 4.75 9.19 -0.23
N LEU A 85 3.89 10.00 -0.86
CA LEU A 85 3.91 10.34 -2.30
C LEU A 85 5.11 11.21 -2.75
N ASP A 86 6.23 11.19 -2.02
CA ASP A 86 7.50 11.88 -2.33
C ASP A 86 8.74 10.97 -2.21
N GLU A 87 8.58 9.69 -1.82
CA GLU A 87 9.68 8.79 -1.49
C GLU A 87 10.26 8.02 -2.71
N MET A 88 9.59 8.07 -3.87
CA MET A 88 9.85 7.27 -5.08
C MET A 88 8.99 7.76 -6.26
N GLN A 89 9.18 7.19 -7.47
CA GLN A 89 8.52 7.61 -8.71
C GLN A 89 7.91 6.44 -9.51
N ASP A 90 8.04 5.19 -9.05
CA ASP A 90 7.66 3.97 -9.80
C ASP A 90 6.62 3.11 -9.06
N VAL A 91 6.97 2.56 -7.90
CA VAL A 91 6.03 1.89 -6.97
C VAL A 91 5.04 2.88 -6.31
N TYR A 92 5.24 4.19 -6.54
CA TYR A 92 4.37 5.27 -6.10
C TYR A 92 3.26 5.62 -7.12
N ASN A 93 3.39 5.19 -8.38
CA ASN A 93 2.56 5.67 -9.49
C ASN A 93 1.07 5.24 -9.41
N LYS A 94 0.77 4.23 -8.59
CA LYS A 94 -0.61 3.81 -8.25
C LYS A 94 -1.16 4.53 -6.99
N ILE A 95 -0.30 5.00 -6.09
CA ILE A 95 -0.67 5.51 -4.76
C ILE A 95 -1.42 6.86 -4.83
N SER A 96 -1.23 7.60 -5.91
CA SER A 96 -1.99 8.82 -6.26
C SER A 96 -3.42 8.53 -6.77
N GLN A 97 -3.76 7.25 -7.00
CA GLN A 97 -5.06 6.78 -7.48
C GLN A 97 -5.74 5.95 -6.39
N ALA A 98 -5.05 4.92 -5.88
CA ALA A 98 -5.37 4.13 -4.69
C ALA A 98 -6.68 3.29 -4.76
N GLU A 99 -7.32 3.17 -5.92
CA GLU A 99 -8.58 2.44 -6.08
C GLU A 99 -8.39 0.92 -6.29
N ASN A 100 -7.15 0.48 -6.53
CA ASN A 100 -6.87 -0.90 -6.96
C ASN A 100 -6.84 -1.91 -5.80
N SER A 101 -7.98 -2.54 -5.49
CA SER A 101 -8.07 -3.67 -4.55
C SER A 101 -7.22 -4.87 -4.98
N ASP A 102 -6.95 -5.00 -6.28
CA ASP A 102 -6.13 -6.03 -6.92
C ASP A 102 -4.61 -5.79 -6.78
N ASP A 103 -4.21 -4.60 -6.30
CA ASP A 103 -2.81 -4.20 -6.12
C ASP A 103 -2.45 -3.95 -4.64
N TRP A 104 -3.36 -3.44 -3.82
CA TRP A 104 -3.08 -3.10 -2.41
C TRP A 104 -2.60 -4.29 -1.56
N LEU A 105 -2.95 -5.54 -1.91
CA LEU A 105 -2.37 -6.74 -1.30
C LEU A 105 -0.90 -6.93 -1.72
N THR A 106 -0.65 -6.99 -3.04
CA THR A 106 0.66 -7.30 -3.63
C THR A 106 1.69 -6.22 -3.34
N ILE A 107 1.30 -4.95 -3.33
CA ILE A 107 2.20 -3.83 -3.01
C ILE A 107 2.63 -3.86 -1.54
N SER A 108 1.74 -4.27 -0.64
CA SER A 108 2.02 -4.33 0.81
C SER A 108 2.95 -5.48 1.20
N ASN A 109 3.10 -6.49 0.33
CA ASN A 109 4.12 -7.54 0.48
C ASN A 109 5.54 -7.01 0.24
N GLU A 110 5.69 -5.89 -0.48
CA GLU A 110 6.96 -5.22 -0.74
C GLU A 110 7.19 -4.06 0.25
N PHE A 111 6.13 -3.29 0.54
CA PHE A 111 6.22 -2.05 1.31
C PHE A 111 6.64 -2.25 2.77
N ASP A 112 6.50 -3.48 3.26
CA ASP A 112 7.04 -3.97 4.53
C ASP A 112 8.52 -3.58 4.74
N LEU A 113 9.28 -3.55 3.63
CA LEU A 113 10.70 -3.25 3.56
C LEU A 113 11.04 -1.94 2.83
N ILE A 114 10.12 -1.38 2.03
CA ILE A 114 10.29 -0.08 1.33
C ILE A 114 10.03 1.08 2.29
N SER A 115 8.84 1.12 2.87
CA SER A 115 8.41 2.22 3.76
C SER A 115 7.25 1.85 4.70
N ARG A 116 7.49 1.99 6.01
CA ARG A 116 6.45 1.83 7.04
C ARG A 116 5.36 2.91 6.94
N LEU A 117 5.62 4.07 6.29
CA LEU A 117 4.61 5.12 6.10
C LEU A 117 3.44 4.65 5.24
N LEU A 118 3.69 3.80 4.23
CA LEU A 118 2.62 3.22 3.40
C LEU A 118 1.76 2.24 4.22
N VAL A 119 2.40 1.39 5.03
CA VAL A 119 1.70 0.47 5.96
C VAL A 119 0.84 1.26 6.95
N ARG A 120 1.34 2.40 7.45
CA ARG A 120 0.57 3.29 8.31
C ARG A 120 -0.56 4.00 7.57
N ALA A 121 -0.38 4.34 6.29
CA ALA A 121 -1.35 5.09 5.49
C ALA A 121 -2.63 4.30 5.22
N GLN A 122 -2.50 2.99 5.00
CA GLN A 122 -3.63 2.08 4.82
C GLN A 122 -4.29 1.66 6.15
N GLN A 123 -3.60 1.78 7.29
CA GLN A 123 -4.14 1.39 8.59
C GLN A 123 -4.84 2.56 9.31
N GLN A 124 -4.24 3.76 9.30
CA GLN A 124 -4.70 4.95 10.03
C GLN A 124 -4.68 4.69 11.55
N ASN A 125 -3.52 4.28 12.07
CA ASN A 125 -3.32 3.75 13.43
C ASN A 125 -3.73 4.69 14.58
N TRP A 126 -3.90 5.99 14.29
CA TRP A 126 -4.34 7.05 15.19
C TRP A 126 -5.85 7.06 15.44
N GLY A 127 -6.63 6.50 14.50
CA GLY A 127 -8.07 6.21 14.65
C GLY A 127 -9.00 7.43 14.71
N THR A 128 -8.57 8.59 14.19
CA THR A 128 -9.31 9.87 14.22
C THR A 128 -10.60 9.86 13.40
N SER A 1 -26.04 45.40 -63.30
CA SER A 1 -27.36 45.39 -62.64
C SER A 1 -27.27 44.69 -61.28
N GLU A 2 -27.31 45.47 -60.20
CA GLU A 2 -27.08 45.04 -58.81
C GLU A 2 -27.48 46.16 -57.82
N SER A 3 -27.62 45.82 -56.53
CA SER A 3 -27.97 46.74 -55.43
C SER A 3 -27.57 46.13 -54.08
N GLU A 4 -27.23 46.98 -53.09
CA GLU A 4 -26.74 46.61 -51.76
C GLU A 4 -27.22 47.62 -50.70
N LEU A 5 -27.16 47.23 -49.42
CA LEU A 5 -27.61 48.00 -48.26
C LEU A 5 -26.73 47.66 -47.05
N ASP A 6 -26.15 48.69 -46.41
CA ASP A 6 -25.19 48.55 -45.30
C ASP A 6 -25.59 49.37 -44.05
N GLN A 7 -26.80 49.93 -44.03
CA GLN A 7 -27.39 50.58 -42.85
C GLN A 7 -27.79 49.55 -41.77
N GLU A 8 -28.04 48.31 -42.15
CA GLU A 8 -28.27 47.15 -41.29
C GLU A 8 -27.66 45.92 -41.96
N SER A 9 -26.60 45.36 -41.38
CA SER A 9 -25.76 44.34 -42.02
C SER A 9 -24.98 43.43 -41.03
N ASP A 10 -25.40 43.38 -39.77
CA ASP A 10 -24.71 42.68 -38.67
C ASP A 10 -25.70 42.13 -37.61
N ASP A 11 -25.40 40.94 -37.10
CA ASP A 11 -26.21 40.17 -36.14
C ASP A 11 -25.35 39.07 -35.47
N SER A 12 -25.73 38.61 -34.28
CA SER A 12 -24.96 37.66 -33.47
C SER A 12 -25.83 36.93 -32.43
N PHE A 13 -25.39 35.74 -32.00
CA PHE A 13 -26.07 34.87 -31.03
C PHE A 13 -25.07 33.90 -30.36
N PHE A 14 -25.32 33.58 -29.09
CA PHE A 14 -24.51 32.70 -28.25
C PHE A 14 -25.29 32.23 -27.01
N ASN A 15 -24.82 31.17 -26.37
CA ASN A 15 -25.43 30.55 -25.19
C ASN A 15 -24.39 29.76 -24.36
N GLU A 16 -24.32 30.02 -23.06
CA GLU A 16 -23.38 29.42 -22.11
C GLU A 16 -24.01 29.34 -20.70
N SER A 17 -23.61 28.37 -19.89
CA SER A 17 -24.11 28.17 -18.52
C SER A 17 -23.72 29.33 -17.58
N GLU A 18 -24.71 29.88 -16.85
CA GLU A 18 -24.56 31.02 -15.94
C GLU A 18 -25.74 31.06 -14.94
N SER A 19 -25.46 31.43 -13.69
CA SER A 19 -26.44 31.49 -12.59
C SER A 19 -25.92 32.36 -11.43
N GLU A 20 -26.72 32.51 -10.36
CA GLU A 20 -26.38 33.28 -9.16
C GLU A 20 -25.28 32.57 -8.34
N SER A 21 -24.29 33.33 -7.85
CA SER A 21 -23.15 32.80 -7.08
C SER A 21 -23.53 32.41 -5.63
N GLU A 22 -22.73 31.53 -5.01
CA GLU A 22 -22.95 30.95 -3.68
C GLU A 22 -21.62 30.44 -3.11
N ALA A 23 -21.40 30.65 -1.80
CA ALA A 23 -20.18 30.27 -1.10
C ALA A 23 -20.02 28.75 -0.88
N ASP A 24 -18.78 28.31 -0.76
CA ASP A 24 -18.40 26.92 -0.44
C ASP A 24 -18.65 26.53 1.03
N VAL A 25 -18.57 25.24 1.34
CA VAL A 25 -18.82 24.66 2.67
C VAL A 25 -18.11 23.31 2.82
N ASP A 26 -17.57 23.05 4.01
CA ASP A 26 -16.72 21.90 4.37
C ASP A 26 -16.66 21.72 5.90
N SER A 27 -16.09 20.61 6.39
CA SER A 27 -15.98 20.29 7.81
C SER A 27 -14.68 19.54 8.14
N ASP A 28 -13.99 19.96 9.20
CA ASP A 28 -12.66 19.52 9.64
C ASP A 28 -12.40 19.97 11.10
N ASP A 29 -11.44 19.35 11.79
CA ASP A 29 -11.12 19.60 13.20
C ASP A 29 -9.64 19.29 13.54
N SER A 30 -9.11 20.02 14.53
CA SER A 30 -7.73 19.95 15.02
C SER A 30 -7.61 20.73 16.35
N ASP A 31 -6.44 20.71 16.99
CA ASP A 31 -6.16 21.30 18.31
C ASP A 31 -4.67 21.59 18.55
N ALA A 32 -4.39 22.51 19.48
CA ALA A 32 -3.06 22.92 19.92
C ALA A 32 -3.13 23.58 21.31
N LYS A 33 -2.09 23.40 22.13
CA LYS A 33 -2.06 23.90 23.51
C LYS A 33 -1.94 25.46 23.54
N PRO A 34 -2.89 26.19 24.18
CA PRO A 34 -2.98 27.65 24.06
C PRO A 34 -1.98 28.41 24.95
N TYR A 35 -1.50 27.81 26.04
CA TYR A 35 -0.60 28.42 27.02
C TYR A 35 0.36 27.38 27.63
N GLY A 36 1.63 27.74 27.83
CA GLY A 36 2.67 26.89 28.41
C GLY A 36 3.18 25.84 27.41
N PRO A 37 4.17 26.16 26.55
CA PRO A 37 4.70 25.26 25.53
C PRO A 37 5.60 24.17 26.13
N ASP A 38 6.00 23.20 25.31
CA ASP A 38 6.84 22.05 25.68
C ASP A 38 7.82 21.68 24.54
N TRP A 39 9.04 21.30 24.92
CA TRP A 39 10.18 21.12 24.01
C TRP A 39 10.25 19.73 23.37
N PHE A 40 10.83 19.67 22.16
CA PHE A 40 11.11 18.47 21.38
C PHE A 40 12.35 18.71 20.51
N LYS A 41 13.22 17.70 20.40
CA LYS A 41 14.53 17.77 19.73
C LYS A 41 14.86 16.49 18.94
N LYS A 42 15.66 16.63 17.89
CA LYS A 42 16.12 15.55 16.99
C LYS A 42 17.39 15.95 16.20
N SER A 43 18.17 14.98 15.74
CA SER A 43 19.48 15.22 15.09
C SER A 43 20.09 13.97 14.42
N GLU A 44 20.05 12.82 15.09
CA GLU A 44 20.63 11.55 14.63
C GLU A 44 19.65 10.39 14.87
N PHE A 45 19.67 9.42 13.94
CA PHE A 45 18.67 8.34 13.85
C PHE A 45 19.29 6.94 13.59
N ARG A 46 20.62 6.85 13.46
CA ARG A 46 21.35 5.61 13.17
C ARG A 46 21.59 4.75 14.43
N LYS A 47 21.65 3.43 14.21
CA LYS A 47 22.05 2.40 15.18
C LYS A 47 22.83 1.23 14.54
N GLN A 48 23.30 1.41 13.30
CA GLN A 48 24.03 0.43 12.47
C GLN A 48 24.99 1.18 11.52
N GLY A 49 25.86 0.44 10.81
CA GLY A 49 26.92 0.98 9.96
C GLY A 49 26.42 1.55 8.62
N GLY A 50 27.11 2.58 8.13
CA GLY A 50 26.82 3.23 6.83
C GLY A 50 27.27 2.33 5.68
N GLY A 51 26.32 1.94 4.82
CA GLY A 51 26.55 1.02 3.69
C GLY A 51 26.57 -0.47 4.06
N SER A 52 26.35 -0.82 5.33
CA SER A 52 26.46 -2.19 5.86
C SER A 52 25.30 -2.61 6.80
N ASN A 53 24.34 -1.70 7.04
CA ASN A 53 23.14 -1.96 7.84
C ASN A 53 22.13 -2.91 7.15
N LYS A 54 21.22 -3.50 7.93
CA LYS A 54 20.23 -4.49 7.50
C LYS A 54 18.93 -4.47 8.34
N PHE A 55 17.87 -5.10 7.82
CA PHE A 55 16.57 -5.25 8.47
C PHE A 55 16.53 -6.45 9.44
N LEU A 56 15.35 -6.69 10.03
CA LEU A 56 15.08 -7.76 11.01
C LEU A 56 13.62 -8.19 10.85
N LYS A 57 13.41 -9.22 10.03
CA LYS A 57 12.09 -9.70 9.58
C LYS A 57 11.23 -10.32 10.72
N SER A 58 11.85 -10.77 11.81
CA SER A 58 11.18 -11.45 12.93
C SER A 58 11.78 -11.02 14.27
N SER A 59 10.93 -10.59 15.21
CA SER A 59 11.30 -10.05 16.53
C SER A 59 10.07 -9.95 17.46
N ASN A 60 10.29 -9.74 18.77
CA ASN A 60 9.25 -9.65 19.79
C ASN A 60 9.80 -8.97 21.08
N TYR A 61 8.99 -8.07 21.67
CA TYR A 61 9.38 -7.24 22.83
C TYR A 61 8.18 -6.96 23.75
N ASP A 62 8.42 -6.97 25.07
CA ASP A 62 7.40 -6.74 26.12
C ASP A 62 7.50 -5.34 26.77
N SER A 63 8.53 -4.56 26.44
CA SER A 63 8.86 -3.28 27.07
C SER A 63 7.98 -2.09 26.60
N SER A 64 7.10 -2.31 25.61
CA SER A 64 6.20 -1.32 25.01
C SER A 64 5.09 -2.00 24.20
N ASP A 65 4.14 -1.22 23.67
CA ASP A 65 3.03 -1.71 22.83
C ASP A 65 3.51 -2.10 21.41
N GLU A 66 3.03 -3.24 20.90
CA GLU A 66 3.38 -3.79 19.60
C GLU A 66 2.30 -4.80 19.14
N GLU A 67 1.77 -4.61 17.93
CA GLU A 67 0.65 -5.36 17.33
C GLU A 67 0.52 -5.01 15.84
N SER A 68 0.10 -5.98 15.02
CA SER A 68 -0.05 -5.85 13.56
C SER A 68 -1.30 -6.60 13.05
N ASP A 69 -1.73 -6.34 11.81
CA ASP A 69 -2.91 -6.94 11.18
C ASP A 69 -2.74 -7.05 9.65
N GLU A 70 -3.26 -8.12 9.05
CA GLU A 70 -3.06 -8.45 7.63
C GLU A 70 -4.40 -8.81 6.96
N GLU A 71 -4.74 -8.07 5.90
CA GLU A 71 -5.95 -8.19 5.09
C GLU A 71 -5.75 -7.38 3.79
N ASP A 72 -6.39 -7.80 2.70
CA ASP A 72 -6.35 -7.10 1.40
C ASP A 72 -7.03 -5.71 1.46
N GLY A 73 -6.39 -4.71 0.84
CA GLY A 73 -6.96 -3.39 0.59
C GLY A 73 -7.56 -3.28 -0.82
N LYS A 74 -8.38 -2.25 -1.03
CA LYS A 74 -9.16 -2.07 -2.28
C LYS A 74 -9.63 -0.63 -2.55
N LYS A 75 -9.11 0.37 -1.80
CA LYS A 75 -9.61 1.75 -1.81
C LYS A 75 -8.58 2.79 -1.32
N VAL A 76 -8.84 4.07 -1.62
CA VAL A 76 -8.09 5.24 -1.13
C VAL A 76 -8.38 5.49 0.36
N VAL A 77 -7.37 5.97 1.10
CA VAL A 77 -7.47 6.37 2.52
C VAL A 77 -6.71 7.68 2.72
N LYS A 78 -7.34 8.67 3.36
CA LYS A 78 -6.72 9.93 3.77
C LYS A 78 -5.94 9.74 5.10
N SER A 79 -4.64 9.50 4.98
CA SER A 79 -3.77 9.07 6.08
C SER A 79 -2.27 9.24 5.72
N ALA A 80 -1.38 8.40 6.25
CA ALA A 80 0.06 8.38 5.94
C ALA A 80 0.39 8.27 4.43
N LYS A 81 -0.56 7.86 3.59
CA LYS A 81 -0.48 7.92 2.13
C LYS A 81 -0.14 9.34 1.62
N GLU A 82 -0.60 10.39 2.32
CA GLU A 82 -0.33 11.79 2.00
C GLU A 82 1.14 12.18 2.27
N LYS A 83 1.77 11.58 3.29
CA LYS A 83 3.17 11.81 3.66
C LYS A 83 4.17 10.91 2.88
N LEU A 84 3.64 9.95 2.09
CA LEU A 84 4.38 8.87 1.44
C LEU A 84 4.54 9.09 -0.07
N LEU A 85 3.60 9.79 -0.73
CA LEU A 85 3.72 10.18 -2.14
C LEU A 85 4.94 11.09 -2.38
N ASP A 86 5.51 10.99 -3.58
CA ASP A 86 6.66 11.76 -4.11
C ASP A 86 8.05 11.30 -3.60
N GLU A 87 8.10 10.28 -2.72
CA GLU A 87 9.34 9.68 -2.21
C GLU A 87 10.04 8.74 -3.22
N MET A 88 9.40 8.50 -4.38
CA MET A 88 9.74 7.53 -5.44
C MET A 88 8.83 7.81 -6.65
N GLN A 89 9.07 7.15 -7.79
CA GLN A 89 8.37 7.42 -9.06
C GLN A 89 7.75 6.17 -9.72
N ASP A 90 8.00 4.97 -9.18
CA ASP A 90 7.61 3.69 -9.83
C ASP A 90 6.65 2.85 -8.97
N VAL A 91 7.05 2.47 -7.76
CA VAL A 91 6.17 1.83 -6.76
C VAL A 91 5.19 2.84 -6.12
N TYR A 92 5.34 4.14 -6.44
CA TYR A 92 4.41 5.21 -6.05
C TYR A 92 3.31 5.46 -7.10
N ASN A 93 3.51 5.01 -8.34
CA ASN A 93 2.69 5.39 -9.51
C ASN A 93 1.20 5.00 -9.42
N LYS A 94 0.87 4.03 -8.57
CA LYS A 94 -0.53 3.64 -8.26
C LYS A 94 -1.12 4.40 -7.05
N ILE A 95 -0.29 4.89 -6.13
CA ILE A 95 -0.71 5.46 -4.83
C ILE A 95 -1.43 6.82 -5.00
N SER A 96 -1.22 7.49 -6.12
CA SER A 96 -1.96 8.69 -6.54
C SER A 96 -3.36 8.39 -7.13
N GLN A 97 -3.68 7.11 -7.37
CA GLN A 97 -5.00 6.63 -7.81
C GLN A 97 -5.71 5.91 -6.66
N ALA A 98 -5.06 4.88 -6.09
CA ALA A 98 -5.39 4.16 -4.85
C ALA A 98 -6.74 3.40 -4.79
N GLU A 99 -7.59 3.57 -5.80
CA GLU A 99 -8.91 2.94 -5.94
C GLU A 99 -8.81 1.51 -6.53
N ASN A 100 -7.59 1.00 -6.69
CA ASN A 100 -7.27 -0.29 -7.28
C ASN A 100 -7.83 -1.45 -6.44
N SER A 101 -8.54 -2.38 -7.08
CA SER A 101 -9.36 -3.41 -6.40
C SER A 101 -8.62 -4.48 -5.59
N ASP A 102 -7.31 -4.69 -5.81
CA ASP A 102 -6.53 -5.77 -5.20
C ASP A 102 -5.01 -5.53 -5.10
N ASP A 103 -4.48 -4.47 -5.72
CA ASP A 103 -3.03 -4.17 -5.76
C ASP A 103 -2.44 -3.89 -4.37
N TRP A 104 -3.26 -3.39 -3.44
CA TRP A 104 -2.84 -3.09 -2.05
C TRP A 104 -2.26 -4.30 -1.30
N LEU A 105 -2.74 -5.52 -1.58
CA LEU A 105 -2.14 -6.75 -1.05
C LEU A 105 -0.77 -7.02 -1.68
N THR A 106 -0.65 -6.91 -3.01
CA THR A 106 0.61 -7.16 -3.73
C THR A 106 1.68 -6.14 -3.36
N ILE A 107 1.31 -4.87 -3.14
CA ILE A 107 2.24 -3.79 -2.79
C ILE A 107 2.72 -3.86 -1.33
N SER A 108 1.88 -4.34 -0.40
CA SER A 108 2.28 -4.50 1.01
C SER A 108 3.30 -5.62 1.22
N ASN A 109 3.41 -6.56 0.28
CA ASN A 109 4.49 -7.56 0.26
C ASN A 109 5.87 -6.95 -0.07
N GLU A 110 5.91 -5.75 -0.65
CA GLU A 110 7.13 -5.01 -0.98
C GLU A 110 7.43 -3.92 0.05
N PHE A 111 6.40 -3.19 0.47
CA PHE A 111 6.52 -1.97 1.27
C PHE A 111 7.02 -2.16 2.69
N ASP A 112 6.95 -3.41 3.19
CA ASP A 112 7.50 -3.85 4.47
C ASP A 112 8.94 -3.38 4.72
N LEU A 113 9.73 -3.31 3.64
CA LEU A 113 11.15 -2.92 3.64
C LEU A 113 11.43 -1.57 2.95
N ILE A 114 10.46 -1.01 2.24
CA ILE A 114 10.56 0.31 1.55
C ILE A 114 10.18 1.44 2.50
N SER A 115 8.96 1.40 3.05
CA SER A 115 8.45 2.44 3.96
C SER A 115 7.33 1.96 4.89
N ARG A 116 7.53 2.17 6.20
CA ARG A 116 6.51 1.91 7.23
C ARG A 116 5.33 2.89 7.18
N LEU A 117 5.43 4.02 6.45
CA LEU A 117 4.30 4.93 6.25
C LEU A 117 3.21 4.30 5.37
N LEU A 118 3.58 3.55 4.32
CA LEU A 118 2.61 3.00 3.38
C LEU A 118 1.77 1.90 4.05
N VAL A 119 2.39 0.96 4.77
CA VAL A 119 1.64 -0.06 5.53
C VAL A 119 0.75 0.59 6.58
N ARG A 120 1.20 1.65 7.25
CA ARG A 120 0.35 2.34 8.22
C ARG A 120 -0.82 3.08 7.58
N ALA A 121 -0.69 3.53 6.31
CA ALA A 121 -1.75 4.21 5.58
C ALA A 121 -2.97 3.31 5.36
N GLN A 122 -2.73 2.03 5.07
CA GLN A 122 -3.77 1.02 4.83
C GLN A 122 -4.20 0.29 6.13
N GLN A 123 -3.26 -0.06 7.00
CA GLN A 123 -3.49 -0.79 8.25
C GLN A 123 -4.09 0.12 9.34
N GLN A 124 -3.81 1.43 9.27
CA GLN A 124 -4.34 2.49 10.13
C GLN A 124 -3.99 2.25 11.62
N ASN A 125 -2.76 1.80 11.83
CA ASN A 125 -2.21 1.35 13.11
C ASN A 125 -1.42 2.49 13.79
N TRP A 126 -1.91 2.96 14.94
CA TRP A 126 -1.45 4.17 15.63
C TRP A 126 -1.39 4.07 17.17
N GLY A 127 -1.65 2.87 17.70
CA GLY A 127 -1.71 2.58 19.14
C GLY A 127 -3.06 2.96 19.74
N THR A 128 -4.15 2.52 19.09
CA THR A 128 -5.54 2.94 19.35
C THR A 128 -6.52 1.75 19.33
N SER A 1 21.14 42.25 -22.11
CA SER A 1 20.56 41.27 -23.06
C SER A 1 21.36 39.97 -23.07
N GLU A 2 20.68 38.82 -23.17
CA GLU A 2 21.27 37.48 -23.16
C GLU A 2 20.26 36.43 -23.69
N SER A 3 20.74 35.24 -24.05
CA SER A 3 19.92 34.14 -24.62
C SER A 3 20.62 32.77 -24.47
N GLU A 4 19.88 31.69 -24.66
CA GLU A 4 20.29 30.29 -24.48
C GLU A 4 19.57 29.37 -25.47
N LEU A 5 20.14 28.18 -25.72
CA LEU A 5 19.64 27.19 -26.68
C LEU A 5 20.08 25.76 -26.32
N ASP A 6 19.34 24.77 -26.84
CA ASP A 6 19.52 23.33 -26.61
C ASP A 6 18.76 22.51 -27.67
N GLN A 7 19.19 21.26 -27.88
CA GLN A 7 18.60 20.29 -28.81
C GLN A 7 18.80 18.81 -28.39
N GLU A 8 19.49 18.51 -27.28
CA GLU A 8 19.79 17.14 -26.83
C GLU A 8 20.24 17.15 -25.36
N SER A 9 19.38 16.65 -24.47
CA SER A 9 19.58 16.72 -23.01
C SER A 9 18.80 15.65 -22.20
N ASP A 10 18.26 14.62 -22.87
CA ASP A 10 17.43 13.55 -22.31
C ASP A 10 17.41 12.31 -23.22
N ASP A 11 17.43 11.11 -22.62
CA ASP A 11 17.48 9.80 -23.29
C ASP A 11 17.05 8.67 -22.33
N SER A 12 16.88 7.45 -22.85
CA SER A 12 16.39 6.28 -22.09
C SER A 12 17.03 4.95 -22.57
N PHE A 13 17.06 3.96 -21.67
CA PHE A 13 17.81 2.70 -21.82
C PHE A 13 17.04 1.52 -21.22
N PHE A 14 17.24 0.33 -21.79
CA PHE A 14 16.49 -0.90 -21.50
C PHE A 14 17.36 -2.16 -21.59
N ASN A 15 16.95 -3.23 -20.91
CA ASN A 15 17.67 -4.51 -20.82
C ASN A 15 16.72 -5.67 -20.44
N GLU A 16 16.99 -6.88 -20.94
CA GLU A 16 16.19 -8.09 -20.73
C GLU A 16 17.04 -9.34 -21.01
N SER A 17 17.04 -10.30 -20.09
CA SER A 17 17.97 -11.45 -20.10
C SER A 17 17.55 -12.62 -21.02
N GLU A 18 16.27 -12.70 -21.40
CA GLU A 18 15.74 -13.74 -22.29
C GLU A 18 15.89 -13.41 -23.79
N SER A 19 16.52 -12.28 -24.14
CA SER A 19 16.76 -11.84 -25.53
C SER A 19 17.89 -12.59 -26.25
N GLU A 20 18.49 -13.61 -25.62
CA GLU A 20 19.59 -14.43 -26.14
C GLU A 20 19.56 -15.82 -25.49
N SER A 21 19.81 -16.87 -26.27
CA SER A 21 19.74 -18.29 -25.85
C SER A 21 20.47 -19.20 -26.86
N GLU A 22 20.45 -20.52 -26.61
CA GLU A 22 21.14 -21.55 -27.39
C GLU A 22 20.47 -22.92 -27.15
N ALA A 23 20.53 -23.82 -28.14
CA ALA A 23 19.84 -25.12 -28.13
C ALA A 23 20.58 -26.20 -28.95
N ASP A 24 20.34 -27.46 -28.61
CA ASP A 24 20.98 -28.66 -29.17
C ASP A 24 20.13 -29.92 -28.89
N VAL A 25 20.48 -31.05 -29.49
CA VAL A 25 19.78 -32.34 -29.41
C VAL A 25 20.80 -33.45 -29.11
N ASP A 26 20.58 -34.20 -28.03
CA ASP A 26 21.48 -35.24 -27.51
C ASP A 26 21.26 -36.63 -28.13
N SER A 27 20.25 -36.80 -28.97
CA SER A 27 19.92 -38.04 -29.68
C SER A 27 20.97 -38.41 -30.75
N ASP A 28 21.13 -39.73 -31.02
CA ASP A 28 22.09 -40.30 -31.98
C ASP A 28 21.58 -41.66 -32.50
N ASP A 29 21.76 -41.90 -33.80
CA ASP A 29 21.23 -43.05 -34.53
C ASP A 29 21.96 -43.27 -35.88
N SER A 30 21.86 -44.48 -36.41
CA SER A 30 22.49 -44.94 -37.67
C SER A 30 21.64 -45.94 -38.47
N ASP A 31 20.40 -46.23 -38.02
CA ASP A 31 19.44 -47.09 -38.73
C ASP A 31 18.88 -46.43 -40.01
N ALA A 32 18.42 -47.26 -40.96
CA ALA A 32 17.86 -46.84 -42.25
C ALA A 32 16.72 -47.77 -42.70
N LYS A 33 15.79 -47.23 -43.50
CA LYS A 33 14.56 -47.88 -43.99
C LYS A 33 14.19 -47.40 -45.41
N PRO A 34 13.45 -48.22 -46.21
CA PRO A 34 13.06 -47.86 -47.57
C PRO A 34 11.93 -46.81 -47.64
N TYR A 35 11.26 -46.51 -46.52
CA TYR A 35 10.18 -45.51 -46.43
C TYR A 35 10.26 -44.69 -45.12
N GLY A 36 9.99 -43.38 -45.20
CA GLY A 36 9.97 -42.46 -44.06
C GLY A 36 8.59 -42.44 -43.37
N PRO A 37 8.52 -42.41 -42.02
CA PRO A 37 7.28 -42.28 -41.27
C PRO A 37 6.50 -40.98 -41.55
N ASP A 38 7.20 -39.89 -41.88
CA ASP A 38 6.66 -38.60 -42.37
C ASP A 38 5.84 -37.79 -41.33
N TRP A 39 5.80 -38.25 -40.08
CA TRP A 39 5.03 -37.65 -38.98
C TRP A 39 5.45 -36.20 -38.68
N PHE A 40 4.46 -35.31 -38.52
CA PHE A 40 4.64 -33.91 -38.15
C PHE A 40 5.13 -33.76 -36.69
N LYS A 41 5.98 -32.77 -36.44
CA LYS A 41 6.66 -32.54 -35.15
C LYS A 41 6.71 -31.04 -34.80
N LYS A 42 6.52 -30.70 -33.52
CA LYS A 42 6.45 -29.34 -32.97
C LYS A 42 7.05 -29.25 -31.55
N SER A 43 7.37 -28.04 -31.09
CA SER A 43 7.84 -27.78 -29.72
C SER A 43 6.68 -27.73 -28.69
N GLU A 44 7.00 -27.49 -27.41
CA GLU A 44 6.07 -27.47 -26.28
C GLU A 44 6.66 -26.66 -25.12
N PHE A 45 5.81 -26.00 -24.33
CA PHE A 45 6.16 -25.06 -23.27
C PHE A 45 6.59 -25.75 -21.95
N ARG A 46 7.53 -26.70 -22.05
CA ARG A 46 8.08 -27.46 -20.92
C ARG A 46 9.13 -26.63 -20.16
N LYS A 47 8.64 -25.75 -19.27
CA LYS A 47 9.44 -24.81 -18.45
C LYS A 47 10.38 -23.94 -19.33
N GLN A 48 11.58 -23.61 -18.85
CA GLN A 48 12.68 -22.94 -19.60
C GLN A 48 12.31 -21.49 -19.98
N GLY A 49 13.07 -20.86 -20.89
CA GLY A 49 12.79 -19.51 -21.40
C GLY A 49 13.01 -18.44 -20.33
N GLY A 50 11.95 -17.69 -20.01
CA GLY A 50 11.92 -16.67 -18.96
C GLY A 50 11.67 -17.22 -17.55
N GLY A 51 11.62 -18.55 -17.38
CA GLY A 51 11.41 -19.22 -16.07
C GLY A 51 12.63 -19.15 -15.13
N SER A 52 12.47 -19.69 -13.93
CA SER A 52 13.42 -19.58 -12.81
C SER A 52 13.19 -20.67 -11.74
N ASN A 53 14.00 -20.66 -10.66
CA ASN A 53 13.97 -21.67 -9.59
C ASN A 53 14.43 -21.07 -8.24
N LYS A 54 13.86 -21.58 -7.14
CA LYS A 54 14.23 -21.22 -5.76
C LYS A 54 15.39 -22.10 -5.24
N PHE A 55 16.33 -21.50 -4.51
CA PHE A 55 17.51 -22.16 -3.92
C PHE A 55 17.64 -21.81 -2.42
N LEU A 56 18.20 -22.75 -1.64
CA LEU A 56 18.46 -22.59 -0.21
C LEU A 56 19.71 -21.72 0.09
N LYS A 57 20.54 -21.46 -0.93
CA LYS A 57 21.76 -20.66 -0.84
C LYS A 57 21.48 -19.16 -0.57
N SER A 58 22.50 -18.46 -0.07
CA SER A 58 22.48 -16.99 0.12
C SER A 58 22.21 -16.22 -1.18
N SER A 59 21.63 -15.01 -1.07
CA SER A 59 21.32 -14.10 -2.21
C SER A 59 20.18 -14.59 -3.12
N ASN A 60 19.41 -15.61 -2.72
CA ASN A 60 18.16 -16.00 -3.38
C ASN A 60 17.05 -14.96 -3.16
N TYR A 61 17.04 -14.34 -1.98
CA TYR A 61 16.03 -13.37 -1.48
C TYR A 61 14.61 -13.99 -1.35
N ASP A 62 13.60 -13.15 -1.10
CA ASP A 62 12.21 -13.55 -0.82
C ASP A 62 11.42 -13.92 -2.09
N SER A 63 10.26 -14.55 -1.88
CA SER A 63 9.30 -14.99 -2.91
C SER A 63 7.85 -14.68 -2.48
N SER A 64 6.88 -14.87 -3.37
CA SER A 64 5.46 -14.53 -3.11
C SER A 64 4.49 -15.51 -3.82
N ASP A 65 3.32 -15.74 -3.21
CA ASP A 65 2.28 -16.69 -3.61
C ASP A 65 0.95 -16.36 -2.90
N GLU A 66 -0.17 -16.89 -3.40
CA GLU A 66 -1.51 -16.66 -2.85
C GLU A 66 -1.66 -17.31 -1.46
N GLU A 67 -1.91 -16.48 -0.44
CA GLU A 67 -2.08 -16.89 0.96
C GLU A 67 -2.80 -15.78 1.75
N SER A 68 -3.89 -16.12 2.43
CA SER A 68 -4.81 -15.17 3.10
C SER A 68 -4.32 -14.72 4.50
N ASP A 69 -3.00 -14.60 4.69
CA ASP A 69 -2.37 -14.24 5.97
C ASP A 69 -2.62 -12.78 6.42
N GLU A 70 -3.01 -11.92 5.48
CA GLU A 70 -3.38 -10.51 5.67
C GLU A 70 -4.47 -10.11 4.65
N GLU A 71 -5.17 -9.01 4.94
CA GLU A 71 -6.31 -8.51 4.16
C GLU A 71 -5.91 -7.30 3.29
N ASP A 72 -6.30 -7.32 2.02
CA ASP A 72 -6.13 -6.20 1.08
C ASP A 72 -7.16 -5.07 1.33
N GLY A 73 -6.66 -3.82 1.39
CA GLY A 73 -7.48 -2.61 1.39
C GLY A 73 -7.82 -2.14 -0.02
N LYS A 74 -8.77 -1.22 -0.14
CA LYS A 74 -9.22 -0.64 -1.43
C LYS A 74 -9.63 0.85 -1.33
N LYS A 75 -9.47 1.48 -0.17
CA LYS A 75 -9.93 2.85 0.14
C LYS A 75 -8.99 3.56 1.14
N VAL A 76 -8.86 4.88 1.01
CA VAL A 76 -8.13 5.81 1.90
C VAL A 76 -8.81 7.19 1.86
N VAL A 77 -8.78 7.94 2.98
CA VAL A 77 -9.55 9.18 3.17
C VAL A 77 -8.66 10.29 3.75
N LYS A 78 -7.94 10.03 4.85
CA LYS A 78 -6.97 10.94 5.48
C LYS A 78 -5.83 10.12 6.08
N SER A 79 -4.64 10.16 5.46
CA SER A 79 -3.55 9.26 5.83
C SER A 79 -2.18 9.65 5.25
N ALA A 80 -1.15 8.88 5.62
CA ALA A 80 0.22 8.96 5.11
C ALA A 80 0.34 8.90 3.57
N LYS A 81 -0.67 8.38 2.85
CA LYS A 81 -0.74 8.44 1.38
C LYS A 81 -0.68 9.90 0.86
N GLU A 82 -1.16 10.87 1.65
CA GLU A 82 -1.15 12.29 1.28
C GLU A 82 0.24 12.95 1.36
N LYS A 83 1.25 12.30 1.96
CA LYS A 83 2.62 12.81 2.10
C LYS A 83 3.72 11.86 1.56
N LEU A 84 3.40 10.56 1.37
CA LEU A 84 4.28 9.54 0.80
C LEU A 84 4.44 9.65 -0.73
N LEU A 85 3.53 10.36 -1.40
CA LEU A 85 3.53 10.59 -2.86
C LEU A 85 4.61 11.60 -3.30
N ASP A 86 5.87 11.20 -3.14
CA ASP A 86 7.08 12.01 -3.44
C ASP A 86 8.39 11.18 -3.51
N GLU A 87 8.46 10.03 -2.82
CA GLU A 87 9.72 9.29 -2.61
C GLU A 87 10.16 8.37 -3.77
N MET A 88 9.34 8.23 -4.83
CA MET A 88 9.52 7.32 -5.97
C MET A 88 8.51 7.67 -7.09
N GLN A 89 8.60 7.01 -8.25
CA GLN A 89 7.77 7.26 -9.43
C GLN A 89 7.17 5.96 -10.04
N ASP A 90 7.57 4.78 -9.52
CA ASP A 90 7.27 3.46 -10.11
C ASP A 90 6.31 2.62 -9.25
N VAL A 91 6.72 2.31 -8.03
CA VAL A 91 5.91 1.62 -7.00
C VAL A 91 4.97 2.58 -6.26
N TYR A 92 5.02 3.87 -6.64
CA TYR A 92 4.14 4.96 -6.21
C TYR A 92 2.95 5.18 -7.17
N ASN A 93 3.04 4.63 -8.39
CA ASN A 93 2.15 4.98 -9.51
C ASN A 93 0.66 4.65 -9.27
N LYS A 94 0.34 3.63 -8.46
CA LYS A 94 -1.04 3.34 -8.03
C LYS A 94 -1.51 4.12 -6.79
N ILE A 95 -0.58 4.56 -5.93
CA ILE A 95 -0.87 5.20 -4.63
C ILE A 95 -1.59 6.55 -4.85
N SER A 96 -1.40 7.18 -6.00
CA SER A 96 -2.04 8.43 -6.43
C SER A 96 -3.58 8.34 -6.64
N GLN A 97 -4.16 7.13 -6.63
CA GLN A 97 -5.59 6.89 -6.85
C GLN A 97 -6.13 5.85 -5.86
N ALA A 98 -5.44 4.70 -5.71
CA ALA A 98 -5.62 3.67 -4.68
C ALA A 98 -6.94 2.90 -4.58
N GLU A 99 -7.97 3.36 -5.29
CA GLU A 99 -9.26 2.68 -5.49
C GLU A 99 -9.35 1.98 -6.86
N ASN A 100 -8.33 2.18 -7.70
CA ASN A 100 -8.20 1.61 -9.05
C ASN A 100 -7.25 0.39 -9.04
N SER A 101 -7.26 -0.37 -7.95
CA SER A 101 -6.30 -1.44 -7.65
C SER A 101 -6.85 -2.44 -6.61
N ASP A 102 -6.48 -3.71 -6.77
CA ASP A 102 -6.72 -4.81 -5.82
C ASP A 102 -5.37 -5.37 -5.27
N ASP A 103 -4.27 -4.67 -5.55
CA ASP A 103 -2.88 -5.09 -5.35
C ASP A 103 -2.32 -4.71 -3.97
N TRP A 104 -3.16 -4.18 -3.07
CA TRP A 104 -2.75 -3.65 -1.77
C TRP A 104 -2.10 -4.69 -0.83
N LEU A 105 -2.42 -5.99 -0.96
CA LEU A 105 -1.68 -7.05 -0.26
C LEU A 105 -0.30 -7.27 -0.91
N THR A 106 -0.26 -7.35 -2.25
CA THR A 106 0.96 -7.61 -3.05
C THR A 106 2.00 -6.50 -2.88
N ILE A 107 1.57 -5.24 -2.88
CA ILE A 107 2.48 -4.08 -2.69
C ILE A 107 3.03 -4.02 -1.26
N SER A 108 2.26 -4.46 -0.27
CA SER A 108 2.68 -4.45 1.14
C SER A 108 3.77 -5.49 1.44
N ASN A 109 3.95 -6.49 0.57
CA ASN A 109 5.09 -7.42 0.64
C ASN A 109 6.42 -6.75 0.23
N GLU A 110 6.37 -5.63 -0.49
CA GLU A 110 7.53 -4.80 -0.85
C GLU A 110 7.70 -3.65 0.15
N PHE A 111 6.59 -3.02 0.56
CA PHE A 111 6.59 -1.86 1.44
C PHE A 111 7.03 -2.17 2.87
N ASP A 112 7.05 -3.45 3.24
CA ASP A 112 7.68 -3.98 4.44
C ASP A 112 9.14 -3.48 4.57
N LEU A 113 9.81 -3.36 3.41
CA LEU A 113 11.20 -2.92 3.26
C LEU A 113 11.32 -1.49 2.72
N ILE A 114 10.43 -1.06 1.81
CA ILE A 114 10.46 0.32 1.24
C ILE A 114 10.05 1.35 2.30
N SER A 115 8.84 1.26 2.83
CA SER A 115 8.29 2.23 3.79
C SER A 115 7.12 1.69 4.62
N ARG A 116 7.29 1.63 5.96
CA ARG A 116 6.22 1.29 6.90
C ARG A 116 5.08 2.33 6.89
N LEU A 117 5.33 3.56 6.44
CA LEU A 117 4.31 4.62 6.30
C LEU A 117 3.17 4.20 5.35
N LEU A 118 3.44 3.40 4.33
CA LEU A 118 2.42 2.88 3.40
C LEU A 118 1.49 1.88 4.11
N VAL A 119 2.00 1.06 5.02
CA VAL A 119 1.19 0.18 5.89
C VAL A 119 0.29 1.02 6.80
N ARG A 120 0.79 2.15 7.30
CA ARG A 120 -0.03 3.10 8.07
C ARG A 120 -1.06 3.81 7.17
N ALA A 121 -0.76 4.07 5.91
CA ALA A 121 -1.61 4.81 4.98
C ALA A 121 -2.91 4.06 4.65
N GLN A 122 -2.82 2.74 4.44
CA GLN A 122 -3.97 1.88 4.18
C GLN A 122 -4.77 1.52 5.45
N GLN A 123 -4.14 1.57 6.63
CA GLN A 123 -4.78 1.19 7.90
C GLN A 123 -5.45 2.39 8.59
N GLN A 124 -4.91 3.61 8.42
CA GLN A 124 -5.45 4.88 8.95
C GLN A 124 -5.56 4.87 10.49
N ASN A 125 -4.59 4.23 11.15
CA ASN A 125 -4.61 3.94 12.58
C ASN A 125 -4.12 5.13 13.43
N TRP A 126 -4.99 6.14 13.58
CA TRP A 126 -4.69 7.43 14.22
C TRP A 126 -5.30 7.61 15.62
N GLY A 127 -6.15 6.67 16.05
CA GLY A 127 -6.75 6.62 17.40
C GLY A 127 -8.00 7.49 17.57
N THR A 128 -8.62 7.95 16.47
CA THR A 128 -9.75 8.90 16.42
C THR A 128 -10.76 8.55 15.33
N SER A 1 6.41 108.71 29.80
CA SER A 1 6.55 108.30 31.21
C SER A 1 5.31 107.53 31.70
N GLU A 2 5.44 106.80 32.81
CA GLU A 2 4.37 106.01 33.44
C GLU A 2 4.51 106.08 34.98
N SER A 3 3.39 106.15 35.70
CA SER A 3 3.35 106.32 37.16
C SER A 3 2.01 105.94 37.83
N GLU A 4 0.97 105.66 37.06
CA GLU A 4 -0.38 105.31 37.52
C GLU A 4 -0.51 103.80 37.81
N LEU A 5 -1.23 103.47 38.90
CA LEU A 5 -1.48 102.10 39.34
C LEU A 5 -2.84 101.61 38.83
N ASP A 6 -2.92 101.41 37.51
CA ASP A 6 -4.11 100.98 36.74
C ASP A 6 -5.21 102.07 36.68
N GLN A 7 -6.35 101.77 36.05
CA GLN A 7 -7.48 102.68 35.84
C GLN A 7 -8.80 101.89 35.90
N GLU A 8 -9.80 102.45 36.60
CA GLU A 8 -11.16 101.91 36.65
C GLU A 8 -11.89 102.14 35.32
N SER A 9 -12.44 101.08 34.74
CA SER A 9 -13.16 101.02 33.46
C SER A 9 -13.77 99.61 33.26
N ASP A 10 -14.78 99.48 32.39
CA ASP A 10 -15.51 98.23 32.13
C ASP A 10 -16.21 98.24 30.75
N ASP A 11 -16.37 97.05 30.16
CA ASP A 11 -16.97 96.82 28.84
C ASP A 11 -17.66 95.44 28.72
N SER A 12 -17.84 94.74 29.85
CA SER A 12 -18.38 93.38 29.99
C SER A 12 -18.71 93.08 31.47
N PHE A 13 -19.57 92.08 31.71
CA PHE A 13 -20.03 91.66 33.04
C PHE A 13 -20.56 90.21 33.04
N PHE A 14 -20.86 89.67 34.22
CA PHE A 14 -21.45 88.34 34.42
C PHE A 14 -22.25 88.29 35.72
N ASN A 15 -23.38 87.56 35.70
CA ASN A 15 -24.29 87.38 36.84
C ASN A 15 -25.27 86.18 36.68
N GLU A 16 -25.58 85.76 35.45
CA GLU A 16 -26.54 84.70 35.11
C GLU A 16 -26.32 84.25 33.66
N SER A 17 -26.50 82.96 33.38
CA SER A 17 -26.35 82.34 32.05
C SER A 17 -27.06 80.97 31.98
N GLU A 18 -27.06 80.33 30.82
CA GLU A 18 -27.76 79.07 30.51
C GLU A 18 -27.15 78.40 29.26
N SER A 19 -27.18 77.07 29.19
CA SER A 19 -26.60 76.25 28.10
C SER A 19 -27.12 74.80 28.14
N GLU A 20 -27.39 74.21 26.97
CA GLU A 20 -27.88 72.84 26.82
C GLU A 20 -26.74 71.80 26.92
N SER A 21 -27.02 70.65 27.52
CA SER A 21 -26.07 69.54 27.71
C SER A 21 -25.78 68.75 26.41
N GLU A 22 -24.61 68.10 26.34
CA GLU A 22 -24.17 67.25 25.23
C GLU A 22 -23.38 66.03 25.78
N ALA A 23 -23.42 64.90 25.06
CA ALA A 23 -22.80 63.63 25.45
C ALA A 23 -22.55 62.71 24.24
N ASP A 24 -21.62 61.75 24.40
CA ASP A 24 -21.14 60.84 23.34
C ASP A 24 -22.00 59.56 23.21
N VAL A 25 -23.19 59.55 23.79
CA VAL A 25 -24.14 58.42 23.79
C VAL A 25 -24.63 58.07 22.38
N ASP A 26 -24.81 56.77 22.13
CA ASP A 26 -25.29 56.13 20.88
C ASP A 26 -24.41 56.33 19.62
N SER A 27 -23.28 57.02 19.74
CA SER A 27 -22.27 57.15 18.67
C SER A 27 -21.59 55.80 18.32
N ASP A 28 -21.09 55.68 17.09
CA ASP A 28 -20.61 54.42 16.49
C ASP A 28 -19.48 54.63 15.44
N ASP A 29 -19.01 53.52 14.84
CA ASP A 29 -17.87 53.46 13.92
C ASP A 29 -18.05 54.32 12.65
N SER A 30 -16.94 54.85 12.12
CA SER A 30 -16.87 55.73 10.95
C SER A 30 -15.66 55.41 10.05
N ASP A 31 -15.74 55.75 8.76
CA ASP A 31 -14.73 55.40 7.76
C ASP A 31 -13.36 56.09 8.00
N ALA A 32 -12.33 55.27 8.24
CA ALA A 32 -10.94 55.64 8.50
C ALA A 32 -10.03 54.39 8.46
N LYS A 33 -8.72 54.58 8.28
CA LYS A 33 -7.72 53.50 8.22
C LYS A 33 -6.34 53.93 8.82
N PRO A 34 -5.77 53.18 9.79
CA PRO A 34 -4.46 53.46 10.36
C PRO A 34 -3.31 52.84 9.54
N TYR A 35 -3.58 51.81 8.74
CA TYR A 35 -2.61 51.00 7.98
C TYR A 35 -3.22 50.45 6.67
N GLY A 36 -2.41 49.75 5.86
CA GLY A 36 -2.79 49.16 4.58
C GLY A 36 -2.26 49.97 3.39
N PRO A 37 -2.98 49.99 2.25
CA PRO A 37 -2.57 50.67 1.03
C PRO A 37 -2.66 52.20 1.17
N ASP A 38 -1.88 52.93 0.37
CA ASP A 38 -1.81 54.40 0.37
C ASP A 38 -1.17 54.97 -0.91
N TRP A 39 -0.14 54.31 -1.44
CA TRP A 39 0.66 54.70 -2.59
C TRP A 39 1.30 53.50 -3.32
N PHE A 40 1.59 53.69 -4.61
CA PHE A 40 2.18 52.69 -5.52
C PHE A 40 2.67 53.34 -6.83
N LYS A 41 3.56 52.64 -7.54
CA LYS A 41 4.08 53.02 -8.87
C LYS A 41 4.22 51.78 -9.77
N LYS A 42 3.77 51.88 -11.03
CA LYS A 42 3.73 50.76 -11.98
C LYS A 42 5.07 50.45 -12.67
N SER A 43 6.10 51.28 -12.47
CA SER A 43 7.45 51.12 -13.03
C SER A 43 8.14 49.81 -12.62
N GLU A 44 8.96 49.25 -13.51
CA GLU A 44 9.84 48.11 -13.22
C GLU A 44 11.15 48.55 -12.53
N PHE A 45 11.88 47.59 -11.93
CA PHE A 45 13.21 47.76 -11.33
C PHE A 45 13.23 48.67 -10.07
N ARG A 46 12.06 48.92 -9.47
CA ARG A 46 11.89 49.71 -8.24
C ARG A 46 12.70 49.14 -7.06
N LYS A 47 13.37 50.02 -6.32
CA LYS A 47 14.09 49.69 -5.07
C LYS A 47 13.12 49.43 -3.89
N GLN A 48 13.63 48.88 -2.78
CA GLN A 48 12.86 48.55 -1.59
C GLN A 48 13.75 48.63 -0.34
N GLY A 49 13.34 49.42 0.66
CA GLY A 49 14.09 49.70 1.90
C GLY A 49 13.62 48.90 3.13
N GLY A 50 12.90 47.79 2.91
CA GLY A 50 12.29 46.99 3.98
C GLY A 50 13.30 46.19 4.81
N GLY A 51 12.91 45.86 6.05
CA GLY A 51 13.73 45.12 7.02
C GLY A 51 13.62 43.60 6.89
N SER A 52 14.18 42.90 7.88
CA SER A 52 14.30 41.42 7.93
C SER A 52 14.17 40.90 9.37
N ASN A 53 13.90 39.59 9.53
CA ASN A 53 13.72 38.91 10.81
C ASN A 53 14.07 37.41 10.72
N LYS A 54 14.67 36.85 11.77
CA LYS A 54 15.19 35.47 11.84
C LYS A 54 14.97 34.82 13.22
N PHE A 55 15.08 33.49 13.29
CA PHE A 55 14.94 32.68 14.52
C PHE A 55 15.75 31.38 14.40
N LEU A 56 16.40 30.96 15.49
CA LEU A 56 17.39 29.88 15.50
C LEU A 56 16.77 28.47 15.47
N LYS A 57 15.66 28.23 16.18
CA LYS A 57 15.05 26.90 16.31
C LYS A 57 14.06 26.61 15.17
N SER A 58 14.50 25.87 14.16
CA SER A 58 13.68 25.44 13.02
C SER A 58 12.96 24.09 13.25
N SER A 59 13.38 23.31 14.25
CA SER A 59 12.83 21.99 14.65
C SER A 59 13.05 20.88 13.59
N ASN A 60 12.57 19.66 13.88
CA ASN A 60 12.71 18.48 13.01
C ASN A 60 11.67 17.38 13.32
N TYR A 61 11.41 16.52 12.34
CA TYR A 61 10.62 15.29 12.48
C TYR A 61 11.50 14.11 12.97
N ASP A 62 10.88 13.09 13.57
CA ASP A 62 11.52 11.88 14.10
C ASP A 62 10.49 10.75 14.28
N SER A 63 10.84 9.52 13.89
CA SER A 63 9.98 8.33 13.95
C SER A 63 10.78 7.03 13.74
N SER A 64 10.16 5.88 14.01
CA SER A 64 10.69 4.52 13.79
C SER A 64 9.55 3.48 13.89
N ASP A 65 9.65 2.38 13.14
CA ASP A 65 8.68 1.27 13.16
C ASP A 65 9.33 -0.02 12.61
N GLU A 66 9.29 -1.09 13.39
CA GLU A 66 10.01 -2.35 13.16
C GLU A 66 9.12 -3.49 12.64
N GLU A 67 7.82 -3.25 12.43
CA GLU A 67 6.83 -4.30 12.11
C GLU A 67 5.71 -3.80 11.18
N SER A 68 4.89 -4.72 10.67
CA SER A 68 3.88 -4.48 9.62
C SER A 68 2.57 -5.27 9.88
N ASP A 69 1.52 -4.92 9.12
CA ASP A 69 0.18 -5.52 9.15
C ASP A 69 -0.47 -5.37 7.75
N GLU A 70 -1.45 -6.22 7.40
CA GLU A 70 -1.94 -6.32 6.02
C GLU A 70 -3.43 -6.68 5.89
N GLU A 71 -4.00 -6.27 4.75
CA GLU A 71 -5.31 -6.59 4.20
C GLU A 71 -5.17 -6.60 2.67
N ASP A 72 -5.93 -7.44 1.96
CA ASP A 72 -5.78 -7.61 0.50
C ASP A 72 -6.29 -6.42 -0.34
N GLY A 73 -7.04 -5.49 0.28
CA GLY A 73 -7.50 -4.24 -0.33
C GLY A 73 -8.40 -3.43 0.59
N LYS A 74 -8.19 -2.10 0.59
CA LYS A 74 -9.00 -1.10 1.30
C LYS A 74 -8.73 0.29 0.68
N LYS A 75 -9.78 0.89 0.11
CA LYS A 75 -9.66 2.13 -0.70
C LYS A 75 -9.35 3.36 0.19
N VAL A 76 -8.37 4.18 -0.20
CA VAL A 76 -7.81 5.27 0.65
C VAL A 76 -7.27 6.45 -0.17
N VAL A 77 -7.51 7.67 0.34
CA VAL A 77 -7.00 8.94 -0.20
C VAL A 77 -6.58 9.87 0.95
N LYS A 78 -7.53 10.25 1.82
CA LYS A 78 -7.27 10.98 3.06
C LYS A 78 -6.66 10.02 4.12
N SER A 79 -5.34 9.96 4.17
CA SER A 79 -4.56 8.97 4.93
C SER A 79 -3.07 9.36 4.97
N ALA A 80 -2.24 8.57 5.68
CA ALA A 80 -0.76 8.70 5.67
C ALA A 80 -0.15 8.57 4.27
N LYS A 81 -0.93 8.08 3.29
CA LYS A 81 -0.63 8.07 1.85
C LYS A 81 -0.23 9.47 1.33
N GLU A 82 -0.83 10.53 1.87
CA GLU A 82 -0.57 11.93 1.52
C GLU A 82 0.87 12.38 1.89
N LYS A 83 1.49 11.73 2.87
CA LYS A 83 2.86 12.01 3.33
C LYS A 83 3.90 11.01 2.76
N LEU A 84 3.49 10.17 1.81
CA LEU A 84 4.23 9.02 1.27
C LEU A 84 4.39 9.08 -0.26
N LEU A 85 3.42 9.65 -0.97
CA LEU A 85 3.51 9.92 -2.42
C LEU A 85 4.73 10.79 -2.77
N ASP A 86 5.25 10.61 -3.99
CA ASP A 86 6.36 11.32 -4.65
C ASP A 86 7.77 11.11 -4.04
N GLU A 87 7.90 10.28 -2.99
CA GLU A 87 9.21 9.83 -2.46
C GLU A 87 9.90 8.75 -3.35
N MET A 88 9.28 8.39 -4.47
CA MET A 88 9.64 7.36 -5.45
C MET A 88 8.80 7.56 -6.74
N GLN A 89 9.13 6.88 -7.83
CA GLN A 89 8.56 7.14 -9.17
C GLN A 89 8.32 5.86 -10.01
N ASP A 90 8.17 4.73 -9.34
CA ASP A 90 7.82 3.43 -9.96
C ASP A 90 6.66 2.77 -9.21
N VAL A 91 6.94 2.16 -8.05
CA VAL A 91 5.98 1.50 -7.14
C VAL A 91 4.88 2.46 -6.63
N TYR A 92 5.15 3.76 -6.67
CA TYR A 92 4.23 4.81 -6.24
C TYR A 92 3.11 5.11 -7.26
N ASN A 93 3.28 4.73 -8.53
CA ASN A 93 2.38 5.18 -9.61
C ASN A 93 0.92 4.69 -9.47
N LYS A 94 0.66 3.60 -8.73
CA LYS A 94 -0.70 3.15 -8.39
C LYS A 94 -1.30 3.90 -7.18
N ILE A 95 -0.44 4.35 -6.26
CA ILE A 95 -0.80 4.96 -4.97
C ILE A 95 -1.48 6.32 -5.19
N SER A 96 -1.15 7.00 -6.29
CA SER A 96 -1.78 8.24 -6.79
C SER A 96 -3.28 8.09 -7.14
N GLN A 97 -3.87 6.90 -7.00
CA GLN A 97 -5.30 6.64 -7.08
C GLN A 97 -5.76 5.93 -5.81
N ALA A 98 -5.50 4.61 -5.68
CA ALA A 98 -5.84 3.79 -4.49
C ALA A 98 -7.35 3.77 -4.14
N GLU A 99 -8.22 3.95 -5.14
CA GLU A 99 -9.68 3.83 -5.08
C GLU A 99 -10.22 2.74 -6.03
N ASN A 100 -9.34 1.95 -6.65
CA ASN A 100 -9.66 0.87 -7.59
C ASN A 100 -8.41 -0.01 -7.79
N SER A 101 -7.99 -0.71 -6.75
CA SER A 101 -6.69 -1.40 -6.69
C SER A 101 -6.75 -2.73 -5.91
N ASP A 102 -6.56 -3.85 -6.60
CA ASP A 102 -6.36 -5.19 -6.00
C ASP A 102 -4.87 -5.48 -5.69
N ASP A 103 -3.98 -4.58 -6.15
CA ASP A 103 -2.54 -4.58 -5.94
C ASP A 103 -2.12 -4.38 -4.46
N TRP A 104 -3.03 -3.94 -3.60
CA TRP A 104 -2.76 -3.68 -2.18
C TRP A 104 -2.18 -4.88 -1.42
N LEU A 105 -2.53 -6.13 -1.79
CA LEU A 105 -1.87 -7.32 -1.26
C LEU A 105 -0.40 -7.38 -1.70
N THR A 106 -0.14 -7.36 -3.00
CA THR A 106 1.18 -7.50 -3.63
C THR A 106 2.15 -6.41 -3.16
N ILE A 107 1.69 -5.16 -3.07
CA ILE A 107 2.53 -4.02 -2.66
C ILE A 107 2.94 -4.10 -1.18
N SER A 108 2.10 -4.67 -0.31
CA SER A 108 2.39 -4.81 1.12
C SER A 108 3.51 -5.82 1.41
N ASN A 109 3.78 -6.72 0.46
CA ASN A 109 4.92 -7.64 0.52
C ASN A 109 6.26 -6.95 0.18
N GLU A 110 6.23 -5.74 -0.38
CA GLU A 110 7.41 -4.93 -0.71
C GLU A 110 7.65 -3.81 0.32
N PHE A 111 6.56 -3.15 0.74
CA PHE A 111 6.63 -1.91 1.54
C PHE A 111 7.12 -2.12 2.97
N ASP A 112 7.16 -3.37 3.44
CA ASP A 112 7.80 -3.82 4.67
C ASP A 112 9.23 -3.29 4.82
N LEU A 113 9.92 -3.14 3.68
CA LEU A 113 11.32 -2.69 3.60
C LEU A 113 11.51 -1.34 2.90
N ILE A 114 10.47 -0.83 2.22
CA ILE A 114 10.46 0.51 1.58
C ILE A 114 10.03 1.58 2.61
N SER A 115 8.81 1.45 3.16
CA SER A 115 8.26 2.40 4.14
C SER A 115 7.03 1.89 4.90
N ARG A 116 7.12 1.92 6.23
CA ARG A 116 5.97 1.66 7.12
C ARG A 116 4.89 2.78 7.07
N LEU A 117 5.16 3.95 6.50
CA LEU A 117 4.11 4.98 6.28
C LEU A 117 3.03 4.48 5.32
N LEU A 118 3.42 3.74 4.27
CA LEU A 118 2.48 3.12 3.33
C LEU A 118 1.67 2.01 4.00
N VAL A 119 2.33 1.15 4.78
CA VAL A 119 1.67 0.11 5.59
C VAL A 119 0.61 0.72 6.51
N ARG A 120 0.95 1.83 7.18
CA ARG A 120 0.01 2.57 8.02
C ARG A 120 -1.14 3.18 7.20
N ALA A 121 -0.89 3.62 5.97
CA ALA A 121 -1.88 4.29 5.12
C ALA A 121 -2.99 3.34 4.63
N GLN A 122 -2.64 2.07 4.36
CA GLN A 122 -3.61 1.06 3.94
C GLN A 122 -4.33 0.40 5.12
N GLN A 123 -3.69 0.26 6.28
CA GLN A 123 -4.31 -0.38 7.45
C GLN A 123 -5.16 0.59 8.27
N GLN A 124 -4.74 1.85 8.41
CA GLN A 124 -5.43 2.93 9.12
C GLN A 124 -5.74 2.56 10.58
N ASN A 125 -4.69 2.40 11.40
CA ASN A 125 -4.81 1.97 12.80
C ASN A 125 -5.60 2.95 13.71
N TRP A 126 -5.83 4.18 13.24
CA TRP A 126 -6.67 5.22 13.86
C TRP A 126 -8.16 5.07 13.54
N GLY A 127 -8.49 4.38 12.43
CA GLY A 127 -9.84 4.05 11.96
C GLY A 127 -10.19 2.60 12.28
N THR A 128 -10.27 1.76 11.23
CA THR A 128 -10.68 0.34 11.28
C THR A 128 -10.30 -0.40 9.99
N SER A 1 -57.68 11.27 84.19
CA SER A 1 -58.19 10.77 82.90
C SER A 1 -59.67 11.08 82.74
N GLU A 2 -60.11 11.42 81.52
CA GLU A 2 -61.51 11.76 81.17
C GLU A 2 -61.73 11.66 79.65
N SER A 3 -62.98 11.51 79.22
CA SER A 3 -63.38 11.27 77.83
C SER A 3 -64.90 11.50 77.61
N GLU A 4 -65.36 11.39 76.38
CA GLU A 4 -66.73 11.70 75.93
C GLU A 4 -67.23 10.71 74.87
N LEU A 5 -68.55 10.52 74.81
CA LEU A 5 -69.28 9.58 73.95
C LEU A 5 -70.80 9.88 73.95
N ASP A 6 -71.54 9.18 73.07
CA ASP A 6 -73.01 9.18 72.93
C ASP A 6 -73.59 10.43 72.24
N GLN A 7 -74.72 10.24 71.53
CA GLN A 7 -75.57 11.23 70.86
C GLN A 7 -74.90 11.98 69.68
N GLU A 8 -73.83 12.72 69.97
CA GLU A 8 -73.05 13.52 69.00
C GLU A 8 -71.54 13.44 69.26
N SER A 9 -71.08 13.01 70.44
CA SER A 9 -69.66 12.94 70.81
C SER A 9 -68.93 11.70 70.25
N ASP A 10 -69.64 10.85 69.50
CA ASP A 10 -69.10 9.70 68.77
C ASP A 10 -68.45 10.09 67.41
N ASP A 11 -68.60 11.35 66.98
CA ASP A 11 -68.20 11.87 65.66
C ASP A 11 -67.61 13.29 65.70
N SER A 12 -67.32 13.80 66.90
CA SER A 12 -66.79 15.17 67.13
C SER A 12 -65.25 15.28 67.04
N PHE A 13 -64.53 14.17 66.79
CA PHE A 13 -63.07 14.13 66.68
C PHE A 13 -62.58 14.64 65.31
N PHE A 14 -61.50 15.44 65.34
CA PHE A 14 -60.81 16.00 64.18
C PHE A 14 -59.30 16.17 64.46
N ASN A 15 -58.48 16.16 63.40
CA ASN A 15 -57.05 16.45 63.48
C ASN A 15 -56.77 17.92 63.85
N GLU A 16 -55.73 18.16 64.66
CA GLU A 16 -55.38 19.48 65.22
C GLU A 16 -53.86 19.65 65.35
N SER A 17 -53.38 20.89 65.36
CA SER A 17 -51.97 21.29 65.47
C SER A 17 -51.84 22.77 65.90
N GLU A 18 -50.61 23.24 66.14
CA GLU A 18 -50.31 24.59 66.63
C GLU A 18 -49.08 25.14 65.88
N SER A 19 -49.31 25.91 64.81
CA SER A 19 -48.29 26.53 63.96
C SER A 19 -48.94 27.56 63.00
N GLU A 20 -48.13 28.48 62.45
CA GLU A 20 -48.52 29.50 61.48
C GLU A 20 -47.25 30.04 60.79
N SER A 21 -47.21 30.01 59.45
CA SER A 21 -46.03 30.29 58.63
C SER A 21 -46.38 30.45 57.12
N GLU A 22 -45.37 30.73 56.30
CA GLU A 22 -45.45 30.83 54.83
C GLU A 22 -44.08 30.54 54.20
N ALA A 23 -44.09 30.11 52.93
CA ALA A 23 -42.91 29.63 52.20
C ALA A 23 -43.07 29.72 50.67
N ASP A 24 -41.99 29.47 49.94
CA ASP A 24 -41.90 29.53 48.47
C ASP A 24 -40.73 28.63 47.96
N VAL A 25 -40.70 28.37 46.65
CA VAL A 25 -39.77 27.44 45.97
C VAL A 25 -39.31 28.07 44.65
N ASP A 26 -38.02 27.92 44.35
CA ASP A 26 -37.35 28.47 43.16
C ASP A 26 -36.27 27.50 42.64
N SER A 27 -36.23 27.30 41.32
CA SER A 27 -35.40 26.31 40.61
C SER A 27 -35.42 26.56 39.09
N ASP A 28 -34.95 25.61 38.28
CA ASP A 28 -34.89 25.66 36.82
C ASP A 28 -35.12 24.26 36.19
N ASP A 29 -35.75 24.25 35.01
CA ASP A 29 -36.22 23.04 34.32
C ASP A 29 -35.33 22.64 33.12
N SER A 30 -35.32 21.34 32.79
CA SER A 30 -34.56 20.73 31.70
C SER A 30 -35.07 19.29 31.42
N ASP A 31 -34.55 18.64 30.38
CA ASP A 31 -34.92 17.28 29.95
C ASP A 31 -33.77 16.62 29.14
N ALA A 32 -33.53 15.33 29.40
CA ALA A 32 -32.35 14.59 28.90
C ALA A 32 -32.55 13.06 28.84
N LYS A 33 -33.80 12.59 28.61
CA LYS A 33 -34.13 11.16 28.56
C LYS A 33 -33.30 10.40 27.49
N PRO A 34 -32.69 9.23 27.82
CA PRO A 34 -31.80 8.51 26.93
C PRO A 34 -32.51 7.69 25.84
N TYR A 35 -33.81 7.42 25.98
CA TYR A 35 -34.60 6.58 25.07
C TYR A 35 -36.06 7.07 24.92
N GLY A 36 -36.65 6.86 23.74
CA GLY A 36 -38.07 7.11 23.45
C GLY A 36 -38.97 5.90 23.78
N PRO A 37 -40.29 6.00 23.50
CA PRO A 37 -41.25 4.93 23.76
C PRO A 37 -41.11 3.78 22.76
N ASP A 38 -41.55 2.59 23.17
CA ASP A 38 -41.51 1.34 22.37
C ASP A 38 -42.85 0.57 22.37
N TRP A 39 -43.73 0.85 23.35
CA TRP A 39 -45.13 0.38 23.49
C TRP A 39 -45.31 -1.11 23.83
N PHE A 40 -44.32 -1.96 23.49
CA PHE A 40 -44.18 -3.38 23.84
C PHE A 40 -45.23 -4.31 23.19
N LYS A 41 -44.92 -5.62 23.16
CA LYS A 41 -45.81 -6.72 22.75
C LYS A 41 -45.33 -8.07 23.32
N LYS A 42 -46.28 -8.94 23.71
CA LYS A 42 -46.01 -10.26 24.29
C LYS A 42 -45.62 -11.31 23.23
N SER A 43 -44.98 -12.40 23.68
CA SER A 43 -44.78 -13.61 22.86
C SER A 43 -46.11 -14.36 22.70
N GLU A 44 -46.38 -14.97 21.54
CA GLU A 44 -47.67 -15.56 21.22
C GLU A 44 -47.55 -16.62 20.11
N PHE A 45 -48.20 -17.77 20.31
CA PHE A 45 -48.12 -18.97 19.47
C PHE A 45 -49.44 -19.75 19.51
N ARG A 46 -49.77 -20.47 18.42
CA ARG A 46 -51.03 -21.20 18.27
C ARG A 46 -50.98 -22.21 17.10
N LYS A 47 -52.00 -23.05 16.95
CA LYS A 47 -52.12 -24.03 15.86
C LYS A 47 -52.27 -23.37 14.47
N GLN A 48 -51.15 -23.18 13.78
CA GLN A 48 -51.01 -22.46 12.52
C GLN A 48 -49.64 -22.79 11.90
N GLY A 49 -49.55 -22.86 10.57
CA GLY A 49 -48.30 -23.14 9.85
C GLY A 49 -47.26 -22.03 10.08
N GLY A 50 -46.17 -22.36 10.76
CA GLY A 50 -45.12 -21.42 11.19
C GLY A 50 -45.44 -20.66 12.49
N GLY A 51 -46.65 -20.82 13.04
CA GLY A 51 -47.11 -20.16 14.28
C GLY A 51 -47.09 -21.07 15.52
N SER A 52 -46.72 -22.34 15.37
CA SER A 52 -46.78 -23.38 16.42
C SER A 52 -45.57 -23.41 17.37
N ASN A 53 -44.54 -22.60 17.12
CA ASN A 53 -43.25 -22.47 17.84
C ASN A 53 -42.27 -23.63 17.53
N LYS A 54 -41.01 -23.27 17.29
CA LYS A 54 -39.87 -24.16 16.95
C LYS A 54 -38.52 -23.41 16.97
N PHE A 55 -37.41 -24.16 16.84
CA PHE A 55 -36.04 -23.66 17.05
C PHE A 55 -35.13 -23.97 15.85
N LEU A 56 -33.98 -23.29 15.79
CA LEU A 56 -32.99 -23.32 14.71
C LEU A 56 -31.69 -22.68 15.23
N LYS A 57 -30.71 -23.51 15.54
CA LYS A 57 -29.39 -23.10 16.05
C LYS A 57 -28.69 -22.05 15.16
N SER A 58 -28.13 -21.03 15.78
CA SER A 58 -27.49 -19.86 15.13
C SER A 58 -26.67 -19.05 16.16
N SER A 59 -26.16 -17.88 15.80
CA SER A 59 -25.39 -16.98 16.67
C SER A 59 -26.20 -16.52 17.90
N ASN A 60 -25.63 -16.69 19.09
CA ASN A 60 -26.24 -16.35 20.38
C ASN A 60 -25.16 -16.20 21.47
N TYR A 61 -25.20 -15.09 22.22
CA TYR A 61 -24.22 -14.63 23.23
C TYR A 61 -22.87 -14.21 22.64
N ASP A 62 -22.23 -15.09 21.86
CA ASP A 62 -20.97 -14.88 21.13
C ASP A 62 -20.75 -15.99 20.08
N SER A 63 -20.14 -15.62 18.96
CA SER A 63 -19.75 -16.52 17.86
C SER A 63 -18.49 -16.02 17.09
N SER A 64 -17.78 -15.02 17.61
CA SER A 64 -16.62 -14.39 16.95
C SER A 64 -15.29 -15.09 17.25
N ASP A 65 -14.42 -15.20 16.24
CA ASP A 65 -13.08 -15.81 16.33
C ASP A 65 -12.18 -15.31 15.18
N GLU A 66 -10.98 -14.83 15.52
CA GLU A 66 -9.99 -14.24 14.60
C GLU A 66 -8.63 -14.12 15.30
N GLU A 67 -7.54 -14.13 14.52
CA GLU A 67 -6.15 -14.03 14.97
C GLU A 67 -5.27 -13.16 14.05
N SER A 68 -5.76 -12.75 12.87
CA SER A 68 -5.00 -11.97 11.87
C SER A 68 -5.76 -10.72 11.40
N ASP A 69 -5.02 -9.65 11.06
CA ASP A 69 -5.57 -8.40 10.48
C ASP A 69 -5.59 -8.46 8.94
N GLU A 70 -6.58 -7.83 8.32
CA GLU A 70 -6.87 -7.98 6.89
C GLU A 70 -5.83 -7.29 5.97
N GLU A 71 -5.22 -8.08 5.10
CA GLU A 71 -4.06 -7.73 4.28
C GLU A 71 -4.40 -7.39 2.81
N ASP A 72 -5.69 -7.42 2.45
CA ASP A 72 -6.19 -7.35 1.07
C ASP A 72 -7.62 -6.75 1.03
N GLY A 73 -8.10 -6.41 -0.17
CA GLY A 73 -9.44 -5.91 -0.44
C GLY A 73 -9.48 -4.39 -0.63
N LYS A 74 -10.60 -3.78 -0.23
CA LYS A 74 -10.88 -2.36 -0.40
C LYS A 74 -10.69 -1.62 0.94
N LYS A 75 -9.85 -0.59 0.91
CA LYS A 75 -9.33 0.14 2.09
C LYS A 75 -8.84 1.56 1.67
N VAL A 76 -7.95 2.21 2.43
CA VAL A 76 -7.34 3.54 2.14
C VAL A 76 -8.31 4.70 2.42
N VAL A 77 -7.80 5.81 2.98
CA VAL A 77 -8.52 7.08 3.24
C VAL A 77 -7.56 8.29 3.11
N LYS A 78 -8.02 9.50 3.45
CA LYS A 78 -7.18 10.69 3.60
C LYS A 78 -6.25 10.51 4.83
N SER A 79 -5.00 10.16 4.55
CA SER A 79 -4.01 9.70 5.54
C SER A 79 -2.56 9.94 5.03
N ALA A 80 -1.60 9.09 5.42
CA ALA A 80 -0.26 9.05 4.83
C ALA A 80 -0.27 8.88 3.30
N LYS A 81 -1.38 8.42 2.69
CA LYS A 81 -1.60 8.40 1.23
C LYS A 81 -1.47 9.80 0.58
N GLU A 82 -1.57 10.86 1.37
CA GLU A 82 -1.46 12.26 0.93
C GLU A 82 -0.01 12.81 0.99
N LYS A 83 0.93 12.11 1.64
CA LYS A 83 2.31 12.59 1.88
C LYS A 83 3.44 11.55 1.66
N LEU A 84 3.09 10.26 1.47
CA LEU A 84 4.00 9.16 1.10
C LEU A 84 4.42 9.25 -0.40
N LEU A 85 3.72 10.08 -1.19
CA LEU A 85 3.87 10.29 -2.64
C LEU A 85 5.14 11.06 -3.05
N ASP A 86 6.29 10.72 -2.47
CA ASP A 86 7.57 11.44 -2.61
C ASP A 86 8.83 10.57 -2.36
N GLU A 87 8.68 9.37 -1.80
CA GLU A 87 9.82 8.50 -1.44
C GLU A 87 10.40 7.70 -2.63
N MET A 88 9.77 7.76 -3.80
CA MET A 88 10.01 6.95 -5.01
C MET A 88 9.17 7.47 -6.19
N GLN A 89 9.44 7.00 -7.41
CA GLN A 89 8.75 7.43 -8.64
C GLN A 89 8.14 6.26 -9.44
N ASP A 90 8.37 5.00 -9.02
CA ASP A 90 8.01 3.80 -9.81
C ASP A 90 6.88 2.98 -9.16
N VAL A 91 7.10 2.46 -7.95
CA VAL A 91 6.07 1.73 -7.15
C VAL A 91 5.01 2.69 -6.57
N TYR A 92 5.28 4.00 -6.56
CA TYR A 92 4.33 5.01 -6.06
C TYR A 92 3.23 5.35 -7.07
N ASN A 93 3.41 4.99 -8.35
CA ASN A 93 2.57 5.46 -9.45
C ASN A 93 1.07 5.06 -9.35
N LYS A 94 0.75 4.04 -8.55
CA LYS A 94 -0.65 3.72 -8.19
C LYS A 94 -1.18 4.46 -6.95
N ILE A 95 -0.30 4.89 -6.03
CA ILE A 95 -0.66 5.41 -4.70
C ILE A 95 -1.28 6.81 -4.83
N SER A 96 -0.88 7.56 -5.85
CA SER A 96 -1.49 8.84 -6.25
C SER A 96 -2.93 8.71 -6.78
N GLN A 97 -3.40 7.48 -7.01
CA GLN A 97 -4.74 7.16 -7.51
C GLN A 97 -5.51 6.37 -6.43
N ALA A 98 -5.07 5.15 -6.14
CA ALA A 98 -5.52 4.28 -5.04
C ALA A 98 -7.04 3.96 -5.05
N GLU A 99 -7.66 3.99 -6.23
CA GLU A 99 -9.03 3.50 -6.45
C GLU A 99 -9.06 1.95 -6.59
N ASN A 100 -7.88 1.33 -6.67
CA ASN A 100 -7.68 -0.12 -6.75
C ASN A 100 -8.01 -0.84 -5.42
N SER A 101 -8.40 -2.11 -5.50
CA SER A 101 -8.77 -2.96 -4.35
C SER A 101 -8.33 -4.43 -4.52
N ASP A 102 -7.17 -4.66 -5.13
CA ASP A 102 -6.66 -6.01 -5.47
C ASP A 102 -5.11 -6.12 -5.50
N ASP A 103 -4.40 -5.05 -5.86
CA ASP A 103 -2.92 -4.96 -5.88
C ASP A 103 -2.34 -4.50 -4.51
N TRP A 104 -3.20 -4.06 -3.58
CA TRP A 104 -2.79 -3.64 -2.24
C TRP A 104 -2.14 -4.74 -1.41
N LEU A 105 -2.47 -6.02 -1.65
CA LEU A 105 -1.75 -7.16 -1.09
C LEU A 105 -0.34 -7.24 -1.69
N THR A 106 -0.23 -7.21 -3.02
CA THR A 106 1.02 -7.38 -3.78
C THR A 106 2.03 -6.27 -3.49
N ILE A 107 1.59 -5.01 -3.40
CA ILE A 107 2.47 -3.88 -3.07
C ILE A 107 3.00 -3.97 -1.63
N SER A 108 2.20 -4.46 -0.69
CA SER A 108 2.56 -4.56 0.73
C SER A 108 3.59 -5.68 1.00
N ASN A 109 3.77 -6.61 0.07
CA ASN A 109 4.86 -7.59 0.12
C ASN A 109 6.23 -6.94 -0.15
N GLU A 110 6.26 -5.78 -0.81
CA GLU A 110 7.47 -4.98 -1.04
C GLU A 110 7.65 -3.90 0.02
N PHE A 111 6.55 -3.23 0.39
CA PHE A 111 6.57 -2.04 1.25
C PHE A 111 6.99 -2.29 2.69
N ASP A 112 6.99 -3.55 3.11
CA ASP A 112 7.55 -4.03 4.37
C ASP A 112 9.00 -3.56 4.61
N LEU A 113 9.74 -3.36 3.52
CA LEU A 113 11.14 -2.93 3.52
C LEU A 113 11.38 -1.56 2.84
N ILE A 114 10.39 -1.03 2.12
CA ILE A 114 10.44 0.32 1.51
C ILE A 114 9.98 1.37 2.53
N SER A 115 8.76 1.26 3.04
CA SER A 115 8.18 2.21 4.00
C SER A 115 6.97 1.67 4.77
N ARG A 116 7.06 1.73 6.11
CA ARG A 116 5.91 1.47 7.00
C ARG A 116 4.80 2.52 6.86
N LEU A 117 5.08 3.74 6.38
CA LEU A 117 4.07 4.79 6.19
C LEU A 117 2.99 4.39 5.16
N LEU A 118 3.33 3.56 4.17
CA LEU A 118 2.37 3.02 3.22
C LEU A 118 1.38 2.05 3.92
N VAL A 119 1.84 1.25 4.88
CA VAL A 119 0.97 0.41 5.71
C VAL A 119 0.02 1.28 6.54
N ARG A 120 0.52 2.41 7.08
CA ARG A 120 -0.34 3.37 7.78
C ARG A 120 -1.36 4.03 6.84
N ALA A 121 -1.00 4.24 5.57
CA ALA A 121 -1.84 4.92 4.58
C ALA A 121 -3.10 4.13 4.24
N GLN A 122 -2.96 2.80 4.12
CA GLN A 122 -4.04 1.90 3.77
C GLN A 122 -4.86 1.39 4.97
N GLN A 123 -4.23 1.28 6.15
CA GLN A 123 -4.76 0.56 7.32
C GLN A 123 -5.12 1.47 8.50
N GLN A 124 -4.61 2.70 8.53
CA GLN A 124 -4.87 3.72 9.56
C GLN A 124 -4.28 3.35 10.94
N ASN A 125 -3.19 2.57 10.95
CA ASN A 125 -2.40 2.31 12.16
C ASN A 125 -1.55 3.53 12.52
N TRP A 126 -1.65 4.00 13.77
CA TRP A 126 -0.96 5.19 14.30
C TRP A 126 -0.41 5.00 15.73
N GLY A 127 -0.46 3.78 16.24
CA GLY A 127 -0.03 3.39 17.60
C GLY A 127 -1.14 3.47 18.67
N THR A 128 -2.41 3.60 18.23
CA THR A 128 -3.62 3.67 19.07
C THR A 128 -3.92 2.37 19.83
N SER A 1 14.18 160.43 -35.39
CA SER A 1 14.66 159.25 -34.65
C SER A 1 15.87 158.62 -35.34
N GLU A 2 16.86 158.15 -34.57
CA GLU A 2 18.10 157.52 -35.05
C GLU A 2 18.77 156.71 -33.93
N SER A 3 19.54 155.68 -34.31
CA SER A 3 20.25 154.75 -33.42
C SER A 3 21.28 153.91 -34.21
N GLU A 4 22.06 153.07 -33.51
CA GLU A 4 23.10 152.21 -34.06
C GLU A 4 23.34 150.98 -33.17
N LEU A 5 23.51 149.81 -33.81
CA LEU A 5 23.66 148.49 -33.15
C LEU A 5 24.38 147.45 -34.03
N ASP A 6 24.91 147.86 -35.19
CA ASP A 6 25.52 146.99 -36.21
C ASP A 6 26.98 146.59 -35.88
N GLN A 7 27.53 147.14 -34.80
CA GLN A 7 28.93 147.01 -34.38
C GLN A 7 29.23 145.70 -33.61
N GLU A 8 28.24 144.80 -33.47
CA GLU A 8 28.35 143.54 -32.74
C GLU A 8 27.34 142.51 -33.30
N SER A 9 27.76 141.25 -33.42
CA SER A 9 26.97 140.15 -33.98
C SER A 9 27.53 138.77 -33.56
N ASP A 10 26.68 137.73 -33.55
CA ASP A 10 26.99 136.37 -33.10
C ASP A 10 25.96 135.36 -33.64
N ASP A 11 26.40 134.10 -33.84
CA ASP A 11 25.58 132.99 -34.37
C ASP A 11 26.17 131.63 -33.95
N SER A 12 25.30 130.70 -33.55
CA SER A 12 25.65 129.35 -33.06
C SER A 12 24.41 128.44 -33.05
N PHE A 13 24.64 127.12 -33.06
CA PHE A 13 23.60 126.08 -33.17
C PHE A 13 24.11 124.70 -32.69
N PHE A 14 23.20 123.73 -32.60
CA PHE A 14 23.46 122.35 -32.20
C PHE A 14 22.77 121.35 -33.14
N ASN A 15 23.26 120.10 -33.16
CA ASN A 15 22.87 119.05 -34.10
C ASN A 15 23.13 117.63 -33.53
N GLU A 16 22.97 116.59 -34.35
CA GLU A 16 23.12 115.18 -33.99
C GLU A 16 23.66 114.37 -35.17
N SER A 17 24.55 113.42 -34.90
CA SER A 17 25.25 112.57 -35.88
C SER A 17 25.86 111.32 -35.19
N GLU A 18 26.60 110.50 -35.93
CA GLU A 18 27.20 109.24 -35.46
C GLU A 18 28.65 109.12 -35.97
N SER A 19 29.60 108.95 -35.04
CA SER A 19 31.04 108.90 -35.32
C SER A 19 31.78 107.73 -34.61
N GLU A 20 31.07 106.93 -33.81
CA GLU A 20 31.57 105.79 -33.03
C GLU A 20 30.47 104.73 -32.90
N SER A 21 30.83 103.46 -32.88
CA SER A 21 29.92 102.31 -32.80
C SER A 21 30.66 101.01 -32.41
N GLU A 22 29.92 99.98 -31.98
CA GLU A 22 30.42 98.69 -31.53
C GLU A 22 29.31 97.63 -31.57
N ALA A 23 29.62 96.44 -32.08
CA ALA A 23 28.71 95.29 -32.21
C ALA A 23 29.49 93.98 -32.34
N ASP A 24 28.88 92.86 -31.93
CA ASP A 24 29.49 91.53 -31.84
C ASP A 24 28.44 90.40 -31.70
N VAL A 25 28.84 89.17 -32.05
CA VAL A 25 28.01 87.94 -32.00
C VAL A 25 28.93 86.72 -32.13
N ASP A 26 28.63 85.66 -31.36
CA ASP A 26 29.43 84.43 -31.26
C ASP A 26 28.64 83.26 -30.63
N SER A 27 29.18 82.05 -30.75
CA SER A 27 28.67 80.80 -30.16
C SER A 27 29.79 79.74 -30.09
N ASP A 28 29.73 78.84 -29.09
CA ASP A 28 30.75 77.83 -28.79
C ASP A 28 30.17 76.66 -27.97
N ASP A 29 30.86 75.52 -27.98
CA ASP A 29 30.48 74.29 -27.28
C ASP A 29 30.64 74.40 -25.75
N SER A 30 29.76 73.74 -25.00
CA SER A 30 29.73 73.73 -23.53
C SER A 30 28.91 72.54 -22.99
N ASP A 31 29.31 72.00 -21.82
CA ASP A 31 28.57 70.98 -21.08
C ASP A 31 27.43 71.57 -20.21
N ALA A 32 27.34 72.91 -20.14
CA ALA A 32 26.35 73.71 -19.40
C ALA A 32 26.50 73.68 -17.86
N LYS A 33 27.50 72.97 -17.33
CA LYS A 33 27.81 72.82 -15.91
C LYS A 33 29.33 72.60 -15.65
N PRO A 34 29.86 73.03 -14.48
CA PRO A 34 31.27 72.87 -14.14
C PRO A 34 31.64 71.45 -13.69
N TYR A 35 30.67 70.70 -13.16
CA TYR A 35 30.81 69.32 -12.66
C TYR A 35 29.43 68.67 -12.39
N GLY A 36 29.41 67.34 -12.19
CA GLY A 36 28.23 66.57 -11.77
C GLY A 36 28.59 65.38 -10.87
N PRO A 37 27.62 64.86 -10.08
CA PRO A 37 27.82 63.74 -9.16
C PRO A 37 27.87 62.39 -9.90
N ASP A 38 28.43 61.38 -9.26
CA ASP A 38 28.53 59.99 -9.74
C ASP A 38 28.73 58.99 -8.59
N TRP A 39 28.19 57.78 -8.73
CA TRP A 39 28.13 56.74 -7.70
C TRP A 39 28.34 55.31 -8.24
N PHE A 40 28.73 55.17 -9.52
CA PHE A 40 28.80 53.90 -10.23
C PHE A 40 29.94 53.00 -9.71
N LYS A 41 29.60 51.74 -9.38
CA LYS A 41 30.56 50.75 -8.84
C LYS A 41 31.37 50.03 -9.92
N LYS A 42 32.59 49.60 -9.57
CA LYS A 42 33.55 48.92 -10.47
C LYS A 42 34.54 47.97 -9.74
N SER A 43 34.37 47.77 -8.45
CA SER A 43 35.30 47.09 -7.53
C SER A 43 34.65 46.92 -6.13
N GLU A 44 35.38 46.33 -5.17
CA GLU A 44 34.95 46.17 -3.77
C GLU A 44 36.14 46.04 -2.81
N PHE A 45 35.86 46.21 -1.51
CA PHE A 45 36.78 46.02 -0.39
C PHE A 45 35.98 45.67 0.88
N ARG A 46 36.60 44.91 1.79
CA ARG A 46 35.94 44.29 2.96
C ARG A 46 36.85 44.31 4.20
N LYS A 47 36.24 44.23 5.39
CA LYS A 47 36.92 44.27 6.69
C LYS A 47 37.90 43.09 6.94
N GLN A 48 38.78 43.25 7.93
CA GLN A 48 39.64 42.17 8.44
C GLN A 48 38.85 41.10 9.20
N GLY A 49 39.44 39.91 9.36
CA GLY A 49 38.81 38.71 9.94
C GLY A 49 38.81 37.52 8.98
N GLY A 50 38.02 36.49 9.31
CA GLY A 50 37.91 35.26 8.51
C GLY A 50 37.02 35.46 7.27
N GLY A 51 37.57 35.17 6.09
CA GLY A 51 36.89 35.32 4.79
C GLY A 51 36.13 34.06 4.31
N SER A 52 36.33 32.92 4.96
CA SER A 52 35.71 31.64 4.60
C SER A 52 34.20 31.61 4.92
N ASN A 53 33.38 31.13 3.97
CA ASN A 53 31.92 31.04 4.12
C ASN A 53 31.51 30.07 5.25
N LYS A 54 30.47 30.43 6.02
CA LYS A 54 29.96 29.67 7.17
C LYS A 54 28.54 29.14 6.91
N PHE A 55 28.32 27.84 7.16
CA PHE A 55 27.10 27.10 6.83
C PHE A 55 27.03 25.77 7.60
N LEU A 56 25.83 25.16 7.63
CA LEU A 56 25.54 23.91 8.36
C LEU A 56 24.42 23.10 7.67
N LYS A 57 24.37 23.15 6.34
CA LYS A 57 23.35 22.48 5.53
C LYS A 57 23.44 20.94 5.65
N SER A 58 22.33 20.29 6.04
CA SER A 58 22.20 18.85 6.26
C SER A 58 20.72 18.44 6.40
N SER A 59 20.43 17.14 6.49
CA SER A 59 19.08 16.57 6.57
C SER A 59 19.10 15.11 7.07
N ASN A 60 17.98 14.66 7.66
CA ASN A 60 17.83 13.34 8.29
C ASN A 60 16.34 13.00 8.57
N TYR A 61 16.05 11.70 8.72
CA TYR A 61 14.72 11.16 9.05
C TYR A 61 14.81 9.71 9.58
N ASP A 62 13.93 9.36 10.52
CA ASP A 62 13.78 8.03 11.12
C ASP A 62 12.41 7.89 11.82
N SER A 63 11.85 6.67 11.78
CA SER A 63 10.60 6.28 12.45
C SER A 63 10.46 4.74 12.45
N SER A 64 9.60 4.18 13.30
CA SER A 64 9.36 2.73 13.46
C SER A 64 8.07 2.46 14.24
N ASP A 65 7.45 1.30 14.01
CA ASP A 65 6.16 0.87 14.58
C ASP A 65 5.94 -0.65 14.39
N GLU A 66 4.95 -1.20 15.13
CA GLU A 66 4.51 -2.59 15.04
C GLU A 66 3.07 -2.70 15.58
N GLU A 67 2.14 -3.12 14.73
CA GLU A 67 0.69 -3.18 14.99
C GLU A 67 0.00 -4.04 13.91
N SER A 68 -1.18 -4.57 14.20
CA SER A 68 -2.00 -5.37 13.27
C SER A 68 -2.70 -4.54 12.17
N ASP A 69 -3.15 -5.22 11.10
CA ASP A 69 -3.65 -4.63 9.85
C ASP A 69 -4.54 -5.62 9.07
N GLU A 70 -5.41 -5.10 8.20
CA GLU A 70 -6.37 -5.89 7.41
C GLU A 70 -5.68 -6.68 6.27
N GLU A 71 -6.27 -7.81 5.88
CA GLU A 71 -5.65 -8.79 4.97
C GLU A 71 -5.46 -8.29 3.52
N ASP A 72 -6.19 -7.26 3.08
CA ASP A 72 -6.11 -6.61 1.77
C ASP A 72 -6.89 -5.28 1.76
N GLY A 73 -6.47 -4.34 0.91
CA GLY A 73 -7.04 -2.98 0.79
C GLY A 73 -7.83 -2.77 -0.51
N LYS A 74 -8.73 -1.77 -0.48
CA LYS A 74 -9.63 -1.35 -1.58
C LYS A 74 -10.50 -0.12 -1.25
N LYS A 75 -10.14 0.66 -0.22
CA LYS A 75 -10.87 1.84 0.26
C LYS A 75 -9.89 2.97 0.61
N VAL A 76 -10.18 4.21 0.19
CA VAL A 76 -9.26 5.36 0.23
C VAL A 76 -9.91 6.57 0.93
N VAL A 77 -9.10 7.29 1.71
CA VAL A 77 -9.46 8.44 2.55
C VAL A 77 -8.20 9.24 2.90
N LYS A 78 -8.35 10.47 3.41
CA LYS A 78 -7.28 11.32 3.95
C LYS A 78 -6.44 10.54 4.98
N SER A 79 -5.23 10.19 4.55
CA SER A 79 -4.31 9.26 5.22
C SER A 79 -2.85 9.48 4.74
N ALA A 80 -1.88 8.80 5.37
CA ALA A 80 -0.45 8.89 5.03
C ALA A 80 -0.13 8.55 3.56
N LYS A 81 -1.06 7.88 2.87
CA LYS A 81 -1.08 7.64 1.41
C LYS A 81 -0.82 8.94 0.63
N GLU A 82 -1.44 10.04 1.06
CA GLU A 82 -1.40 11.33 0.39
C GLU A 82 -0.06 12.08 0.58
N LYS A 83 0.70 11.70 1.62
CA LYS A 83 2.01 12.29 1.96
C LYS A 83 3.20 11.49 1.40
N LEU A 84 2.96 10.28 0.89
CA LEU A 84 3.97 9.30 0.45
C LEU A 84 4.34 9.40 -1.05
N LEU A 85 3.56 10.16 -1.82
CA LEU A 85 3.64 10.19 -3.28
C LEU A 85 4.96 10.77 -3.82
N ASP A 86 5.53 10.11 -4.82
CA ASP A 86 6.72 10.50 -5.60
C ASP A 86 8.04 10.55 -4.82
N GLU A 87 8.09 9.94 -3.62
CA GLU A 87 9.34 9.70 -2.87
C GLU A 87 10.22 8.62 -3.54
N MET A 88 9.63 7.90 -4.50
CA MET A 88 10.13 6.91 -5.44
C MET A 88 9.10 6.89 -6.58
N GLN A 89 9.50 6.74 -7.84
CA GLN A 89 8.59 7.02 -8.97
C GLN A 89 7.90 5.78 -9.59
N ASP A 90 8.39 4.55 -9.32
CA ASP A 90 7.94 3.34 -10.03
C ASP A 90 6.94 2.46 -9.25
N VAL A 91 7.00 2.51 -7.91
CA VAL A 91 6.12 1.74 -7.00
C VAL A 91 5.05 2.63 -6.34
N TYR A 92 5.25 3.96 -6.27
CA TYR A 92 4.19 4.88 -5.87
C TYR A 92 3.11 5.05 -6.95
N ASN A 93 3.39 4.58 -8.18
CA ASN A 93 2.61 4.85 -9.39
C ASN A 93 1.10 4.57 -9.30
N LYS A 94 0.66 3.67 -8.41
CA LYS A 94 -0.78 3.46 -8.09
C LYS A 94 -1.33 4.29 -6.91
N ILE A 95 -0.47 4.72 -5.99
CA ILE A 95 -0.80 5.31 -4.68
C ILE A 95 -1.48 6.68 -4.82
N SER A 96 -1.32 7.35 -5.97
CA SER A 96 -2.03 8.58 -6.34
C SER A 96 -3.55 8.41 -6.57
N GLN A 97 -4.06 7.18 -6.63
CA GLN A 97 -5.49 6.85 -6.71
C GLN A 97 -5.81 5.70 -5.75
N ALA A 98 -5.39 4.48 -6.10
CA ALA A 98 -5.37 3.26 -5.27
C ALA A 98 -6.73 2.68 -4.85
N GLU A 99 -7.84 3.18 -5.41
CA GLU A 99 -9.19 2.63 -5.20
C GLU A 99 -9.73 1.91 -6.47
N ASN A 100 -8.88 1.73 -7.49
CA ASN A 100 -9.23 1.17 -8.81
C ASN A 100 -8.77 -0.30 -8.99
N SER A 101 -8.09 -0.90 -8.00
CA SER A 101 -7.51 -2.24 -8.07
C SER A 101 -7.24 -2.85 -6.67
N ASP A 102 -6.97 -4.17 -6.63
CA ASP A 102 -6.81 -5.00 -5.44
C ASP A 102 -5.32 -5.30 -5.12
N ASP A 103 -4.41 -4.48 -5.63
CA ASP A 103 -2.96 -4.64 -5.54
C ASP A 103 -2.36 -4.37 -4.14
N TRP A 104 -3.17 -3.92 -3.18
CA TRP A 104 -2.76 -3.53 -1.82
C TRP A 104 -2.06 -4.64 -1.03
N LEU A 105 -2.48 -5.90 -1.13
CA LEU A 105 -1.73 -7.03 -0.54
C LEU A 105 -0.37 -7.19 -1.22
N THR A 106 -0.32 -7.24 -2.55
CA THR A 106 0.89 -7.49 -3.35
C THR A 106 1.94 -6.40 -3.15
N ILE A 107 1.54 -5.12 -3.11
CA ILE A 107 2.45 -4.00 -2.89
C ILE A 107 2.97 -3.95 -1.44
N SER A 108 2.16 -4.36 -0.47
CA SER A 108 2.55 -4.39 0.95
C SER A 108 3.62 -5.44 1.26
N ASN A 109 3.81 -6.44 0.38
CA ASN A 109 4.93 -7.38 0.47
C ASN A 109 6.28 -6.72 0.11
N GLU A 110 6.27 -5.57 -0.57
CA GLU A 110 7.45 -4.77 -0.89
C GLU A 110 7.63 -3.61 0.11
N PHE A 111 6.53 -2.95 0.48
CA PHE A 111 6.53 -1.82 1.42
C PHE A 111 6.94 -2.21 2.85
N ASP A 112 6.95 -3.52 3.15
CA ASP A 112 7.56 -4.14 4.33
C ASP A 112 8.99 -3.65 4.59
N LEU A 113 9.70 -3.29 3.51
CA LEU A 113 11.08 -2.81 3.52
C LEU A 113 11.27 -1.42 2.87
N ILE A 114 10.37 -0.98 1.97
CA ILE A 114 10.47 0.35 1.31
C ILE A 114 10.09 1.48 2.28
N SER A 115 8.87 1.41 2.82
CA SER A 115 8.33 2.45 3.71
C SER A 115 7.21 1.95 4.62
N ARG A 116 7.43 2.02 5.95
CA ARG A 116 6.41 1.65 6.95
C ARG A 116 5.26 2.67 6.98
N LEU A 117 5.43 3.88 6.46
CA LEU A 117 4.36 4.87 6.30
C LEU A 117 3.22 4.36 5.40
N LEU A 118 3.51 3.51 4.41
CA LEU A 118 2.49 2.89 3.56
C LEU A 118 1.67 1.85 4.35
N VAL A 119 2.32 1.08 5.23
CA VAL A 119 1.63 0.17 6.18
C VAL A 119 0.69 0.96 7.11
N ARG A 120 1.12 2.15 7.55
CA ARG A 120 0.25 3.03 8.33
C ARG A 120 -0.93 3.57 7.49
N ALA A 121 -0.68 3.85 6.21
CA ALA A 121 -1.67 4.43 5.29
C ALA A 121 -2.83 3.49 4.99
N GLN A 122 -2.55 2.18 4.87
CA GLN A 122 -3.57 1.15 4.62
C GLN A 122 -4.33 0.73 5.89
N GLN A 123 -3.71 0.77 7.09
CA GLN A 123 -4.41 0.44 8.34
C GLN A 123 -5.31 1.60 8.84
N GLN A 124 -4.96 2.85 8.49
CA GLN A 124 -5.78 4.06 8.69
C GLN A 124 -6.06 4.38 10.17
N ASN A 125 -5.18 3.98 11.09
CA ASN A 125 -5.34 4.19 12.52
C ASN A 125 -4.97 5.63 12.93
N TRP A 126 -5.95 6.54 12.82
CA TRP A 126 -5.79 7.99 13.02
C TRP A 126 -6.65 8.57 14.16
N GLY A 127 -7.43 7.74 14.84
CA GLY A 127 -8.29 8.09 15.98
C GLY A 127 -9.69 8.56 15.57
N THR A 128 -10.18 8.10 14.41
CA THR A 128 -11.46 8.51 13.76
C THR A 128 -12.25 7.33 13.21
N SER A 1 -20.91 -104.33 -147.02
CA SER A 1 -22.08 -103.42 -147.11
C SER A 1 -22.37 -102.75 -145.77
N GLU A 2 -22.70 -101.45 -145.79
CA GLU A 2 -22.97 -100.61 -144.61
C GLU A 2 -23.71 -99.32 -145.00
N SER A 3 -24.25 -98.59 -144.02
CA SER A 3 -25.08 -97.39 -144.21
C SER A 3 -24.70 -96.27 -143.23
N GLU A 4 -24.89 -95.01 -143.62
CA GLU A 4 -24.47 -93.81 -142.89
C GLU A 4 -25.27 -92.57 -143.32
N LEU A 5 -25.16 -91.48 -142.56
CA LEU A 5 -25.81 -90.19 -142.82
C LEU A 5 -24.94 -89.05 -142.23
N ASP A 6 -24.63 -88.05 -143.06
CA ASP A 6 -23.71 -86.94 -142.76
C ASP A 6 -23.88 -85.80 -143.78
N GLN A 7 -23.37 -84.60 -143.46
CA GLN A 7 -23.45 -83.40 -144.30
C GLN A 7 -22.29 -82.44 -143.97
N GLU A 8 -21.79 -81.74 -144.98
CA GLU A 8 -20.61 -80.85 -144.91
C GLU A 8 -20.92 -79.47 -144.29
N SER A 9 -21.75 -79.45 -143.25
CA SER A 9 -22.13 -78.27 -142.47
C SER A 9 -21.03 -77.82 -141.47
N ASP A 10 -21.06 -76.56 -141.04
CA ASP A 10 -20.10 -75.95 -140.11
C ASP A 10 -20.71 -74.78 -139.32
N ASP A 11 -20.18 -74.53 -138.12
CA ASP A 11 -20.63 -73.53 -137.14
C ASP A 11 -19.53 -73.27 -136.09
N SER A 12 -19.57 -72.10 -135.44
CA SER A 12 -18.58 -71.66 -134.45
C SER A 12 -19.11 -70.52 -133.55
N PHE A 13 -18.49 -70.33 -132.38
CA PHE A 13 -18.88 -69.34 -131.37
C PHE A 13 -18.49 -67.90 -131.75
N PHE A 14 -19.12 -66.92 -131.09
CA PHE A 14 -18.92 -65.48 -131.30
C PHE A 14 -19.24 -64.69 -130.02
N ASN A 15 -18.55 -63.55 -129.85
CA ASN A 15 -18.68 -62.63 -128.71
C ASN A 15 -18.08 -61.24 -129.05
N GLU A 16 -18.36 -60.24 -128.20
CA GLU A 16 -17.91 -58.85 -128.34
C GLU A 16 -17.53 -58.27 -126.97
N SER A 17 -16.62 -57.30 -126.96
CA SER A 17 -16.11 -56.65 -125.73
C SER A 17 -17.20 -55.85 -124.97
N GLU A 18 -17.23 -55.98 -123.64
CA GLU A 18 -18.16 -55.26 -122.76
C GLU A 18 -17.76 -53.78 -122.56
N SER A 19 -18.75 -52.92 -122.30
CA SER A 19 -18.60 -51.48 -122.09
C SER A 19 -19.85 -50.87 -121.42
N GLU A 20 -19.72 -49.68 -120.83
CA GLU A 20 -20.77 -48.98 -120.07
C GLU A 20 -20.41 -47.49 -119.92
N SER A 21 -21.42 -46.62 -119.94
CA SER A 21 -21.30 -45.15 -119.87
C SER A 21 -21.00 -44.64 -118.43
N GLU A 22 -19.94 -45.17 -117.80
CA GLU A 22 -19.50 -44.81 -116.46
C GLU A 22 -19.01 -43.35 -116.36
N ALA A 23 -19.24 -42.72 -115.21
CA ALA A 23 -18.89 -41.33 -114.89
C ALA A 23 -18.75 -41.11 -113.37
N ASP A 24 -17.99 -40.07 -112.99
CA ASP A 24 -17.74 -39.69 -111.59
C ASP A 24 -18.93 -38.94 -110.95
N VAL A 25 -19.07 -39.08 -109.63
CA VAL A 25 -20.14 -38.52 -108.78
C VAL A 25 -19.61 -38.22 -107.36
N ASP A 26 -20.26 -37.30 -106.66
CA ASP A 26 -19.92 -36.87 -105.30
C ASP A 26 -21.14 -36.23 -104.58
N SER A 27 -21.11 -36.21 -103.25
CA SER A 27 -22.24 -35.79 -102.40
C SER A 27 -22.16 -34.32 -101.95
N ASP A 28 -23.31 -33.63 -101.92
CA ASP A 28 -23.45 -32.28 -101.37
C ASP A 28 -23.63 -32.30 -99.82
N ASP A 29 -23.18 -31.24 -99.15
CA ASP A 29 -23.18 -31.12 -97.68
C ASP A 29 -23.16 -29.64 -97.24
N SER A 30 -23.87 -29.33 -96.15
CA SER A 30 -24.01 -27.99 -95.56
C SER A 30 -24.57 -28.06 -94.12
N ASP A 31 -24.54 -26.94 -93.39
CA ASP A 31 -24.90 -26.83 -91.97
C ASP A 31 -25.25 -25.39 -91.58
N ALA A 32 -26.18 -25.23 -90.61
CA ALA A 32 -26.67 -23.95 -90.10
C ALA A 32 -27.25 -24.11 -88.67
N LYS A 33 -27.22 -23.04 -87.88
CA LYS A 33 -27.66 -23.00 -86.48
C LYS A 33 -29.16 -23.41 -86.32
N PRO A 34 -29.47 -24.49 -85.56
CA PRO A 34 -30.85 -24.92 -85.31
C PRO A 34 -31.51 -24.17 -84.15
N TYR A 35 -30.71 -23.75 -83.14
CA TYR A 35 -31.14 -23.02 -81.93
C TYR A 35 -29.95 -22.50 -81.09
N GLY A 36 -28.79 -23.17 -81.15
CA GLY A 36 -27.52 -22.74 -80.54
C GLY A 36 -27.05 -23.60 -79.34
N PRO A 37 -25.87 -23.29 -78.77
CA PRO A 37 -25.27 -24.02 -77.65
C PRO A 37 -25.91 -23.65 -76.30
N ASP A 38 -25.45 -24.33 -75.24
CA ASP A 38 -25.88 -24.11 -73.85
C ASP A 38 -24.72 -24.45 -72.87
N TRP A 39 -24.62 -23.66 -71.80
CA TRP A 39 -23.49 -23.68 -70.86
C TRP A 39 -23.43 -24.95 -69.99
N PHE A 40 -22.22 -25.32 -69.54
CA PHE A 40 -21.97 -26.47 -68.67
C PHE A 40 -22.68 -26.34 -67.30
N LYS A 41 -23.03 -27.50 -66.71
CA LYS A 41 -23.66 -27.61 -65.39
C LYS A 41 -22.64 -27.93 -64.25
N LYS A 42 -21.35 -27.64 -64.52
CA LYS A 42 -20.20 -27.86 -63.62
C LYS A 42 -20.22 -26.93 -62.38
N SER A 43 -19.29 -27.16 -61.45
CA SER A 43 -19.18 -26.46 -60.15
C SER A 43 -20.30 -26.85 -59.17
N GLU A 44 -20.56 -26.04 -58.14
CA GLU A 44 -21.53 -26.30 -57.07
C GLU A 44 -22.11 -24.99 -56.51
N PHE A 45 -23.36 -25.06 -56.03
CA PHE A 45 -24.16 -23.93 -55.54
C PHE A 45 -24.91 -24.37 -54.28
N ARG A 46 -24.62 -23.70 -53.16
CA ARG A 46 -25.03 -24.11 -51.80
C ARG A 46 -25.47 -22.92 -50.94
N LYS A 47 -26.38 -23.18 -50.00
CA LYS A 47 -26.89 -22.21 -49.01
C LYS A 47 -25.83 -21.89 -47.92
N GLN A 48 -26.10 -20.87 -47.10
CA GLN A 48 -25.26 -20.51 -45.95
C GLN A 48 -25.28 -21.61 -44.87
N GLY A 49 -24.12 -21.91 -44.28
CA GLY A 49 -23.94 -22.97 -43.27
C GLY A 49 -24.27 -22.52 -41.84
N GLY A 50 -24.33 -23.50 -40.92
CA GLY A 50 -24.62 -23.31 -39.49
C GLY A 50 -23.39 -22.97 -38.63
N GLY A 51 -22.23 -22.71 -39.23
CA GLY A 51 -20.98 -22.41 -38.53
C GLY A 51 -20.44 -23.64 -37.79
N SER A 52 -20.07 -23.45 -36.52
CA SER A 52 -19.60 -24.55 -35.64
C SER A 52 -20.73 -25.50 -35.19
N ASN A 53 -22.00 -25.16 -35.46
CA ASN A 53 -23.21 -25.96 -35.14
C ASN A 53 -23.38 -26.23 -33.61
N LYS A 54 -22.80 -25.37 -32.77
CA LYS A 54 -22.76 -25.51 -31.31
C LYS A 54 -24.07 -25.15 -30.59
N PHE A 55 -24.16 -25.48 -29.30
CA PHE A 55 -25.29 -25.22 -28.40
C PHE A 55 -24.81 -25.20 -26.94
N LEU A 56 -25.65 -24.69 -26.02
CA LEU A 56 -25.33 -24.49 -24.60
C LEU A 56 -26.45 -25.06 -23.71
N LYS A 57 -26.47 -26.39 -23.59
CA LYS A 57 -27.37 -27.14 -22.70
C LYS A 57 -26.89 -27.09 -21.23
N SER A 58 -27.81 -26.94 -20.29
CA SER A 58 -27.53 -27.12 -18.85
C SER A 58 -27.77 -28.59 -18.45
N SER A 59 -26.78 -29.24 -17.82
CA SER A 59 -26.79 -30.70 -17.60
C SER A 59 -25.98 -31.17 -16.37
N ASN A 60 -25.53 -30.25 -15.50
CA ASN A 60 -24.65 -30.57 -14.36
C ASN A 60 -24.78 -29.54 -13.21
N TYR A 61 -25.09 -30.04 -12.01
CA TYR A 61 -25.14 -29.31 -10.73
C TYR A 61 -25.16 -30.30 -9.54
N ASP A 62 -24.74 -29.84 -8.35
CA ASP A 62 -24.76 -30.61 -7.10
C ASP A 62 -24.73 -29.71 -5.85
N SER A 63 -23.89 -28.67 -5.85
CA SER A 63 -23.69 -27.74 -4.72
C SER A 63 -22.90 -26.49 -5.16
N SER A 64 -22.46 -25.66 -4.22
CA SER A 64 -21.70 -24.42 -4.44
C SER A 64 -20.85 -24.04 -3.22
N ASP A 65 -19.74 -23.32 -3.43
CA ASP A 65 -18.76 -22.96 -2.40
C ASP A 65 -19.26 -21.82 -1.47
N GLU A 66 -18.66 -21.73 -0.28
CA GLU A 66 -18.97 -20.75 0.77
C GLU A 66 -18.51 -19.33 0.41
N GLU A 67 -19.16 -18.32 1.00
CA GLU A 67 -18.83 -16.90 0.84
C GLU A 67 -17.52 -16.53 1.56
N SER A 68 -16.83 -15.50 1.06
CA SER A 68 -15.53 -15.01 1.57
C SER A 68 -15.27 -13.55 1.13
N ASP A 69 -14.11 -12.99 1.50
CA ASP A 69 -13.73 -11.58 1.32
C ASP A 69 -12.21 -11.41 1.30
N GLU A 70 -11.68 -10.65 0.33
CA GLU A 70 -10.25 -10.44 0.08
C GLU A 70 -9.57 -9.64 1.22
N GLU A 71 -8.30 -9.98 1.49
CA GLU A 71 -7.45 -9.31 2.49
C GLU A 71 -6.74 -8.05 1.92
N ASP A 72 -7.23 -7.51 0.80
CA ASP A 72 -6.66 -6.37 0.08
C ASP A 72 -6.87 -5.03 0.82
N GLY A 73 -5.77 -4.35 1.13
CA GLY A 73 -5.72 -3.15 1.99
C GLY A 73 -6.02 -1.85 1.27
N LYS A 74 -7.13 -1.77 0.53
CA LYS A 74 -7.55 -0.61 -0.26
C LYS A 74 -7.93 0.65 0.55
N LYS A 75 -7.91 0.57 1.88
CA LYS A 75 -8.13 1.70 2.80
C LYS A 75 -7.17 2.88 2.53
N VAL A 76 -7.72 4.10 2.41
CA VAL A 76 -6.96 5.36 2.34
C VAL A 76 -7.72 6.49 3.03
N VAL A 77 -6.97 7.47 3.55
CA VAL A 77 -7.44 8.62 4.34
C VAL A 77 -6.34 9.68 4.35
N LYS A 78 -6.65 10.92 4.75
CA LYS A 78 -5.65 11.99 4.92
C LYS A 78 -4.70 11.71 6.10
N SER A 79 -3.63 10.97 5.81
CA SER A 79 -2.58 10.57 6.76
C SER A 79 -1.26 10.27 6.01
N ALA A 80 -0.57 9.18 6.31
CA ALA A 80 0.78 8.87 5.83
C ALA A 80 0.91 8.78 4.29
N LYS A 81 -0.16 8.46 3.55
CA LYS A 81 -0.18 8.51 2.08
C LYS A 81 0.15 9.92 1.52
N GLU A 82 -0.15 10.98 2.28
CA GLU A 82 0.14 12.36 1.88
C GLU A 82 1.65 12.68 1.86
N LYS A 83 2.43 12.12 2.80
CA LYS A 83 3.88 12.33 2.90
C LYS A 83 4.73 11.21 2.25
N LEU A 84 4.10 10.07 1.94
CA LEU A 84 4.72 8.90 1.28
C LEU A 84 4.82 9.09 -0.24
N LEU A 85 3.86 9.80 -0.87
CA LEU A 85 3.94 10.17 -2.29
C LEU A 85 5.17 11.06 -2.57
N ASP A 86 5.71 10.96 -3.79
CA ASP A 86 6.86 11.70 -4.35
C ASP A 86 8.24 11.22 -3.84
N GLU A 87 8.29 10.22 -2.95
CA GLU A 87 9.53 9.60 -2.45
C GLU A 87 10.19 8.63 -3.46
N MET A 88 9.53 8.39 -4.60
CA MET A 88 9.82 7.41 -5.66
C MET A 88 8.89 7.70 -6.86
N GLN A 89 9.09 7.05 -8.01
CA GLN A 89 8.38 7.33 -9.26
C GLN A 89 7.72 6.08 -9.88
N ASP A 90 8.01 4.88 -9.35
CA ASP A 90 7.64 3.58 -9.93
C ASP A 90 6.59 2.83 -9.08
N VAL A 91 6.92 2.53 -7.83
CA VAL A 91 6.06 1.88 -6.84
C VAL A 91 5.13 2.89 -6.14
N TYR A 92 5.28 4.18 -6.46
CA TYR A 92 4.38 5.26 -6.05
C TYR A 92 3.25 5.54 -7.06
N ASN A 93 3.42 5.09 -8.31
CA ASN A 93 2.60 5.49 -9.46
C ASN A 93 1.09 5.21 -9.31
N LYS A 94 0.71 4.18 -8.52
CA LYS A 94 -0.69 3.84 -8.22
C LYS A 94 -1.26 4.55 -6.98
N ILE A 95 -0.40 4.97 -6.05
CA ILE A 95 -0.77 5.51 -4.72
C ILE A 95 -1.50 6.86 -4.85
N SER A 96 -1.26 7.58 -5.95
CA SER A 96 -1.95 8.84 -6.31
C SER A 96 -3.44 8.67 -6.65
N GLN A 97 -3.91 7.44 -6.89
CA GLN A 97 -5.31 7.12 -7.19
C GLN A 97 -5.89 6.10 -6.20
N ALA A 98 -5.11 5.09 -5.78
CA ALA A 98 -5.39 4.15 -4.68
C ALA A 98 -6.64 3.25 -4.86
N GLU A 99 -7.23 3.24 -6.06
CA GLU A 99 -8.53 2.63 -6.37
C GLU A 99 -8.41 1.16 -6.78
N ASN A 100 -7.18 0.62 -6.90
CA ASN A 100 -6.94 -0.72 -7.39
C ASN A 100 -7.11 -1.78 -6.28
N SER A 101 -8.31 -2.35 -6.18
CA SER A 101 -8.73 -3.36 -5.18
C SER A 101 -8.09 -4.76 -5.34
N ASP A 102 -7.02 -4.90 -6.14
CA ASP A 102 -6.24 -6.13 -6.32
C ASP A 102 -4.71 -5.89 -6.19
N ASP A 103 -4.27 -4.63 -6.07
CA ASP A 103 -2.85 -4.25 -5.97
C ASP A 103 -2.36 -4.01 -4.53
N TRP A 104 -3.21 -3.49 -3.63
CA TRP A 104 -2.81 -3.13 -2.28
C TRP A 104 -2.26 -4.30 -1.44
N LEU A 105 -2.78 -5.52 -1.64
CA LEU A 105 -2.20 -6.74 -1.05
C LEU A 105 -0.76 -6.95 -1.54
N THR A 106 -0.55 -6.97 -2.86
CA THR A 106 0.76 -7.25 -3.50
C THR A 106 1.78 -6.16 -3.22
N ILE A 107 1.36 -4.88 -3.17
CA ILE A 107 2.26 -3.76 -2.84
C ILE A 107 2.67 -3.80 -1.36
N SER A 108 1.78 -4.21 -0.46
CA SER A 108 2.10 -4.37 0.97
C SER A 108 3.14 -5.47 1.24
N ASN A 109 3.22 -6.48 0.35
CA ASN A 109 4.24 -7.55 0.44
C ASN A 109 5.66 -7.05 0.14
N GLU A 110 5.84 -5.85 -0.42
CA GLU A 110 7.16 -5.21 -0.61
C GLU A 110 7.33 -3.91 0.20
N PHE A 111 6.25 -3.18 0.49
CA PHE A 111 6.33 -1.95 1.30
C PHE A 111 6.74 -2.19 2.75
N ASP A 112 6.66 -3.43 3.20
CA ASP A 112 7.21 -3.94 4.46
C ASP A 112 8.68 -3.52 4.68
N LEU A 113 9.42 -3.43 3.57
CA LEU A 113 10.85 -3.10 3.52
C LEU A 113 11.16 -1.74 2.83
N ILE A 114 10.24 -1.22 2.02
CA ILE A 114 10.41 0.09 1.32
C ILE A 114 10.12 1.25 2.27
N SER A 115 8.92 1.27 2.86
CA SER A 115 8.44 2.36 3.72
C SER A 115 7.25 1.95 4.61
N ARG A 116 7.46 1.96 5.93
CA ARG A 116 6.40 1.69 6.92
C ARG A 116 5.26 2.71 6.89
N LEU A 117 5.49 3.91 6.36
CA LEU A 117 4.48 4.97 6.16
C LEU A 117 3.33 4.49 5.27
N LEU A 118 3.62 3.74 4.20
CA LEU A 118 2.59 3.20 3.31
C LEU A 118 1.73 2.18 4.06
N VAL A 119 2.36 1.26 4.80
CA VAL A 119 1.67 0.26 5.65
C VAL A 119 0.77 0.96 6.67
N ARG A 120 1.23 2.07 7.27
CA ARG A 120 0.43 2.86 8.20
C ARG A 120 -0.74 3.59 7.53
N ALA A 121 -0.61 4.03 6.27
CA ALA A 121 -1.68 4.73 5.54
C ALA A 121 -2.87 3.80 5.22
N GLN A 122 -2.62 2.51 5.06
CA GLN A 122 -3.67 1.50 4.88
C GLN A 122 -4.15 0.88 6.21
N GLN A 123 -3.31 0.83 7.25
CA GLN A 123 -3.68 0.24 8.55
C GLN A 123 -4.51 1.22 9.40
N GLN A 124 -4.07 2.48 9.51
CA GLN A 124 -4.81 3.63 10.05
C GLN A 124 -5.15 3.54 11.56
N ASN A 125 -4.36 2.79 12.35
CA ASN A 125 -4.44 2.76 13.82
C ASN A 125 -3.83 4.03 14.46
N TRP A 126 -4.37 5.20 14.11
CA TRP A 126 -3.89 6.52 14.54
C TRP A 126 -4.50 6.98 15.88
N GLY A 127 -5.76 6.63 16.13
CA GLY A 127 -6.54 7.06 17.31
C GLY A 127 -6.77 5.98 18.38
N THR A 128 -6.29 4.74 18.13
CA THR A 128 -6.49 3.56 18.99
C THR A 128 -5.39 3.41 20.05
N SER A 1 18.45 23.55 165.95
CA SER A 1 18.60 24.97 165.55
C SER A 1 17.35 25.48 164.83
N GLU A 2 16.92 26.71 165.13
CA GLU A 2 15.71 27.35 164.59
C GLU A 2 15.81 28.88 164.76
N SER A 3 15.32 29.64 163.78
CA SER A 3 15.37 31.11 163.75
C SER A 3 14.33 31.71 162.77
N GLU A 4 14.01 33.00 162.92
CA GLU A 4 12.98 33.72 162.19
C GLU A 4 13.19 35.25 162.29
N LEU A 5 12.46 36.02 161.47
CA LEU A 5 12.48 37.48 161.43
C LEU A 5 11.11 38.01 160.96
N ASP A 6 10.47 38.83 161.80
CA ASP A 6 9.18 39.46 161.50
C ASP A 6 9.32 40.54 160.40
N GLN A 7 8.43 40.48 159.39
CA GLN A 7 8.51 41.26 158.16
C GLN A 7 7.19 41.16 157.35
N GLU A 8 6.93 42.15 156.49
CA GLU A 8 5.75 42.24 155.63
C GLU A 8 5.98 43.25 154.49
N SER A 9 5.25 43.11 153.38
CA SER A 9 5.34 43.95 152.18
C SER A 9 4.12 43.73 151.24
N ASP A 10 4.07 44.46 150.13
CA ASP A 10 3.00 44.43 149.12
C ASP A 10 3.50 44.94 147.75
N ASP A 11 2.86 44.47 146.67
CA ASP A 11 3.28 44.69 145.28
C ASP A 11 2.15 44.37 144.27
N SER A 12 2.30 44.84 143.04
CA SER A 12 1.33 44.69 141.94
C SER A 12 2.05 44.66 140.57
N PHE A 13 1.39 44.06 139.56
CA PHE A 13 1.88 43.93 138.18
C PHE A 13 0.77 44.25 137.17
N PHE A 14 1.16 44.81 136.02
CA PHE A 14 0.24 45.40 135.03
C PHE A 14 0.58 44.99 133.58
N ASN A 15 1.44 43.99 133.39
CA ASN A 15 1.83 43.46 132.07
C ASN A 15 0.65 42.71 131.42
N GLU A 16 0.04 43.32 130.41
CA GLU A 16 -1.22 42.90 129.77
C GLU A 16 -1.41 43.66 128.45
N SER A 17 -2.20 43.13 127.52
CA SER A 17 -2.50 43.75 126.22
C SER A 17 -3.92 43.37 125.73
N GLU A 18 -4.46 44.17 124.81
CA GLU A 18 -5.83 44.09 124.29
C GLU A 18 -5.94 44.86 122.96
N SER A 19 -6.86 44.46 122.08
CA SER A 19 -7.04 45.03 120.75
C SER A 19 -7.63 46.46 120.79
N GLU A 20 -6.94 47.42 120.18
CA GLU A 20 -7.35 48.82 120.04
C GLU A 20 -6.61 49.44 118.84
N SER A 21 -7.36 49.91 117.84
CA SER A 21 -6.84 50.36 116.54
C SER A 21 -7.94 51.04 115.69
N GLU A 22 -7.54 51.70 114.58
CA GLU A 22 -8.47 52.29 113.61
C GLU A 22 -9.05 51.21 112.67
N ALA A 23 -10.30 51.38 112.24
CA ALA A 23 -11.01 50.45 111.37
C ALA A 23 -10.42 50.38 109.93
N ASP A 24 -10.56 49.22 109.29
CA ASP A 24 -10.06 48.90 107.95
C ASP A 24 -10.81 47.69 107.35
N VAL A 25 -10.74 47.52 106.03
CA VAL A 25 -11.49 46.52 105.24
C VAL A 25 -10.86 46.34 103.86
N ASP A 26 -10.81 45.10 103.37
CA ASP A 26 -10.30 44.73 102.04
C ASP A 26 -11.34 44.99 100.93
N SER A 27 -10.90 45.57 99.81
CA SER A 27 -11.77 46.01 98.70
C SER A 27 -11.07 45.85 97.34
N ASP A 28 -11.85 45.64 96.27
CA ASP A 28 -11.39 45.40 94.89
C ASP A 28 -12.50 45.72 93.88
N ASP A 29 -12.12 46.18 92.68
CA ASP A 29 -13.03 46.61 91.61
C ASP A 29 -12.33 46.56 90.23
N SER A 30 -13.05 46.11 89.21
CA SER A 30 -12.56 45.92 87.83
C SER A 30 -13.73 45.75 86.84
N ASP A 31 -13.44 45.81 85.54
CA ASP A 31 -14.40 45.75 84.42
C ASP A 31 -13.72 45.35 83.11
N ALA A 32 -14.41 44.56 82.28
CA ALA A 32 -13.92 44.05 80.99
C ALA A 32 -15.08 43.63 80.07
N LYS A 33 -14.88 43.78 78.75
CA LYS A 33 -15.86 43.40 77.73
C LYS A 33 -16.08 41.86 77.63
N PRO A 34 -17.30 41.40 77.29
CA PRO A 34 -17.64 39.98 77.23
C PRO A 34 -17.08 39.25 75.99
N TYR A 35 -16.73 39.98 74.93
CA TYR A 35 -16.25 39.43 73.66
C TYR A 35 -15.23 40.36 72.96
N GLY A 36 -14.27 39.77 72.24
CA GLY A 36 -13.30 40.48 71.39
C GLY A 36 -13.81 40.75 69.97
N PRO A 37 -13.02 41.43 69.11
CA PRO A 37 -13.36 41.69 67.72
C PRO A 37 -13.32 40.41 66.88
N ASP A 38 -14.22 40.30 65.90
CA ASP A 38 -14.41 39.12 65.05
C ASP A 38 -15.20 39.48 63.78
N TRP A 39 -14.86 38.83 62.66
CA TRP A 39 -15.49 39.01 61.35
C TRP A 39 -16.01 37.67 60.80
N PHE A 40 -17.29 37.64 60.42
CA PHE A 40 -18.00 36.48 59.89
C PHE A 40 -19.19 36.95 59.03
N LYS A 41 -19.45 36.23 57.92
CA LYS A 41 -20.51 36.51 56.94
C LYS A 41 -20.81 35.31 56.03
N LYS A 42 -22.03 35.24 55.50
CA LYS A 42 -22.48 34.17 54.58
C LYS A 42 -21.82 34.28 53.19
N SER A 43 -21.87 33.22 52.40
CA SER A 43 -21.18 33.13 51.09
C SER A 43 -21.90 32.16 50.12
N GLU A 44 -21.45 32.14 48.86
CA GLU A 44 -22.06 31.43 47.73
C GLU A 44 -21.06 31.37 46.56
N PHE A 45 -21.25 30.40 45.64
CA PHE A 45 -20.36 30.17 44.50
C PHE A 45 -21.15 29.63 43.29
N ARG A 46 -21.28 30.47 42.26
CA ARG A 46 -22.08 30.24 41.05
C ARG A 46 -21.69 31.22 39.94
N LYS A 47 -21.81 30.80 38.68
CA LYS A 47 -21.50 31.58 37.47
C LYS A 47 -22.35 31.14 36.25
N GLN A 48 -22.19 31.80 35.11
CA GLN A 48 -22.92 31.50 33.86
C GLN A 48 -22.30 30.30 33.14
N GLY A 49 -22.47 29.09 33.71
CA GLY A 49 -21.99 27.81 33.16
C GLY A 49 -23.02 27.08 32.29
N GLY A 50 -24.22 27.64 32.13
CA GLY A 50 -25.33 27.08 31.34
C GLY A 50 -25.27 27.46 29.85
N GLY A 51 -26.43 27.52 29.20
CA GLY A 51 -26.58 27.81 27.76
C GLY A 51 -26.51 26.54 26.91
N SER A 52 -25.80 26.60 25.79
CA SER A 52 -25.65 25.50 24.82
C SER A 52 -24.41 25.71 23.93
N ASN A 53 -23.97 24.65 23.24
CA ASN A 53 -22.77 24.63 22.39
C ASN A 53 -22.85 23.49 21.35
N LYS A 54 -22.28 23.71 20.16
CA LYS A 54 -22.30 22.78 19.01
C LYS A 54 -21.17 23.07 18.00
N PHE A 55 -20.99 22.17 17.02
CA PHE A 55 -19.90 22.20 16.03
C PHE A 55 -20.41 21.86 14.62
N LEU A 56 -19.64 22.28 13.60
CA LEU A 56 -19.99 22.14 12.17
C LEU A 56 -19.61 20.77 11.57
N LYS A 57 -19.00 19.88 12.37
CA LYS A 57 -18.59 18.53 11.94
C LYS A 57 -19.75 17.65 11.41
N SER A 58 -19.46 16.76 10.48
CA SER A 58 -20.36 15.73 9.95
C SER A 58 -19.66 14.34 9.91
N SER A 59 -20.21 13.38 9.17
CA SER A 59 -19.74 11.99 9.06
C SER A 59 -20.30 11.28 7.81
N ASN A 60 -19.89 10.03 7.56
CA ASN A 60 -20.25 9.23 6.39
C ASN A 60 -20.08 7.71 6.64
N TYR A 61 -20.46 6.89 5.65
CA TYR A 61 -20.39 5.43 5.67
C TYR A 61 -19.79 4.85 4.36
N ASP A 62 -19.67 3.52 4.28
CA ASP A 62 -19.13 2.77 3.14
C ASP A 62 -19.68 1.33 3.10
N SER A 63 -19.86 0.78 1.90
CA SER A 63 -20.36 -0.59 1.69
C SER A 63 -19.26 -1.64 1.98
N SER A 64 -19.40 -2.38 3.08
CA SER A 64 -18.44 -3.40 3.53
C SER A 64 -18.64 -4.78 2.87
N ASP A 65 -17.69 -5.70 3.08
CA ASP A 65 -17.66 -7.06 2.52
C ASP A 65 -16.92 -8.03 3.45
N GLU A 66 -17.38 -9.28 3.51
CA GLU A 66 -16.91 -10.31 4.45
C GLU A 66 -15.56 -10.97 4.08
N GLU A 67 -15.01 -10.70 2.89
CA GLU A 67 -13.82 -11.37 2.34
C GLU A 67 -12.81 -10.34 1.80
N SER A 68 -12.21 -9.56 2.70
CA SER A 68 -11.17 -8.56 2.41
C SER A 68 -10.33 -8.24 3.66
N ASP A 69 -10.63 -7.12 4.35
CA ASP A 69 -10.09 -6.64 5.64
C ASP A 69 -8.60 -6.26 5.63
N GLU A 70 -7.73 -7.21 5.24
CA GLU A 70 -6.28 -7.05 5.03
C GLU A 70 -5.78 -7.77 3.75
N GLU A 71 -6.65 -8.57 3.13
CA GLU A 71 -6.45 -9.21 1.83
C GLU A 71 -6.83 -8.25 0.67
N ASP A 72 -6.88 -8.76 -0.56
CA ASP A 72 -7.40 -8.05 -1.74
C ASP A 72 -8.85 -7.54 -1.54
N GLY A 73 -9.14 -6.36 -2.10
CA GLY A 73 -10.39 -5.61 -1.85
C GLY A 73 -10.25 -4.64 -0.67
N LYS A 74 -9.04 -4.14 -0.41
CA LYS A 74 -8.67 -3.40 0.80
C LYS A 74 -9.33 -2.01 0.91
N LYS A 75 -9.32 -1.24 -0.19
CA LYS A 75 -9.72 0.18 -0.31
C LYS A 75 -8.80 1.13 0.48
N VAL A 76 -8.31 2.23 -0.13
CA VAL A 76 -7.48 3.25 0.56
C VAL A 76 -7.77 4.65 0.00
N VAL A 77 -8.08 5.58 0.89
CA VAL A 77 -8.40 7.00 0.64
C VAL A 77 -8.44 7.75 1.99
N LYS A 78 -8.15 9.05 1.98
CA LYS A 78 -8.25 9.95 3.16
C LYS A 78 -7.33 9.48 4.32
N SER A 79 -6.02 9.45 4.06
CA SER A 79 -5.00 8.89 4.96
C SER A 79 -3.58 9.36 4.58
N ALA A 80 -2.54 8.71 5.13
CA ALA A 80 -1.15 8.87 4.71
C ALA A 80 -0.90 8.62 3.20
N LYS A 81 -1.85 8.00 2.48
CA LYS A 81 -1.88 7.90 1.00
C LYS A 81 -1.82 9.28 0.31
N GLU A 82 -2.20 10.35 1.02
CA GLU A 82 -2.11 11.74 0.57
C GLU A 82 -0.71 12.36 0.75
N LYS A 83 0.14 11.80 1.62
CA LYS A 83 1.42 12.38 2.06
C LYS A 83 2.66 11.52 1.73
N LEU A 84 2.47 10.23 1.47
CA LEU A 84 3.51 9.22 1.18
C LEU A 84 4.01 9.30 -0.28
N LEU A 85 3.29 9.96 -1.17
CA LEU A 85 3.57 10.06 -2.61
C LEU A 85 4.94 10.68 -2.93
N ASP A 86 5.50 10.27 -4.08
CA ASP A 86 6.71 10.79 -4.76
C ASP A 86 8.06 10.27 -4.19
N GLU A 87 8.05 9.47 -3.13
CA GLU A 87 9.27 9.03 -2.42
C GLU A 87 9.95 7.79 -3.05
N MET A 88 9.33 7.14 -4.04
CA MET A 88 9.82 5.93 -4.72
C MET A 88 9.14 5.76 -6.10
N GLN A 89 9.61 6.54 -7.06
CA GLN A 89 9.06 6.84 -8.40
C GLN A 89 8.26 5.72 -9.10
N ASP A 90 8.75 4.49 -9.10
CA ASP A 90 8.20 3.40 -9.90
C ASP A 90 7.15 2.52 -9.18
N VAL A 91 7.10 2.62 -7.85
CA VAL A 91 6.20 1.84 -6.98
C VAL A 91 5.21 2.76 -6.23
N TYR A 92 5.50 4.06 -6.11
CA TYR A 92 4.51 5.04 -5.61
C TYR A 92 3.44 5.37 -6.66
N ASN A 93 3.76 5.20 -7.95
CA ASN A 93 2.98 5.70 -9.10
C ASN A 93 1.46 5.40 -9.08
N LYS A 94 1.05 4.30 -8.45
CA LYS A 94 -0.35 3.85 -8.32
C LYS A 94 -1.09 4.42 -7.09
N ILE A 95 -0.35 4.86 -6.07
CA ILE A 95 -0.88 5.31 -4.76
C ILE A 95 -1.59 6.66 -4.91
N SER A 96 -1.25 7.46 -5.92
CA SER A 96 -1.97 8.67 -6.30
C SER A 96 -3.44 8.43 -6.64
N GLN A 97 -3.79 7.21 -7.09
CA GLN A 97 -5.14 6.79 -7.43
C GLN A 97 -5.73 5.91 -6.32
N ALA A 98 -5.05 4.79 -5.98
CA ALA A 98 -5.34 3.91 -4.83
C ALA A 98 -6.69 3.14 -4.86
N GLU A 99 -7.44 3.20 -5.96
CA GLU A 99 -8.72 2.48 -6.14
C GLU A 99 -8.49 1.07 -6.71
N ASN A 100 -7.25 0.72 -7.04
CA ASN A 100 -6.82 -0.65 -7.37
C ASN A 100 -6.75 -1.50 -6.10
N SER A 101 -7.91 -1.75 -5.47
CA SER A 101 -8.07 -2.37 -4.15
C SER A 101 -7.53 -3.80 -4.02
N ASP A 102 -7.29 -4.50 -5.14
CA ASP A 102 -6.71 -5.85 -5.21
C ASP A 102 -5.17 -5.85 -5.35
N ASP A 103 -4.58 -4.74 -5.82
CA ASP A 103 -3.13 -4.54 -5.90
C ASP A 103 -2.53 -4.17 -4.53
N TRP A 104 -3.35 -3.63 -3.62
CA TRP A 104 -2.93 -3.26 -2.27
C TRP A 104 -2.37 -4.42 -1.44
N LEU A 105 -2.77 -5.67 -1.73
CA LEU A 105 -2.12 -6.86 -1.15
C LEU A 105 -0.72 -7.06 -1.76
N THR A 106 -0.64 -7.11 -3.10
CA THR A 106 0.59 -7.38 -3.86
C THR A 106 1.69 -6.36 -3.59
N ILE A 107 1.34 -5.08 -3.53
CA ILE A 107 2.30 -3.98 -3.28
C ILE A 107 2.83 -3.98 -1.83
N SER A 108 2.03 -4.42 -0.87
CA SER A 108 2.41 -4.49 0.54
C SER A 108 3.43 -5.60 0.83
N ASN A 109 3.57 -6.57 -0.07
CA ASN A 109 4.65 -7.57 -0.01
C ASN A 109 6.04 -6.95 -0.35
N GLU A 110 6.05 -5.77 -0.99
CA GLU A 110 7.26 -4.98 -1.26
C GLU A 110 7.46 -3.89 -0.19
N PHE A 111 6.39 -3.18 0.17
CA PHE A 111 6.43 -2.02 1.06
C PHE A 111 6.84 -2.33 2.50
N ASP A 112 6.82 -3.61 2.87
CA ASP A 112 7.39 -4.20 4.09
C ASP A 112 8.81 -3.69 4.42
N LEU A 113 9.58 -3.36 3.38
CA LEU A 113 10.96 -2.86 3.47
C LEU A 113 11.19 -1.48 2.82
N ILE A 114 10.24 -0.98 2.02
CA ILE A 114 10.33 0.34 1.36
C ILE A 114 9.94 1.47 2.34
N SER A 115 8.72 1.41 2.86
CA SER A 115 8.19 2.43 3.78
C SER A 115 7.02 1.93 4.63
N ARG A 116 7.12 2.07 5.96
CA ARG A 116 6.06 1.69 6.89
C ARG A 116 4.92 2.72 6.93
N LEU A 117 5.12 3.94 6.44
CA LEU A 117 4.05 4.94 6.28
C LEU A 117 2.95 4.48 5.32
N LEU A 118 3.29 3.66 4.32
CA LEU A 118 2.32 3.04 3.41
C LEU A 118 1.42 2.05 4.14
N VAL A 119 1.96 1.27 5.10
CA VAL A 119 1.16 0.43 6.00
C VAL A 119 0.20 1.28 6.83
N ARG A 120 0.64 2.45 7.32
CA ARG A 120 -0.25 3.35 8.06
C ARG A 120 -1.39 3.89 7.19
N ALA A 121 -1.16 4.10 5.88
CA ALA A 121 -2.18 4.62 4.96
C ALA A 121 -3.37 3.67 4.80
N GLN A 122 -3.09 2.36 4.78
CA GLN A 122 -4.12 1.33 4.59
C GLN A 122 -4.69 0.76 5.90
N GLN A 123 -3.98 0.88 7.04
CA GLN A 123 -4.45 0.38 8.33
C GLN A 123 -5.13 1.47 9.18
N GLN A 124 -4.82 2.75 8.95
CA GLN A 124 -5.36 3.93 9.66
C GLN A 124 -5.24 3.77 11.19
N ASN A 125 -4.05 3.36 11.64
CA ASN A 125 -3.71 2.94 13.01
C ASN A 125 -3.56 4.11 14.02
N TRP A 126 -4.28 5.21 13.79
CA TRP A 126 -4.17 6.48 14.54
C TRP A 126 -4.80 6.45 15.95
N GLY A 127 -5.56 5.40 16.28
CA GLY A 127 -6.18 5.15 17.59
C GLY A 127 -7.66 5.53 17.70
N THR A 128 -8.29 5.94 16.58
CA THR A 128 -9.71 6.36 16.49
C THR A 128 -10.20 6.39 15.04
N SER A 1 25.66 -27.70 -50.10
CA SER A 1 24.34 -27.21 -49.64
C SER A 1 24.31 -25.68 -49.65
N GLU A 2 23.21 -25.10 -50.16
CA GLU A 2 22.97 -23.66 -50.35
C GLU A 2 23.87 -23.03 -51.45
N SER A 3 23.62 -21.78 -51.80
CA SER A 3 24.34 -21.03 -52.85
C SER A 3 24.16 -19.50 -52.68
N GLU A 4 25.03 -18.71 -53.31
CA GLU A 4 25.14 -17.26 -53.17
C GLU A 4 25.95 -16.65 -54.33
N LEU A 5 25.95 -15.31 -54.44
CA LEU A 5 26.63 -14.53 -55.48
C LEU A 5 27.01 -13.13 -54.98
N ASP A 6 27.96 -12.49 -55.67
CA ASP A 6 28.60 -11.22 -55.27
C ASP A 6 29.32 -10.55 -56.46
N GLN A 7 29.69 -9.28 -56.28
CA GLN A 7 30.38 -8.42 -57.25
C GLN A 7 31.01 -7.20 -56.55
N GLU A 8 31.74 -6.36 -57.30
CA GLU A 8 32.47 -5.17 -56.81
C GLU A 8 31.53 -3.97 -56.54
N SER A 9 30.40 -4.20 -55.90
CA SER A 9 29.47 -3.14 -55.43
C SER A 9 30.02 -2.36 -54.22
N ASP A 10 29.61 -1.10 -54.07
CA ASP A 10 30.01 -0.19 -52.98
C ASP A 10 28.95 0.93 -52.80
N ASP A 11 28.98 1.56 -51.62
CA ASP A 11 28.11 2.65 -51.18
C ASP A 11 28.78 3.58 -50.13
N SER A 12 30.04 3.35 -49.77
CA SER A 12 30.79 4.11 -48.75
C SER A 12 31.40 5.42 -49.28
N PHE A 13 30.95 5.91 -50.44
CA PHE A 13 31.40 7.14 -51.09
C PHE A 13 31.16 8.40 -50.25
N PHE A 14 32.01 9.42 -50.47
CA PHE A 14 32.00 10.71 -49.76
C PHE A 14 32.68 11.81 -50.60
N ASN A 15 32.37 13.07 -50.29
CA ASN A 15 32.95 14.26 -50.93
C ASN A 15 33.04 15.43 -49.93
N GLU A 16 34.24 15.99 -49.76
CA GLU A 16 34.54 17.09 -48.84
C GLU A 16 34.34 18.48 -49.46
N SER A 17 34.23 18.58 -50.80
CA SER A 17 34.08 19.86 -51.52
C SER A 17 32.67 20.47 -51.35
N GLU A 18 32.62 21.80 -51.13
CA GLU A 18 31.41 22.58 -50.89
C GLU A 18 31.68 24.06 -51.18
N SER A 19 30.72 24.78 -51.75
CA SER A 19 30.79 26.20 -52.12
C SER A 19 29.38 26.80 -52.35
N GLU A 20 29.25 28.12 -52.17
CA GLU A 20 27.99 28.87 -52.27
C GLU A 20 28.30 30.37 -52.46
N SER A 21 27.44 31.11 -53.16
CA SER A 21 27.60 32.56 -53.38
C SER A 21 27.47 33.39 -52.09
N GLU A 22 28.20 34.50 -52.01
CA GLU A 22 28.35 35.34 -50.80
C GLU A 22 28.80 36.76 -51.19
N ALA A 23 28.39 37.76 -50.41
CA ALA A 23 28.65 39.18 -50.62
C ALA A 23 28.74 39.95 -49.28
N ASP A 24 28.88 41.28 -49.34
CA ASP A 24 28.95 42.17 -48.17
C ASP A 24 27.62 42.26 -47.40
N VAL A 25 27.72 42.51 -46.09
CA VAL A 25 26.61 42.56 -45.10
C VAL A 25 26.93 43.65 -44.06
N ASP A 26 25.91 44.39 -43.63
CA ASP A 26 26.02 45.51 -42.67
C ASP A 26 24.72 45.73 -41.87
N SER A 27 24.80 46.51 -40.80
CA SER A 27 23.70 46.78 -39.85
C SER A 27 23.94 48.08 -39.05
N ASP A 28 22.91 48.57 -38.34
CA ASP A 28 22.90 49.84 -37.62
C ASP A 28 21.85 49.83 -36.48
N ASP A 29 22.11 50.59 -35.41
CA ASP A 29 21.29 50.67 -34.19
C ASP A 29 21.53 51.98 -33.43
N SER A 30 20.46 52.57 -32.90
CA SER A 30 20.45 53.86 -32.18
C SER A 30 19.13 54.07 -31.40
N ASP A 31 19.05 55.12 -30.57
CA ASP A 31 17.88 55.47 -29.76
C ASP A 31 17.79 56.98 -29.53
N ALA A 32 16.66 57.58 -29.94
CA ALA A 32 16.34 59.00 -29.90
C ALA A 32 14.85 59.24 -30.25
N LYS A 33 14.34 60.45 -30.01
CA LYS A 33 12.97 60.88 -30.35
C LYS A 33 12.90 62.37 -30.75
N PRO A 34 12.05 62.74 -31.73
CA PRO A 34 11.93 64.13 -32.19
C PRO A 34 11.04 64.99 -31.28
N TYR A 35 10.10 64.38 -30.54
CA TYR A 35 9.10 65.03 -29.68
C TYR A 35 8.33 63.99 -28.83
N GLY A 36 7.47 64.47 -27.92
CA GLY A 36 6.58 63.67 -27.08
C GLY A 36 7.11 63.44 -25.66
N PRO A 37 6.23 63.27 -24.65
CA PRO A 37 6.61 63.17 -23.24
C PRO A 37 7.17 61.78 -22.86
N ASP A 38 7.75 61.70 -21.66
CA ASP A 38 8.22 60.47 -20.99
C ASP A 38 8.39 60.74 -19.48
N TRP A 39 8.05 59.73 -18.66
CA TRP A 39 8.01 59.83 -17.19
C TRP A 39 7.99 58.45 -16.50
N PHE A 40 8.48 58.42 -15.26
CA PHE A 40 8.55 57.23 -14.41
C PHE A 40 7.20 56.92 -13.74
N LYS A 41 7.03 55.67 -13.29
CA LYS A 41 5.81 55.13 -12.67
C LYS A 41 6.09 54.54 -11.27
N LYS A 42 5.03 54.17 -10.54
CA LYS A 42 5.11 53.55 -9.20
C LYS A 42 5.84 52.19 -9.22
N SER A 43 6.41 51.80 -8.09
CA SER A 43 7.31 50.64 -7.95
C SER A 43 7.47 50.18 -6.48
N GLU A 44 8.29 49.15 -6.23
CA GLU A 44 8.54 48.55 -4.92
C GLU A 44 9.90 47.82 -4.90
N PHE A 45 10.35 47.40 -3.71
CA PHE A 45 11.62 46.69 -3.50
C PHE A 45 11.51 45.76 -2.28
N ARG A 46 11.48 44.44 -2.54
CA ARG A 46 11.24 43.35 -1.58
C ARG A 46 11.94 42.05 -2.05
N LYS A 47 11.90 41.01 -1.22
CA LYS A 47 12.32 39.61 -1.52
C LYS A 47 13.84 39.42 -1.71
N GLN A 48 14.65 40.34 -1.17
CA GLN A 48 16.12 40.24 -1.16
C GLN A 48 16.59 39.19 -0.12
N GLY A 49 17.77 38.61 -0.35
CA GLY A 49 18.37 37.61 0.54
C GLY A 49 17.78 36.21 0.33
N GLY A 50 17.47 35.51 1.44
CA GLY A 50 16.95 34.14 1.47
C GLY A 50 18.03 33.07 1.69
N GLY A 51 17.59 31.82 1.85
CA GLY A 51 18.44 30.66 2.12
C GLY A 51 19.03 30.00 0.86
N SER A 52 19.70 28.87 1.05
CA SER A 52 20.36 28.09 -0.02
C SER A 52 19.42 27.16 -0.81
N ASN A 53 18.16 27.01 -0.36
CA ASN A 53 17.10 26.18 -0.96
C ASN A 53 17.39 24.65 -0.94
N LYS A 54 18.40 24.21 -0.18
CA LYS A 54 18.76 22.79 -0.02
C LYS A 54 17.69 21.99 0.76
N PHE A 55 17.50 20.72 0.38
CA PHE A 55 16.55 19.80 1.00
C PHE A 55 17.05 19.24 2.35
N LEU A 56 16.13 18.66 3.14
CA LEU A 56 16.36 18.17 4.50
C LEU A 56 15.90 16.70 4.68
N LYS A 57 15.72 15.97 3.58
CA LYS A 57 15.35 14.54 3.58
C LYS A 57 16.45 13.65 4.20
N SER A 58 16.06 12.59 4.91
CA SER A 58 16.96 11.71 5.67
C SER A 58 16.27 10.38 6.07
N SER A 59 17.04 9.41 6.56
CA SER A 59 16.56 8.08 6.98
C SER A 59 15.58 8.12 8.17
N ASN A 60 14.60 7.21 8.19
CA ASN A 60 13.54 7.14 9.19
C ASN A 60 12.93 5.72 9.29
N TYR A 61 12.31 5.38 10.42
CA TYR A 61 11.74 4.06 10.71
C TYR A 61 10.56 4.11 11.70
N ASP A 62 9.72 3.07 11.69
CA ASP A 62 8.52 2.88 12.50
C ASP A 62 8.22 1.37 12.59
N SER A 63 8.07 0.83 13.79
CA SER A 63 8.01 -0.61 14.06
C SER A 63 6.64 -1.28 13.78
N SER A 64 6.66 -2.58 13.48
CA SER A 64 5.45 -3.42 13.35
C SER A 64 4.80 -3.71 14.72
N ASP A 65 3.54 -4.18 14.70
CA ASP A 65 2.75 -4.51 15.90
C ASP A 65 1.76 -5.67 15.62
N GLU A 66 1.31 -6.34 16.67
CA GLU A 66 0.51 -7.57 16.65
C GLU A 66 -1.01 -7.29 16.41
N GLU A 67 -1.32 -6.38 15.50
CA GLU A 67 -2.68 -5.98 15.13
C GLU A 67 -2.68 -5.39 13.70
N SER A 68 -3.54 -5.93 12.83
CA SER A 68 -3.63 -5.59 11.40
C SER A 68 -4.86 -6.28 10.75
N ASP A 69 -5.57 -5.57 9.88
CA ASP A 69 -6.72 -6.07 9.12
C ASP A 69 -6.34 -6.40 7.66
N GLU A 70 -6.61 -7.63 7.23
CA GLU A 70 -6.29 -8.10 5.87
C GLU A 70 -7.39 -7.69 4.88
N GLU A 71 -7.03 -6.88 3.89
CA GLU A 71 -7.93 -6.28 2.90
C GLU A 71 -7.15 -5.78 1.67
N ASP A 72 -7.67 -6.04 0.47
CA ASP A 72 -7.07 -5.66 -0.82
C ASP A 72 -7.55 -4.29 -1.34
N GLY A 73 -7.95 -3.40 -0.41
CA GLY A 73 -8.51 -2.07 -0.68
C GLY A 73 -8.10 -1.02 0.34
N LYS A 74 -9.07 -0.20 0.77
CA LYS A 74 -8.92 0.98 1.63
C LYS A 74 -10.30 1.44 2.15
N LYS A 75 -10.31 2.20 3.25
CA LYS A 75 -11.51 2.55 4.02
C LYS A 75 -11.81 4.07 4.07
N VAL A 76 -10.80 4.92 3.82
CA VAL A 76 -10.80 6.38 4.01
C VAL A 76 -10.01 7.03 2.86
N VAL A 77 -10.48 8.17 2.35
CA VAL A 77 -9.84 8.93 1.25
C VAL A 77 -8.57 9.69 1.66
N LYS A 78 -8.23 9.68 2.95
CA LYS A 78 -7.19 10.47 3.60
C LYS A 78 -6.43 9.58 4.61
N SER A 79 -5.12 9.55 4.50
CA SER A 79 -4.20 8.74 5.32
C SER A 79 -2.74 9.19 5.15
N ALA A 80 -1.78 8.44 5.71
CA ALA A 80 -0.34 8.63 5.51
C ALA A 80 0.11 8.62 4.03
N LYS A 81 -0.74 8.14 3.09
CA LYS A 81 -0.56 8.28 1.65
C LYS A 81 -0.41 9.76 1.23
N GLU A 82 -1.04 10.67 1.97
CA GLU A 82 -0.98 12.13 1.73
C GLU A 82 0.39 12.76 2.04
N LYS A 83 1.28 12.06 2.78
CA LYS A 83 2.65 12.51 3.07
C LYS A 83 3.75 11.58 2.49
N LEU A 84 3.41 10.34 2.13
CA LEU A 84 4.30 9.35 1.51
C LEU A 84 4.52 9.60 0.01
N LEU A 85 3.63 10.32 -0.68
CA LEU A 85 3.74 10.64 -2.11
C LEU A 85 4.83 11.69 -2.40
N ASP A 86 6.08 11.23 -2.26
CA ASP A 86 7.34 11.97 -2.42
C ASP A 86 8.59 11.05 -2.40
N GLU A 87 8.51 9.85 -1.79
CA GLU A 87 9.65 8.97 -1.51
C GLU A 87 10.21 8.21 -2.75
N MET A 88 9.49 8.18 -3.87
CA MET A 88 9.75 7.36 -5.06
C MET A 88 8.84 7.83 -6.23
N GLN A 89 8.92 7.19 -7.40
CA GLN A 89 8.21 7.60 -8.62
C GLN A 89 7.56 6.43 -9.39
N ASP A 90 7.74 5.17 -8.95
CA ASP A 90 7.34 3.97 -9.72
C ASP A 90 6.35 3.08 -8.95
N VAL A 91 6.77 2.51 -7.82
CA VAL A 91 5.89 1.82 -6.85
C VAL A 91 4.92 2.81 -6.16
N TYR A 92 5.14 4.12 -6.38
CA TYR A 92 4.31 5.25 -5.93
C TYR A 92 3.21 5.64 -6.94
N ASN A 93 3.34 5.25 -8.21
CA ASN A 93 2.49 5.75 -9.30
C ASN A 93 1.02 5.31 -9.20
N LYS A 94 0.76 4.18 -8.51
CA LYS A 94 -0.58 3.71 -8.13
C LYS A 94 -1.10 4.39 -6.86
N ILE A 95 -0.23 4.77 -5.93
CA ILE A 95 -0.60 5.41 -4.64
C ILE A 95 -1.20 6.81 -4.89
N SER A 96 -0.82 7.46 -5.98
CA SER A 96 -1.44 8.70 -6.49
C SER A 96 -2.89 8.53 -7.01
N GLN A 97 -3.43 7.31 -6.98
CA GLN A 97 -4.75 6.93 -7.50
C GLN A 97 -5.55 6.18 -6.41
N ALA A 98 -4.97 5.13 -5.84
CA ALA A 98 -5.39 4.38 -4.64
C ALA A 98 -6.71 3.60 -4.75
N GLU A 99 -7.38 3.63 -5.91
CA GLU A 99 -8.62 2.89 -6.19
C GLU A 99 -8.37 1.45 -6.68
N ASN A 100 -7.11 1.01 -6.68
CA ASN A 100 -6.66 -0.24 -7.29
C ASN A 100 -6.90 -1.47 -6.41
N SER A 101 -8.05 -2.13 -6.58
CA SER A 101 -8.36 -3.44 -5.97
C SER A 101 -7.34 -4.53 -6.39
N ASP A 102 -7.16 -5.55 -5.55
CA ASP A 102 -6.16 -6.64 -5.63
C ASP A 102 -4.68 -6.21 -5.56
N ASP A 103 -4.32 -5.02 -6.05
CA ASP A 103 -2.97 -4.47 -5.99
C ASP A 103 -2.56 -4.04 -4.57
N TRP A 104 -3.48 -3.50 -3.76
CA TRP A 104 -3.21 -3.16 -2.37
C TRP A 104 -2.74 -4.34 -1.51
N LEU A 105 -3.12 -5.58 -1.89
CA LEU A 105 -2.55 -6.79 -1.28
C LEU A 105 -1.13 -7.04 -1.78
N THR A 106 -0.92 -7.09 -3.11
CA THR A 106 0.39 -7.37 -3.73
C THR A 106 1.47 -6.36 -3.32
N ILE A 107 1.13 -5.08 -3.24
CA ILE A 107 2.05 -3.99 -2.86
C ILE A 107 2.44 -4.06 -1.36
N SER A 108 1.53 -4.54 -0.51
CA SER A 108 1.80 -4.70 0.92
C SER A 108 2.84 -5.81 1.23
N ASN A 109 3.05 -6.73 0.30
CA ASN A 109 4.05 -7.80 0.42
C ASN A 109 5.49 -7.31 0.17
N GLU A 110 5.68 -6.10 -0.38
CA GLU A 110 7.01 -5.51 -0.60
C GLU A 110 7.28 -4.20 0.17
N PHE A 111 6.25 -3.47 0.61
CA PHE A 111 6.42 -2.14 1.20
C PHE A 111 7.07 -2.11 2.58
N ASP A 112 7.10 -3.26 3.26
CA ASP A 112 7.76 -3.51 4.54
C ASP A 112 9.21 -2.99 4.60
N LEU A 113 9.89 -3.06 3.44
CA LEU A 113 11.28 -2.68 3.23
C LEU A 113 11.46 -1.37 2.44
N ILE A 114 10.39 -0.85 1.84
CA ILE A 114 10.37 0.37 1.01
C ILE A 114 10.01 1.59 1.87
N SER A 115 8.86 1.55 2.54
CA SER A 115 8.38 2.64 3.40
C SER A 115 7.41 2.19 4.49
N ARG A 116 7.77 2.48 5.75
CA ARG A 116 6.99 2.12 6.93
C ARG A 116 5.66 2.90 7.04
N LEU A 117 5.56 4.06 6.39
CA LEU A 117 4.33 4.87 6.36
C LEU A 117 3.21 4.24 5.51
N LEU A 118 3.54 3.41 4.52
CA LEU A 118 2.55 2.74 3.67
C LEU A 118 1.71 1.74 4.47
N VAL A 119 2.35 1.02 5.41
CA VAL A 119 1.70 0.14 6.41
C VAL A 119 0.57 0.88 7.15
N ARG A 120 0.79 2.16 7.51
CA ARG A 120 -0.25 2.97 8.14
C ARG A 120 -1.27 3.49 7.12
N ALA A 121 -0.83 3.82 5.90
CA ALA A 121 -1.65 4.40 4.84
C ALA A 121 -2.69 3.42 4.27
N GLN A 122 -2.42 2.12 4.34
CA GLN A 122 -3.33 1.06 3.91
C GLN A 122 -4.30 0.60 5.02
N GLN A 123 -3.93 0.77 6.30
CA GLN A 123 -4.75 0.33 7.45
C GLN A 123 -5.78 1.40 7.83
N GLN A 124 -5.37 2.68 7.91
CA GLN A 124 -6.26 3.84 8.02
C GLN A 124 -7.12 3.88 9.30
N ASN A 125 -6.72 3.18 10.37
CA ASN A 125 -7.45 3.16 11.63
C ASN A 125 -7.24 4.47 12.43
N TRP A 126 -8.08 5.47 12.14
CA TRP A 126 -8.05 6.81 12.74
C TRP A 126 -9.16 7.05 13.78
N GLY A 127 -10.07 6.08 13.94
CA GLY A 127 -11.25 6.15 14.81
C GLY A 127 -11.04 5.76 16.28
N THR A 128 -9.79 5.49 16.69
CA THR A 128 -9.40 5.07 18.07
C THR A 128 -8.14 5.78 18.55
N SER A 1 -51.79 14.15 51.71
CA SER A 1 -51.94 14.40 50.25
C SER A 1 -50.74 15.19 49.70
N GLU A 2 -50.74 16.53 49.84
CA GLU A 2 -49.64 17.41 49.45
C GLU A 2 -48.56 17.45 50.54
N SER A 3 -47.29 17.41 50.13
CA SER A 3 -46.11 17.35 51.02
C SER A 3 -44.91 18.08 50.40
N GLU A 4 -44.10 18.75 51.23
CA GLU A 4 -42.93 19.55 50.83
C GLU A 4 -41.83 19.46 51.90
N LEU A 5 -40.56 19.56 51.46
CA LEU A 5 -39.36 19.55 52.32
C LEU A 5 -38.19 20.24 51.59
N ASP A 6 -37.55 21.20 52.26
CA ASP A 6 -36.45 22.01 51.75
C ASP A 6 -35.72 22.73 52.90
N GLN A 7 -34.39 22.91 52.77
CA GLN A 7 -33.52 23.54 53.76
C GLN A 7 -32.19 23.96 53.12
N GLU A 8 -31.43 24.84 53.79
CA GLU A 8 -30.10 25.28 53.39
C GLU A 8 -29.11 24.10 53.39
N SER A 9 -28.51 23.80 52.24
CA SER A 9 -27.63 22.65 52.02
C SER A 9 -26.79 22.79 50.74
N ASP A 10 -25.52 22.40 50.77
CA ASP A 10 -24.56 22.44 49.66
C ASP A 10 -23.35 21.52 49.96
N ASP A 11 -22.96 20.69 48.99
CA ASP A 11 -21.91 19.67 49.12
C ASP A 11 -21.44 19.16 47.75
N SER A 12 -20.16 18.81 47.63
CA SER A 12 -19.52 18.24 46.43
C SER A 12 -18.19 17.57 46.79
N PHE A 13 -17.85 16.45 46.13
CA PHE A 13 -16.63 15.69 46.39
C PHE A 13 -15.38 16.37 45.80
N PHE A 14 -14.26 16.29 46.54
CA PHE A 14 -12.96 16.82 46.15
C PHE A 14 -11.84 16.13 46.98
N ASN A 15 -10.84 15.57 46.30
CA ASN A 15 -9.64 15.01 46.93
C ASN A 15 -8.74 16.14 47.46
N GLU A 16 -8.28 16.04 48.71
CA GLU A 16 -7.61 17.12 49.44
C GLU A 16 -6.57 16.56 50.44
N SER A 17 -5.47 17.30 50.63
CA SER A 17 -4.36 17.00 51.55
C SER A 17 -3.58 18.30 51.86
N GLU A 18 -2.46 18.20 52.60
CA GLU A 18 -1.67 19.35 53.06
C GLU A 18 -0.20 18.98 53.32
N SER A 19 0.70 19.95 53.15
CA SER A 19 2.16 19.85 53.30
C SER A 19 2.80 21.26 53.33
N GLU A 20 4.13 21.35 53.42
CA GLU A 20 4.90 22.58 53.44
C GLU A 20 6.34 22.32 52.95
N SER A 21 6.78 23.11 51.95
CA SER A 21 8.08 22.98 51.28
C SER A 21 8.38 24.22 50.41
N GLU A 22 9.54 24.26 49.76
CA GLU A 22 10.02 25.33 48.89
C GLU A 22 11.12 24.79 47.94
N ALA A 23 11.03 25.13 46.65
CA ALA A 23 11.90 24.61 45.59
C ALA A 23 11.93 25.54 44.36
N ASP A 24 12.91 25.32 43.47
CA ASP A 24 13.18 26.06 42.24
C ASP A 24 14.06 25.21 41.29
N VAL A 25 14.20 25.64 40.02
CA VAL A 25 14.93 24.94 38.96
C VAL A 25 15.87 25.92 38.25
N ASP A 26 17.17 25.72 38.46
CA ASP A 26 18.29 26.52 37.92
C ASP A 26 19.62 25.80 38.20
N SER A 27 20.59 25.93 37.29
CA SER A 27 21.92 25.28 37.39
C SER A 27 22.96 25.90 36.44
N ASP A 28 22.67 25.96 35.14
CA ASP A 28 23.57 26.43 34.08
C ASP A 28 22.80 26.73 32.77
N ASP A 29 23.22 27.77 32.04
CA ASP A 29 22.64 28.22 30.77
C ASP A 29 23.63 29.14 30.02
N SER A 30 23.75 28.94 28.70
CA SER A 30 24.65 29.67 27.78
C SER A 30 24.29 29.37 26.31
N ASP A 31 24.60 30.30 25.40
CA ASP A 31 24.35 30.21 23.96
C ASP A 31 25.29 31.15 23.16
N ALA A 32 25.86 30.64 22.06
CA ALA A 32 26.85 31.32 21.23
C ALA A 32 27.03 30.60 19.87
N LYS A 33 27.71 31.26 18.92
CA LYS A 33 28.03 30.72 17.59
C LYS A 33 29.46 31.16 17.15
N PRO A 34 30.49 30.30 17.33
CA PRO A 34 31.89 30.65 17.04
C PRO A 34 32.27 30.44 15.57
N TYR A 35 31.52 29.63 14.82
CA TYR A 35 31.79 29.26 13.41
C TYR A 35 30.58 28.54 12.76
N GLY A 36 30.70 28.19 11.47
CA GLY A 36 29.70 27.45 10.68
C GLY A 36 28.90 28.34 9.73
N PRO A 37 28.07 27.76 8.83
CA PRO A 37 27.28 28.47 7.83
C PRO A 37 26.32 29.49 8.45
N ASP A 38 26.15 30.63 7.79
CA ASP A 38 25.30 31.75 8.25
C ASP A 38 24.60 32.50 7.09
N TRP A 39 24.73 31.99 5.86
CA TRP A 39 24.16 32.55 4.63
C TRP A 39 22.69 32.15 4.38
N PHE A 40 22.12 32.66 3.28
CA PHE A 40 20.78 32.36 2.80
C PHE A 40 20.73 32.42 1.26
N LYS A 41 19.90 31.57 0.66
CA LYS A 41 19.69 31.47 -0.80
C LYS A 41 18.33 30.81 -1.14
N LYS A 42 17.76 31.15 -2.30
CA LYS A 42 16.41 30.76 -2.74
C LYS A 42 16.27 30.85 -4.27
N SER A 43 15.40 30.01 -4.86
CA SER A 43 15.21 29.87 -6.31
C SER A 43 13.85 29.20 -6.65
N GLU A 44 13.48 29.17 -7.93
CA GLU A 44 12.22 28.58 -8.41
C GLU A 44 12.25 27.04 -8.35
N PHE A 45 11.09 26.44 -8.08
CA PHE A 45 10.94 25.01 -7.78
C PHE A 45 9.74 24.31 -8.46
N ARG A 46 8.92 25.05 -9.23
CA ARG A 46 7.73 24.52 -9.92
C ARG A 46 8.15 23.68 -11.13
N LYS A 47 7.87 22.37 -11.08
CA LYS A 47 8.26 21.38 -12.10
C LYS A 47 7.28 21.35 -13.29
N GLN A 48 7.58 20.57 -14.33
CA GLN A 48 6.70 20.37 -15.49
C GLN A 48 5.49 19.48 -15.15
N GLY A 49 4.42 19.61 -15.93
CA GLY A 49 3.15 18.87 -15.79
C GLY A 49 1.93 19.79 -15.68
N GLY A 50 0.81 19.37 -16.29
CA GLY A 50 -0.44 20.15 -16.37
C GLY A 50 -1.34 19.92 -15.16
N GLY A 51 -2.01 21.00 -14.70
CA GLY A 51 -2.95 20.99 -13.58
C GLY A 51 -4.33 20.50 -14.01
N SER A 52 -4.47 19.20 -14.24
CA SER A 52 -5.71 18.56 -14.72
C SER A 52 -5.76 17.06 -14.42
N ASN A 53 -4.73 16.30 -14.82
CA ASN A 53 -4.59 14.85 -14.59
C ASN A 53 -5.77 14.02 -15.18
N LYS A 54 -6.41 14.51 -16.24
CA LYS A 54 -7.64 13.93 -16.83
C LYS A 54 -7.48 12.55 -17.50
N PHE A 55 -6.23 12.09 -17.72
CA PHE A 55 -5.91 10.80 -18.33
C PHE A 55 -5.23 9.89 -17.29
N LEU A 56 -5.97 8.92 -16.76
CA LEU A 56 -5.58 8.07 -15.62
C LEU A 56 -6.30 6.70 -15.57
N LYS A 57 -7.05 6.34 -16.61
CA LYS A 57 -7.84 5.09 -16.68
C LYS A 57 -6.99 3.82 -16.86
N SER A 58 -7.56 2.66 -16.52
CA SER A 58 -6.86 1.36 -16.48
C SER A 58 -7.38 0.35 -17.54
N SER A 59 -8.22 0.79 -18.47
CA SER A 59 -8.85 -0.05 -19.50
C SER A 59 -7.82 -0.69 -20.46
N ASN A 60 -7.78 -2.03 -20.48
CA ASN A 60 -6.82 -2.84 -21.25
C ASN A 60 -7.31 -4.31 -21.34
N TYR A 61 -6.90 -5.03 -22.40
CA TYR A 61 -7.28 -6.42 -22.66
C TYR A 61 -6.84 -7.43 -21.57
N ASP A 62 -5.83 -7.08 -20.76
CA ASP A 62 -5.19 -7.96 -19.77
C ASP A 62 -5.24 -7.42 -18.32
N SER A 63 -5.92 -6.30 -18.07
CA SER A 63 -6.06 -5.70 -16.72
C SER A 63 -7.26 -6.25 -15.90
N SER A 64 -8.06 -7.14 -16.49
CA SER A 64 -9.21 -7.79 -15.82
C SER A 64 -8.79 -8.76 -14.70
N ASP A 65 -9.57 -8.80 -13.61
CA ASP A 65 -9.36 -9.69 -12.46
C ASP A 65 -9.84 -11.14 -12.74
N GLU A 66 -9.18 -12.11 -12.09
CA GLU A 66 -9.42 -13.55 -12.27
C GLU A 66 -9.04 -14.37 -11.02
N GLU A 67 -8.99 -13.73 -9.84
CA GLU A 67 -8.57 -14.31 -8.55
C GLU A 67 -9.38 -13.70 -7.39
N SER A 68 -9.51 -14.43 -6.29
CA SER A 68 -10.35 -14.08 -5.13
C SER A 68 -9.96 -14.92 -3.88
N ASP A 69 -10.82 -14.97 -2.86
CA ASP A 69 -10.75 -15.80 -1.64
C ASP A 69 -9.69 -15.35 -0.61
N GLU A 70 -9.23 -14.09 -0.71
CA GLU A 70 -8.26 -13.46 0.19
C GLU A 70 -8.66 -12.00 0.48
N GLU A 71 -8.34 -11.51 1.68
CA GLU A 71 -8.62 -10.14 2.14
C GLU A 71 -7.56 -9.15 1.62
N ASP A 72 -7.96 -7.88 1.45
CA ASP A 72 -7.17 -6.84 0.77
C ASP A 72 -7.53 -5.43 1.26
N GLY A 73 -6.55 -4.71 1.81
CA GLY A 73 -6.69 -3.42 2.50
C GLY A 73 -6.76 -2.21 1.57
N LYS A 74 -7.73 -2.20 0.67
CA LYS A 74 -7.90 -1.21 -0.40
C LYS A 74 -8.35 0.19 0.06
N LYS A 75 -8.91 0.33 1.27
CA LYS A 75 -9.53 1.58 1.74
C LYS A 75 -8.49 2.62 2.19
N VAL A 76 -8.04 3.44 1.24
CA VAL A 76 -6.99 4.47 1.39
C VAL A 76 -7.28 5.63 0.44
N VAL A 77 -7.18 6.87 0.96
CA VAL A 77 -7.35 8.12 0.18
C VAL A 77 -6.77 9.34 0.91
N LYS A 78 -6.89 9.41 2.24
CA LYS A 78 -6.40 10.50 3.08
C LYS A 78 -5.86 9.95 4.42
N SER A 79 -4.53 9.87 4.54
CA SER A 79 -3.78 9.24 5.63
C SER A 79 -2.26 9.46 5.40
N ALA A 80 -1.39 8.62 5.98
CA ALA A 80 0.05 8.57 5.71
C ALA A 80 0.42 8.42 4.22
N LYS A 81 -0.52 7.96 3.39
CA LYS A 81 -0.43 7.95 1.92
C LYS A 81 -0.16 9.35 1.34
N GLU A 82 -0.69 10.41 1.98
CA GLU A 82 -0.59 11.80 1.50
C GLU A 82 0.85 12.34 1.59
N LYS A 83 1.53 12.13 2.72
CA LYS A 83 2.92 12.57 2.92
C LYS A 83 3.98 11.71 2.21
N LEU A 84 3.58 10.51 1.75
CA LEU A 84 4.44 9.51 1.09
C LEU A 84 4.52 9.68 -0.44
N LEU A 85 3.57 10.40 -1.06
CA LEU A 85 3.39 10.56 -2.50
C LEU A 85 4.45 11.44 -3.20
N ASP A 86 5.69 11.39 -2.73
CA ASP A 86 6.87 12.11 -3.24
C ASP A 86 8.23 11.41 -2.90
N GLU A 87 8.20 10.25 -2.22
CA GLU A 87 9.40 9.59 -1.67
C GLU A 87 10.16 8.69 -2.68
N MET A 88 9.62 8.53 -3.89
CA MET A 88 10.03 7.57 -4.94
C MET A 88 9.26 7.85 -6.25
N GLN A 89 9.62 7.19 -7.36
CA GLN A 89 9.12 7.52 -8.70
C GLN A 89 8.81 6.30 -9.58
N ASP A 90 8.56 5.15 -8.95
CA ASP A 90 8.13 3.91 -9.62
C ASP A 90 6.91 3.29 -8.90
N VAL A 91 7.14 2.67 -7.75
CA VAL A 91 6.14 2.01 -6.89
C VAL A 91 5.08 3.00 -6.35
N TYR A 92 5.37 4.31 -6.35
CA TYR A 92 4.43 5.35 -5.93
C TYR A 92 3.37 5.70 -6.99
N ASN A 93 3.63 5.42 -8.27
CA ASN A 93 2.78 5.93 -9.37
C ASN A 93 1.32 5.43 -9.32
N LYS A 94 1.07 4.31 -8.65
CA LYS A 94 -0.26 3.73 -8.41
C LYS A 94 -1.00 4.38 -7.21
N ILE A 95 -0.24 4.92 -6.25
CA ILE A 95 -0.74 5.51 -4.99
C ILE A 95 -1.46 6.85 -5.27
N SER A 96 -1.18 7.48 -6.40
CA SER A 96 -1.91 8.65 -6.91
C SER A 96 -3.35 8.34 -7.34
N GLN A 97 -3.74 7.06 -7.43
CA GLN A 97 -5.08 6.60 -7.79
C GLN A 97 -5.70 5.82 -6.61
N ALA A 98 -4.99 4.82 -6.09
CA ALA A 98 -5.25 4.07 -4.83
C ALA A 98 -6.56 3.26 -4.74
N GLU A 99 -7.41 3.31 -5.76
CA GLU A 99 -8.69 2.60 -5.88
C GLU A 99 -8.52 1.37 -6.79
N ASN A 100 -7.50 0.58 -6.48
CA ASN A 100 -7.01 -0.52 -7.33
C ASN A 100 -7.79 -1.84 -7.22
N SER A 101 -8.62 -1.99 -6.17
CA SER A 101 -9.54 -3.13 -5.89
C SER A 101 -8.89 -4.48 -5.52
N ASP A 102 -7.57 -4.65 -5.70
CA ASP A 102 -6.85 -5.92 -5.46
C ASP A 102 -5.32 -5.79 -5.23
N ASP A 103 -4.70 -4.68 -5.66
CA ASP A 103 -3.23 -4.49 -5.62
C ASP A 103 -2.65 -4.24 -4.21
N TRP A 104 -3.45 -3.72 -3.27
CA TRP A 104 -2.96 -3.26 -1.97
C TRP A 104 -2.29 -4.36 -1.12
N LEU A 105 -2.72 -5.62 -1.24
CA LEU A 105 -2.03 -6.77 -0.65
C LEU A 105 -0.65 -6.98 -1.30
N THR A 106 -0.59 -7.03 -2.63
CA THR A 106 0.63 -7.33 -3.40
C THR A 106 1.70 -6.26 -3.25
N ILE A 107 1.32 -4.97 -3.23
CA ILE A 107 2.26 -3.86 -3.02
C ILE A 107 2.77 -3.82 -1.56
N SER A 108 1.94 -4.23 -0.59
CA SER A 108 2.34 -4.34 0.83
C SER A 108 3.47 -5.37 1.04
N ASN A 109 3.53 -6.40 0.18
CA ASN A 109 4.62 -7.39 0.22
C ASN A 109 5.98 -6.80 -0.21
N GLU A 110 5.99 -5.63 -0.87
CA GLU A 110 7.19 -4.84 -1.15
C GLU A 110 7.41 -3.76 -0.07
N PHE A 111 6.33 -3.08 0.33
CA PHE A 111 6.39 -1.90 1.20
C PHE A 111 6.81 -2.19 2.63
N ASP A 112 6.72 -3.45 3.04
CA ASP A 112 7.27 -4.00 4.28
C ASP A 112 8.73 -3.55 4.54
N LEU A 113 9.50 -3.42 3.45
CA LEU A 113 10.92 -3.06 3.44
C LEU A 113 11.22 -1.69 2.81
N ILE A 114 10.29 -1.11 2.04
CA ILE A 114 10.44 0.23 1.41
C ILE A 114 10.06 1.33 2.40
N SER A 115 8.83 1.29 2.92
CA SER A 115 8.30 2.32 3.83
C SER A 115 7.16 1.83 4.73
N ARG A 116 7.38 1.92 6.05
CA ARG A 116 6.35 1.64 7.06
C ARG A 116 5.21 2.67 7.03
N LEU A 117 5.39 3.86 6.44
CA LEU A 117 4.31 4.85 6.27
C LEU A 117 3.19 4.33 5.37
N LEU A 118 3.50 3.53 4.34
CA LEU A 118 2.49 2.93 3.46
C LEU A 118 1.70 1.84 4.21
N VAL A 119 2.39 1.00 4.98
CA VAL A 119 1.75 0.03 5.90
C VAL A 119 0.80 0.75 6.88
N ARG A 120 1.22 1.90 7.41
CA ARG A 120 0.39 2.70 8.30
C ARG A 120 -0.78 3.39 7.59
N ALA A 121 -0.65 3.71 6.29
CA ALA A 121 -1.73 4.31 5.49
C ALA A 121 -2.89 3.33 5.26
N GLN A 122 -2.58 2.05 5.02
CA GLN A 122 -3.59 1.00 4.80
C GLN A 122 -4.14 0.39 6.10
N GLN A 123 -3.32 0.27 7.16
CA GLN A 123 -3.71 -0.40 8.40
C GLN A 123 -4.18 0.57 9.50
N GLN A 124 -3.69 1.83 9.48
CA GLN A 124 -4.11 2.92 10.37
C GLN A 124 -3.90 2.59 11.86
N ASN A 125 -2.79 1.91 12.18
CA ASN A 125 -2.39 1.49 13.52
C ASN A 125 -1.79 2.64 14.36
N TRP A 126 -2.60 3.66 14.63
CA TRP A 126 -2.22 4.89 15.33
C TRP A 126 -2.39 4.83 16.86
N GLY A 127 -3.01 3.74 17.38
CA GLY A 127 -3.24 3.51 18.81
C GLY A 127 -4.46 4.21 19.40
N THR A 128 -5.40 4.65 18.55
CA THR A 128 -6.59 5.47 18.89
C THR A 128 -7.83 5.06 18.10
N SER A 1 -79.10 -107.92 85.73
CA SER A 1 -79.88 -109.01 85.11
C SER A 1 -79.08 -109.69 84.00
N GLU A 2 -79.18 -111.02 83.89
CA GLU A 2 -78.50 -111.82 82.85
C GLU A 2 -79.28 -111.81 81.53
N SER A 3 -78.60 -112.10 80.42
CA SER A 3 -79.16 -112.11 79.06
C SER A 3 -78.29 -112.92 78.07
N GLU A 4 -78.83 -113.24 76.89
CA GLU A 4 -78.22 -114.08 75.86
C GLU A 4 -78.83 -113.80 74.48
N LEU A 5 -78.15 -114.26 73.41
CA LEU A 5 -78.51 -114.05 72.01
C LEU A 5 -77.90 -115.14 71.09
N ASP A 6 -78.34 -115.15 69.82
CA ASP A 6 -77.96 -116.12 68.80
C ASP A 6 -78.14 -115.54 67.38
N GLN A 7 -77.28 -115.95 66.44
CA GLN A 7 -77.22 -115.43 65.06
C GLN A 7 -76.46 -116.38 64.14
N GLU A 8 -76.69 -116.26 62.83
CA GLU A 8 -75.97 -116.98 61.77
C GLU A 8 -75.14 -116.01 60.93
N SER A 9 -73.93 -116.41 60.54
CA SER A 9 -72.96 -115.63 59.75
C SER A 9 -71.90 -116.52 59.08
N ASP A 10 -71.19 -115.98 58.08
CA ASP A 10 -70.26 -116.71 57.20
C ASP A 10 -69.28 -115.77 56.48
N ASP A 11 -68.11 -116.29 56.09
CA ASP A 11 -67.05 -115.56 55.40
C ASP A 11 -67.38 -115.35 53.90
N SER A 12 -67.32 -114.09 53.44
CA SER A 12 -67.69 -113.68 52.07
C SER A 12 -67.14 -112.26 51.76
N PHE A 13 -67.24 -111.84 50.49
CA PHE A 13 -66.66 -110.60 49.95
C PHE A 13 -67.61 -109.91 48.97
N PHE A 14 -67.49 -108.58 48.87
CA PHE A 14 -68.27 -107.73 47.96
C PHE A 14 -67.86 -107.91 46.48
N ASN A 15 -68.81 -107.68 45.57
CA ASN A 15 -68.63 -107.81 44.12
C ASN A 15 -68.42 -106.46 43.38
N GLU A 16 -68.45 -105.33 44.10
CA GLU A 16 -68.27 -103.99 43.55
C GLU A 16 -66.81 -103.77 43.08
N SER A 17 -66.65 -103.31 41.84
CA SER A 17 -65.36 -103.05 41.18
C SER A 17 -65.54 -102.19 39.92
N GLU A 18 -64.46 -101.58 39.42
CA GLU A 18 -64.44 -100.67 38.27
C GLU A 18 -63.12 -100.82 37.50
N SER A 19 -63.17 -100.82 36.17
CA SER A 19 -62.01 -101.00 35.28
C SER A 19 -62.13 -100.26 33.92
N GLU A 20 -63.32 -99.72 33.61
CA GLU A 20 -63.68 -99.11 32.31
C GLU A 20 -63.19 -97.66 32.15
N SER A 21 -62.58 -97.07 33.18
CA SER A 21 -62.16 -95.66 33.22
C SER A 21 -60.98 -95.34 32.27
N GLU A 22 -61.07 -94.21 31.57
CA GLU A 22 -60.04 -93.69 30.65
C GLU A 22 -60.00 -92.15 30.71
N ALA A 23 -58.84 -91.55 30.46
CA ALA A 23 -58.59 -90.11 30.51
C ALA A 23 -57.36 -89.71 29.68
N ASP A 24 -57.32 -88.44 29.25
CA ASP A 24 -56.29 -87.84 28.38
C ASP A 24 -56.31 -86.30 28.48
N VAL A 25 -55.29 -85.64 27.92
CA VAL A 25 -55.07 -84.18 27.95
C VAL A 25 -54.52 -83.68 26.61
N ASP A 26 -54.83 -82.43 26.26
CA ASP A 26 -54.59 -81.82 24.94
C ASP A 26 -53.97 -80.40 24.99
N SER A 27 -53.57 -79.94 26.18
CA SER A 27 -52.94 -78.65 26.42
C SER A 27 -51.39 -78.68 26.29
N ASP A 28 -50.79 -77.56 25.90
CA ASP A 28 -49.35 -77.40 25.62
C ASP A 28 -48.91 -75.91 25.62
N ASP A 29 -47.61 -75.67 25.78
CA ASP A 29 -46.97 -74.34 25.77
C ASP A 29 -45.46 -74.45 25.51
N SER A 30 -44.91 -73.50 24.74
CA SER A 30 -43.51 -73.55 24.24
C SER A 30 -42.83 -72.16 24.12
N ASP A 31 -43.46 -71.07 24.58
CA ASP A 31 -42.96 -69.70 24.45
C ASP A 31 -43.57 -68.76 25.50
N ALA A 32 -42.71 -68.11 26.29
CA ALA A 32 -43.08 -67.21 27.40
C ALA A 32 -43.29 -65.74 26.98
N LYS A 33 -42.98 -65.37 25.73
CA LYS A 33 -43.15 -64.00 25.22
C LYS A 33 -44.66 -63.62 25.11
N PRO A 34 -45.11 -62.51 25.71
CA PRO A 34 -46.51 -62.08 25.64
C PRO A 34 -46.85 -61.42 24.30
N TYR A 35 -45.93 -60.60 23.75
CA TYR A 35 -46.01 -59.91 22.44
C TYR A 35 -44.73 -59.15 22.04
N GLY A 36 -43.90 -58.78 23.03
CA GLY A 36 -42.67 -57.96 22.84
C GLY A 36 -42.94 -56.48 23.11
N PRO A 37 -42.83 -56.02 24.39
CA PRO A 37 -43.23 -54.68 24.80
C PRO A 37 -42.19 -53.59 24.53
N ASP A 38 -40.90 -53.94 24.52
CA ASP A 38 -39.77 -53.00 24.47
C ASP A 38 -38.45 -53.71 24.07
N TRP A 39 -37.54 -52.97 23.43
CA TRP A 39 -36.25 -53.44 22.93
C TRP A 39 -35.09 -52.57 23.44
N PHE A 40 -34.01 -53.22 23.90
CA PHE A 40 -32.85 -52.56 24.52
C PHE A 40 -32.03 -51.73 23.51
N LYS A 41 -31.46 -50.62 23.98
CA LYS A 41 -30.63 -49.69 23.19
C LYS A 41 -29.13 -50.03 23.28
N LYS A 42 -28.30 -49.37 22.44
CA LYS A 42 -26.87 -49.69 22.27
C LYS A 42 -25.95 -48.44 22.14
N SER A 43 -26.48 -47.24 22.37
CA SER A 43 -25.73 -45.96 22.42
C SER A 43 -25.07 -45.60 21.07
N GLU A 44 -24.00 -44.79 21.08
CA GLU A 44 -23.29 -44.27 19.90
C GLU A 44 -21.84 -43.85 20.28
N PHE A 45 -21.01 -43.60 19.26
CA PHE A 45 -19.56 -43.38 19.40
C PHE A 45 -19.07 -42.23 18.51
N ARG A 46 -17.96 -41.59 18.90
CA ARG A 46 -17.38 -40.42 18.23
C ARG A 46 -16.61 -40.81 16.95
N LYS A 47 -17.33 -40.93 15.84
CA LYS A 47 -16.82 -41.39 14.53
C LYS A 47 -15.72 -40.50 13.89
N GLN A 48 -15.51 -39.29 14.40
CA GLN A 48 -14.40 -38.39 14.04
C GLN A 48 -13.03 -38.85 14.57
N GLY A 49 -12.98 -39.89 15.43
CA GLY A 49 -11.75 -40.40 16.05
C GLY A 49 -11.57 -39.98 17.52
N GLY A 50 -12.67 -39.91 18.28
CA GLY A 50 -12.66 -39.53 19.71
C GLY A 50 -13.04 -38.05 19.95
N GLY A 51 -12.60 -37.52 21.09
CA GLY A 51 -12.89 -36.14 21.52
C GLY A 51 -11.96 -35.09 20.91
N SER A 52 -12.33 -33.82 21.07
CA SER A 52 -11.62 -32.63 20.56
C SER A 52 -11.81 -31.42 21.51
N ASN A 53 -10.90 -30.45 21.46
CA ASN A 53 -10.86 -29.30 22.38
C ASN A 53 -10.04 -28.12 21.82
N LYS A 54 -10.40 -26.90 22.22
CA LYS A 54 -9.73 -25.62 21.90
C LYS A 54 -9.84 -24.64 23.09
N PHE A 55 -8.78 -23.89 23.37
CA PHE A 55 -8.67 -22.96 24.51
C PHE A 55 -7.87 -21.70 24.13
N LEU A 56 -8.34 -20.54 24.59
CA LEU A 56 -7.69 -19.23 24.37
C LEU A 56 -6.70 -18.85 25.51
N LYS A 57 -6.84 -19.49 26.69
CA LYS A 57 -6.09 -19.26 27.94
C LYS A 57 -6.53 -17.96 28.67
N SER A 58 -6.50 -17.97 30.00
CA SER A 58 -6.92 -16.84 30.85
C SER A 58 -5.99 -15.60 30.77
N SER A 59 -4.79 -15.77 30.22
CA SER A 59 -3.84 -14.69 29.87
C SER A 59 -3.34 -14.94 28.43
N ASN A 60 -3.36 -13.90 27.59
CA ASN A 60 -3.13 -14.00 26.14
C ASN A 60 -2.63 -12.66 25.58
N TYR A 61 -1.63 -12.70 24.69
CA TYR A 61 -0.93 -11.53 24.16
C TYR A 61 -0.62 -11.67 22.66
N ASP A 62 -0.74 -10.57 21.90
CA ASP A 62 -0.57 -10.54 20.45
C ASP A 62 0.91 -10.66 20.01
N SER A 63 1.14 -11.33 18.88
CA SER A 63 2.47 -11.62 18.33
C SER A 63 2.65 -11.17 16.85
N SER A 64 1.66 -10.47 16.29
CA SER A 64 1.64 -10.02 14.89
C SER A 64 2.65 -8.89 14.60
N ASP A 65 3.18 -8.84 13.37
CA ASP A 65 4.13 -7.81 12.92
C ASP A 65 3.40 -6.49 12.60
N GLU A 66 3.68 -5.43 13.39
CA GLU A 66 3.06 -4.11 13.26
C GLU A 66 3.46 -3.37 11.96
N GLU A 67 4.53 -3.83 11.30
CA GLU A 67 5.03 -3.32 10.01
C GLU A 67 4.41 -4.08 8.80
N SER A 68 3.39 -4.90 9.02
CA SER A 68 2.76 -5.76 8.00
C SER A 68 1.21 -5.84 8.17
N ASP A 69 0.54 -6.56 7.28
CA ASP A 69 -0.92 -6.75 7.24
C ASP A 69 -1.26 -8.07 6.50
N GLU A 70 -2.15 -8.87 7.08
CA GLU A 70 -2.63 -10.14 6.52
C GLU A 70 -3.80 -9.96 5.54
N GLU A 71 -4.37 -8.75 5.50
CA GLU A 71 -5.53 -8.36 4.71
C GLU A 71 -5.14 -7.40 3.56
N ASP A 72 -6.03 -7.23 2.59
CA ASP A 72 -5.82 -6.44 1.37
C ASP A 72 -5.88 -4.90 1.57
N GLY A 73 -5.83 -4.44 2.83
CA GLY A 73 -5.99 -3.03 3.23
C GLY A 73 -7.47 -2.63 3.42
N LYS A 74 -7.70 -1.60 4.24
CA LYS A 74 -9.04 -1.13 4.63
C LYS A 74 -9.29 0.37 4.34
N LYS A 75 -8.24 1.15 4.04
CA LYS A 75 -8.29 2.61 3.80
C LYS A 75 -7.31 3.02 2.67
N VAL A 76 -7.68 4.01 1.85
CA VAL A 76 -6.93 4.38 0.62
C VAL A 76 -6.77 5.91 0.38
N VAL A 77 -7.18 6.74 1.33
CA VAL A 77 -7.31 8.21 1.21
C VAL A 77 -7.54 8.84 2.59
N LYS A 78 -7.18 10.11 2.76
CA LYS A 78 -7.24 10.88 4.02
C LYS A 78 -6.47 10.18 5.16
N SER A 79 -5.19 9.87 4.91
CA SER A 79 -4.37 9.01 5.76
C SER A 79 -2.86 9.36 5.70
N ALA A 80 -2.00 8.55 6.34
CA ALA A 80 -0.54 8.67 6.21
C ALA A 80 -0.05 8.50 4.75
N LYS A 81 -0.88 7.92 3.89
CA LYS A 81 -0.64 7.86 2.44
C LYS A 81 -0.58 9.26 1.78
N GLU A 82 -1.22 10.30 2.30
CA GLU A 82 -1.17 11.66 1.73
C GLU A 82 0.20 12.34 1.86
N LYS A 83 1.11 11.83 2.70
CA LYS A 83 2.52 12.27 2.80
C LYS A 83 3.55 11.27 2.22
N LEU A 84 3.07 10.22 1.53
CA LEU A 84 3.85 9.08 1.04
C LEU A 84 4.24 9.23 -0.45
N LEU A 85 3.58 10.13 -1.21
CA LEU A 85 3.76 10.36 -2.66
C LEU A 85 5.09 11.09 -3.03
N ASP A 86 6.17 10.83 -2.30
CA ASP A 86 7.47 11.53 -2.43
C ASP A 86 8.70 10.66 -2.11
N GLU A 87 8.50 9.41 -1.64
CA GLU A 87 9.60 8.52 -1.20
C GLU A 87 10.24 7.70 -2.34
N MET A 88 9.68 7.76 -3.56
CA MET A 88 10.01 6.94 -4.74
C MET A 88 9.24 7.45 -5.98
N GLN A 89 9.51 6.89 -7.17
CA GLN A 89 8.88 7.30 -8.43
C GLN A 89 8.33 6.11 -9.27
N ASP A 90 8.46 4.87 -8.79
CA ASP A 90 8.09 3.65 -9.54
C ASP A 90 6.90 2.91 -8.93
N VAL A 91 7.05 2.36 -7.72
CA VAL A 91 5.98 1.68 -6.95
C VAL A 91 4.91 2.67 -6.46
N TYR A 92 5.23 3.97 -6.45
CA TYR A 92 4.30 5.03 -6.04
C TYR A 92 3.24 5.37 -7.10
N ASN A 93 3.44 4.99 -8.37
CA ASN A 93 2.64 5.46 -9.49
C ASN A 93 1.14 5.08 -9.41
N LYS A 94 0.81 4.01 -8.68
CA LYS A 94 -0.58 3.60 -8.38
C LYS A 94 -1.23 4.41 -7.24
N ILE A 95 -0.43 4.95 -6.32
CA ILE A 95 -0.87 5.62 -5.09
C ILE A 95 -1.51 6.98 -5.39
N SER A 96 -1.19 7.57 -6.54
CA SER A 96 -1.82 8.79 -7.09
C SER A 96 -3.30 8.60 -7.53
N GLN A 97 -3.84 7.38 -7.44
CA GLN A 97 -5.25 7.05 -7.68
C GLN A 97 -5.82 6.12 -6.59
N ALA A 98 -5.03 5.15 -6.13
CA ALA A 98 -5.25 4.30 -4.96
C ALA A 98 -6.52 3.42 -4.98
N GLU A 99 -7.21 3.28 -6.12
CA GLU A 99 -8.47 2.54 -6.22
C GLU A 99 -8.28 1.06 -6.56
N ASN A 100 -7.05 0.65 -6.89
CA ASN A 100 -6.70 -0.75 -7.14
C ASN A 100 -6.60 -1.56 -5.84
N SER A 101 -7.74 -1.92 -5.26
CA SER A 101 -7.84 -2.82 -4.10
C SER A 101 -7.31 -4.24 -4.36
N ASP A 102 -7.16 -4.62 -5.64
CA ASP A 102 -6.52 -5.85 -6.11
C ASP A 102 -4.97 -5.82 -6.01
N ASP A 103 -4.38 -4.61 -5.92
CA ASP A 103 -2.95 -4.37 -5.79
C ASP A 103 -2.51 -4.03 -4.35
N TRP A 104 -3.42 -3.50 -3.51
CA TRP A 104 -3.10 -3.07 -2.14
C TRP A 104 -2.55 -4.19 -1.23
N LEU A 105 -2.89 -5.47 -1.49
CA LEU A 105 -2.23 -6.61 -0.84
C LEU A 105 -0.79 -6.79 -1.34
N THR A 106 -0.62 -6.90 -2.66
CA THR A 106 0.67 -7.18 -3.33
C THR A 106 1.70 -6.08 -3.05
N ILE A 107 1.28 -4.81 -3.05
CA ILE A 107 2.16 -3.67 -2.78
C ILE A 107 2.63 -3.63 -1.32
N SER A 108 1.80 -4.09 -0.38
CA SER A 108 2.15 -4.16 1.04
C SER A 108 3.32 -5.11 1.30
N ASN A 109 3.50 -6.13 0.45
CA ASN A 109 4.62 -7.07 0.54
C ASN A 109 5.96 -6.44 0.09
N GLU A 110 5.92 -5.29 -0.61
CA GLU A 110 7.09 -4.48 -0.98
C GLU A 110 7.34 -3.37 0.03
N PHE A 111 6.26 -2.70 0.47
CA PHE A 111 6.29 -1.64 1.47
C PHE A 111 6.69 -2.12 2.87
N ASP A 112 6.65 -3.43 3.08
CA ASP A 112 7.24 -4.16 4.21
C ASP A 112 8.71 -3.76 4.46
N LEU A 113 9.40 -3.40 3.37
CA LEU A 113 10.79 -2.99 3.33
C LEU A 113 10.97 -1.52 2.89
N ILE A 114 10.25 -1.08 1.84
CA ILE A 114 10.46 0.24 1.19
C ILE A 114 10.07 1.40 2.12
N SER A 115 8.82 1.42 2.55
CA SER A 115 8.27 2.48 3.40
C SER A 115 7.12 1.99 4.29
N ARG A 116 7.39 1.88 5.60
CA ARG A 116 6.47 1.27 6.56
C ARG A 116 5.18 2.08 6.73
N LEU A 117 5.21 3.41 6.50
CA LEU A 117 4.05 4.28 6.69
C LEU A 117 2.96 4.10 5.62
N LEU A 118 3.28 3.51 4.46
CA LEU A 118 2.27 3.06 3.49
C LEU A 118 1.42 1.93 4.11
N VAL A 119 2.06 0.97 4.78
CA VAL A 119 1.38 -0.14 5.48
C VAL A 119 0.54 0.40 6.64
N ARG A 120 1.04 1.43 7.34
CA ARG A 120 0.24 2.13 8.35
C ARG A 120 -1.00 2.80 7.75
N ALA A 121 -0.91 3.36 6.54
CA ALA A 121 -1.99 4.14 5.94
C ALA A 121 -3.23 3.31 5.59
N GLN A 122 -3.01 2.05 5.19
CA GLN A 122 -4.09 1.11 4.85
C GLN A 122 -4.71 0.40 6.06
N GLN A 123 -4.09 0.49 7.24
CA GLN A 123 -4.62 -0.07 8.50
C GLN A 123 -5.22 1.02 9.42
N GLN A 124 -4.59 2.19 9.49
CA GLN A 124 -4.91 3.32 10.38
C GLN A 124 -4.84 2.92 11.86
N ASN A 125 -3.65 2.48 12.29
CA ASN A 125 -3.34 2.01 13.65
C ASN A 125 -3.16 3.16 14.67
N TRP A 126 -3.92 4.25 14.55
CA TRP A 126 -3.73 5.49 15.31
C TRP A 126 -4.15 5.43 16.79
N GLY A 127 -4.95 4.43 17.17
CA GLY A 127 -5.46 4.23 18.55
C GLY A 127 -6.64 5.13 18.92
N THR A 128 -7.23 5.83 17.94
CA THR A 128 -8.34 6.78 18.09
C THR A 128 -9.69 6.10 18.33
N SER A 1 -32.65 -47.31 -38.81
CA SER A 1 -31.86 -48.43 -39.36
C SER A 1 -30.37 -48.08 -39.41
N GLU A 2 -29.49 -49.05 -39.15
CA GLU A 2 -28.03 -48.89 -39.24
C GLU A 2 -27.56 -48.89 -40.71
N SER A 3 -26.45 -48.20 -40.99
CA SER A 3 -25.86 -48.07 -42.34
C SER A 3 -24.38 -47.63 -42.25
N GLU A 4 -23.60 -47.93 -43.30
CA GLU A 4 -22.14 -47.73 -43.38
C GLU A 4 -21.71 -47.45 -44.83
N LEU A 5 -20.52 -46.85 -44.99
CA LEU A 5 -19.92 -46.51 -46.29
C LEU A 5 -18.39 -46.57 -46.20
N ASP A 6 -17.75 -47.24 -47.16
CA ASP A 6 -16.31 -47.50 -47.22
C ASP A 6 -15.89 -47.91 -48.66
N GLN A 7 -14.62 -47.71 -49.00
CA GLN A 7 -14.07 -47.97 -50.34
C GLN A 7 -12.54 -48.16 -50.25
N GLU A 8 -12.02 -49.22 -50.90
CA GLU A 8 -10.57 -49.45 -51.05
C GLU A 8 -10.05 -48.64 -52.24
N SER A 9 -9.04 -47.79 -52.01
CA SER A 9 -8.48 -46.82 -52.96
C SER A 9 -7.14 -46.26 -52.47
N ASP A 10 -6.44 -45.46 -53.29
CA ASP A 10 -5.12 -44.89 -53.02
C ASP A 10 -4.98 -43.50 -53.67
N ASP A 11 -4.26 -42.60 -52.99
CA ASP A 11 -4.12 -41.17 -53.33
C ASP A 11 -2.87 -40.56 -52.63
N SER A 12 -2.43 -39.38 -53.09
CA SER A 12 -1.22 -38.70 -52.61
C SER A 12 -1.26 -37.18 -52.81
N PHE A 13 -0.41 -36.45 -52.08
CA PHE A 13 -0.36 -34.98 -51.99
C PHE A 13 1.05 -34.45 -51.71
N PHE A 14 2.08 -35.29 -51.93
CA PHE A 14 3.49 -35.04 -51.57
C PHE A 14 4.45 -35.77 -52.51
N ASN A 15 5.69 -35.29 -52.59
CA ASN A 15 6.74 -35.75 -53.52
C ASN A 15 8.15 -35.31 -53.07
N GLU A 16 9.19 -35.99 -53.54
CA GLU A 16 10.61 -35.69 -53.28
C GLU A 16 11.43 -35.91 -54.57
N SER A 17 12.36 -35.00 -54.86
CA SER A 17 13.07 -34.95 -56.16
C SER A 17 14.23 -35.95 -56.30
N GLU A 18 14.65 -36.61 -55.22
CA GLU A 18 15.73 -37.62 -55.16
C GLU A 18 17.11 -37.06 -55.59
N SER A 19 17.32 -35.75 -55.41
CA SER A 19 18.52 -35.02 -55.87
C SER A 19 19.83 -35.51 -55.23
N GLU A 20 20.91 -35.57 -56.02
CA GLU A 20 22.24 -36.05 -55.61
C GLU A 20 23.33 -35.40 -56.50
N SER A 21 23.28 -34.07 -56.61
CA SER A 21 24.08 -33.26 -57.56
C SER A 21 25.54 -33.00 -57.10
N GLU A 22 25.96 -33.60 -55.98
CA GLU A 22 27.28 -33.43 -55.36
C GLU A 22 27.54 -34.62 -54.41
N ALA A 23 28.82 -35.00 -54.24
CA ALA A 23 29.27 -36.13 -53.42
C ALA A 23 29.52 -35.78 -51.94
N ASP A 24 29.29 -34.52 -51.55
CA ASP A 24 29.53 -33.92 -50.23
C ASP A 24 31.04 -33.70 -49.97
N VAL A 25 31.66 -32.91 -50.86
CA VAL A 25 33.11 -32.65 -50.91
C VAL A 25 33.38 -31.14 -51.04
N ASP A 26 34.34 -30.64 -50.26
CA ASP A 26 34.74 -29.23 -50.19
C ASP A 26 36.20 -29.05 -49.72
N SER A 27 36.70 -27.80 -49.77
CA SER A 27 38.08 -27.44 -49.46
C SER A 27 38.19 -26.37 -48.33
N ASP A 28 37.15 -26.22 -47.51
CA ASP A 28 37.08 -25.23 -46.41
C ASP A 28 36.98 -25.89 -45.02
N ASP A 29 36.35 -27.07 -44.93
CA ASP A 29 36.27 -27.98 -43.78
C ASP A 29 35.87 -27.30 -42.44
N SER A 30 36.84 -26.98 -41.57
CA SER A 30 36.64 -26.44 -40.21
C SER A 30 37.53 -25.21 -39.92
N ASP A 31 38.03 -24.53 -40.97
CA ASP A 31 38.88 -23.33 -40.84
C ASP A 31 38.18 -22.17 -40.11
N ALA A 32 38.90 -21.53 -39.18
CA ALA A 32 38.39 -20.49 -38.27
C ALA A 32 39.53 -19.66 -37.65
N LYS A 33 39.19 -18.56 -36.97
CA LYS A 33 40.13 -17.63 -36.32
C LYS A 33 41.14 -18.35 -35.37
N PRO A 34 42.46 -18.32 -35.64
CA PRO A 34 43.46 -18.96 -34.78
C PRO A 34 43.61 -18.34 -33.38
N TYR A 35 43.28 -17.06 -33.23
CA TYR A 35 43.59 -16.26 -32.03
C TYR A 35 42.48 -16.28 -30.95
N GLY A 36 41.31 -16.86 -31.23
CA GLY A 36 40.21 -17.05 -30.27
C GLY A 36 39.49 -15.75 -29.87
N PRO A 37 38.79 -15.74 -28.72
CA PRO A 37 38.05 -14.59 -28.20
C PRO A 37 39.00 -13.54 -27.59
N ASP A 38 38.44 -12.37 -27.24
CA ASP A 38 39.17 -11.22 -26.70
C ASP A 38 38.27 -10.34 -25.80
N TRP A 39 38.85 -9.79 -24.74
CA TRP A 39 38.17 -9.03 -23.68
C TRP A 39 39.17 -8.18 -22.86
N PHE A 40 38.67 -7.15 -22.18
CA PHE A 40 39.48 -6.28 -21.30
C PHE A 40 39.78 -6.96 -19.95
N LYS A 41 38.86 -7.79 -19.46
CA LYS A 41 38.91 -8.55 -18.19
C LYS A 41 37.78 -9.59 -18.09
N LYS A 42 37.95 -10.60 -17.23
CA LYS A 42 36.96 -11.65 -16.94
C LYS A 42 37.22 -12.29 -15.56
N SER A 43 36.18 -12.43 -14.75
CA SER A 43 36.23 -12.97 -13.37
C SER A 43 34.83 -13.33 -12.84
N GLU A 44 34.75 -14.01 -11.69
CA GLU A 44 33.53 -14.52 -11.07
C GLU A 44 33.79 -14.87 -9.59
N PHE A 45 32.78 -14.69 -8.73
CA PHE A 45 32.84 -14.99 -7.30
C PHE A 45 32.96 -16.51 -7.02
N ARG A 46 33.65 -16.87 -5.93
CA ARG A 46 33.99 -18.25 -5.55
C ARG A 46 33.77 -18.50 -4.05
N LYS A 47 33.54 -19.78 -3.69
CA LYS A 47 33.32 -20.23 -2.31
C LYS A 47 34.59 -20.16 -1.43
N GLN A 48 34.38 -20.23 -0.12
CA GLN A 48 35.39 -20.08 0.95
C GLN A 48 35.01 -20.93 2.19
N GLY A 49 34.41 -22.10 1.94
CA GLY A 49 33.73 -22.93 2.94
C GLY A 49 32.23 -22.60 2.90
N GLY A 50 31.65 -22.67 1.69
CA GLY A 50 30.32 -22.17 1.36
C GLY A 50 30.36 -20.73 0.84
N GLY A 51 29.19 -20.12 0.66
CA GLY A 51 29.02 -18.73 0.21
C GLY A 51 28.58 -18.59 -1.25
N SER A 52 28.19 -17.37 -1.62
CA SER A 52 27.67 -16.97 -2.95
C SER A 52 27.48 -15.44 -3.01
N ASN A 53 27.20 -14.90 -4.22
CA ASN A 53 26.89 -13.48 -4.43
C ASN A 53 26.06 -13.27 -5.71
N LYS A 54 24.79 -12.85 -5.53
CA LYS A 54 23.79 -12.61 -6.59
C LYS A 54 22.55 -11.87 -6.05
N PHE A 55 21.60 -11.53 -6.92
CA PHE A 55 20.28 -10.98 -6.56
C PHE A 55 19.47 -11.98 -5.71
N LEU A 56 18.70 -11.49 -4.74
CA LEU A 56 17.92 -12.29 -3.80
C LEU A 56 16.77 -13.07 -4.46
N LYS A 57 16.31 -12.63 -5.63
CA LYS A 57 15.33 -13.30 -6.48
C LYS A 57 15.64 -13.03 -7.97
N SER A 58 15.48 -14.04 -8.83
CA SER A 58 15.87 -14.00 -10.25
C SER A 58 15.14 -15.09 -11.04
N SER A 59 14.44 -14.71 -12.12
CA SER A 59 13.50 -15.57 -12.87
C SER A 59 13.03 -14.90 -14.18
N ASN A 60 12.38 -15.66 -15.06
CA ASN A 60 11.79 -15.17 -16.31
C ASN A 60 10.35 -14.61 -16.13
N TYR A 61 9.76 -14.75 -14.95
CA TYR A 61 8.41 -14.32 -14.58
C TYR A 61 8.25 -14.24 -13.05
N ASP A 62 7.52 -13.23 -12.55
CA ASP A 62 7.40 -12.93 -11.12
C ASP A 62 6.67 -14.02 -10.31
N SER A 63 7.00 -14.11 -9.02
CA SER A 63 6.50 -15.12 -8.07
C SER A 63 6.73 -14.66 -6.61
N SER A 64 5.97 -15.20 -5.67
CA SER A 64 5.96 -14.86 -4.23
C SER A 64 5.17 -15.91 -3.42
N ASP A 65 5.34 -15.93 -2.09
CA ASP A 65 4.73 -16.89 -1.17
C ASP A 65 4.64 -16.30 0.25
N GLU A 66 3.45 -16.38 0.87
CA GLU A 66 3.11 -15.78 2.15
C GLU A 66 2.50 -16.81 3.13
N GLU A 67 2.62 -16.56 4.43
CA GLU A 67 2.06 -17.38 5.51
C GLU A 67 0.58 -17.08 5.82
N SER A 68 0.04 -15.97 5.30
CA SER A 68 -1.35 -15.52 5.41
C SER A 68 -1.62 -14.37 4.43
N ASP A 69 -2.78 -14.39 3.75
CA ASP A 69 -3.18 -13.39 2.74
C ASP A 69 -4.10 -12.29 3.30
N GLU A 70 -4.88 -12.59 4.35
CA GLU A 70 -5.75 -11.64 5.07
C GLU A 70 -6.75 -10.93 4.14
N GLU A 71 -6.56 -9.64 3.91
CA GLU A 71 -7.31 -8.78 2.96
C GLU A 71 -6.44 -7.56 2.60
N ASP A 72 -6.61 -7.05 1.38
CA ASP A 72 -5.82 -5.96 0.78
C ASP A 72 -6.06 -4.57 1.42
N GLY A 73 -7.28 -4.31 1.91
CA GLY A 73 -7.73 -2.98 2.36
C GLY A 73 -8.22 -2.16 1.17
N LYS A 74 -9.54 -2.13 0.97
CA LYS A 74 -10.20 -1.59 -0.22
C LYS A 74 -10.52 -0.08 -0.15
N LYS A 75 -10.27 0.56 0.99
CA LYS A 75 -10.59 1.98 1.27
C LYS A 75 -9.46 2.68 2.04
N VAL A 76 -9.06 3.88 1.60
CA VAL A 76 -8.00 4.69 2.22
C VAL A 76 -8.36 6.19 2.18
N VAL A 77 -8.00 6.91 3.26
CA VAL A 77 -8.26 8.33 3.48
C VAL A 77 -6.93 9.06 3.74
N LYS A 78 -6.82 10.30 3.24
CA LYS A 78 -5.65 11.18 3.29
C LYS A 78 -5.00 11.24 4.70
N SER A 79 -3.86 10.57 4.80
CA SER A 79 -3.01 10.54 6.00
C SER A 79 -1.53 10.28 5.60
N ALA A 80 -0.91 9.18 6.03
CA ALA A 80 0.48 8.83 5.70
C ALA A 80 0.74 8.65 4.18
N LYS A 81 -0.32 8.39 3.40
CA LYS A 81 -0.28 8.42 1.93
C LYS A 81 0.25 9.77 1.40
N GLU A 82 -0.15 10.87 2.05
CA GLU A 82 0.09 12.23 1.56
C GLU A 82 1.58 12.64 1.69
N LYS A 83 2.22 12.31 2.81
CA LYS A 83 3.66 12.55 3.01
C LYS A 83 4.57 11.56 2.24
N LEU A 84 4.02 10.41 1.82
CA LEU A 84 4.72 9.37 1.06
C LEU A 84 4.70 9.62 -0.46
N LEU A 85 3.70 10.36 -0.98
CA LEU A 85 3.58 10.73 -2.40
C LEU A 85 4.59 11.82 -2.81
N ASP A 86 5.88 11.45 -2.74
CA ASP A 86 7.08 12.25 -3.03
C ASP A 86 8.39 11.41 -3.00
N GLU A 87 8.42 10.26 -2.31
CA GLU A 87 9.63 9.48 -2.01
C GLU A 87 10.20 8.69 -3.20
N MET A 88 9.46 8.58 -4.31
CA MET A 88 9.72 7.71 -5.47
C MET A 88 8.77 8.09 -6.64
N GLN A 89 8.90 7.45 -7.80
CA GLN A 89 8.16 7.80 -9.02
C GLN A 89 7.55 6.58 -9.74
N ASP A 90 7.77 5.35 -9.25
CA ASP A 90 7.40 4.10 -9.95
C ASP A 90 6.44 3.22 -9.14
N VAL A 91 6.88 2.72 -7.98
CA VAL A 91 6.00 2.03 -6.99
C VAL A 91 5.00 3.02 -6.35
N TYR A 92 5.20 4.32 -6.55
CA TYR A 92 4.35 5.42 -6.11
C TYR A 92 3.21 5.75 -7.09
N ASN A 93 3.37 5.38 -8.37
CA ASN A 93 2.52 5.82 -9.47
C ASN A 93 1.04 5.37 -9.33
N LYS A 94 0.83 4.25 -8.65
CA LYS A 94 -0.49 3.69 -8.30
C LYS A 94 -1.09 4.34 -7.03
N ILE A 95 -0.25 4.77 -6.09
CA ILE A 95 -0.66 5.44 -4.83
C ILE A 95 -1.26 6.82 -5.15
N SER A 96 -0.86 7.43 -6.26
CA SER A 96 -1.46 8.67 -6.80
C SER A 96 -2.93 8.53 -7.25
N GLN A 97 -3.51 7.33 -7.21
CA GLN A 97 -4.92 7.05 -7.49
C GLN A 97 -5.57 6.22 -6.37
N ALA A 98 -4.94 5.11 -5.97
CA ALA A 98 -5.26 4.27 -4.80
C ALA A 98 -6.59 3.51 -4.86
N GLU A 99 -7.32 3.57 -5.98
CA GLU A 99 -8.55 2.83 -6.23
C GLU A 99 -8.27 1.35 -6.58
N ASN A 100 -7.00 1.00 -6.73
CA ASN A 100 -6.52 -0.28 -7.25
C ASN A 100 -6.55 -1.38 -6.17
N SER A 101 -7.74 -1.85 -5.82
CA SER A 101 -7.99 -2.98 -4.92
C SER A 101 -7.32 -4.28 -5.40
N ASP A 102 -7.05 -5.20 -4.46
CA ASP A 102 -6.34 -6.49 -4.60
C ASP A 102 -4.82 -6.31 -4.82
N ASP A 103 -4.42 -5.37 -5.68
CA ASP A 103 -3.04 -4.92 -5.84
C ASP A 103 -2.49 -4.27 -4.54
N TRP A 104 -3.36 -3.72 -3.71
CA TRP A 104 -3.02 -3.25 -2.37
C TRP A 104 -2.43 -4.34 -1.45
N LEU A 105 -2.71 -5.64 -1.70
CA LEU A 105 -2.01 -6.74 -1.01
C LEU A 105 -0.63 -6.97 -1.64
N THR A 106 -0.57 -7.07 -2.98
CA THR A 106 0.67 -7.35 -3.73
C THR A 106 1.74 -6.29 -3.50
N ILE A 107 1.36 -5.01 -3.42
CA ILE A 107 2.27 -3.89 -3.15
C ILE A 107 2.74 -3.89 -1.68
N SER A 108 1.91 -4.33 -0.74
CA SER A 108 2.27 -4.44 0.67
C SER A 108 3.29 -5.55 0.96
N ASN A 109 3.42 -6.53 0.05
CA ASN A 109 4.46 -7.56 0.14
C ASN A 109 5.88 -7.02 -0.11
N GLU A 110 6.02 -5.84 -0.73
CA GLU A 110 7.31 -5.12 -0.84
C GLU A 110 7.37 -3.85 0.03
N PHE A 111 6.24 -3.20 0.34
CA PHE A 111 6.24 -1.99 1.15
C PHE A 111 6.65 -2.22 2.62
N ASP A 112 6.57 -3.46 3.08
CA ASP A 112 7.14 -3.94 4.35
C ASP A 112 8.59 -3.48 4.54
N LEU A 113 9.34 -3.47 3.43
CA LEU A 113 10.76 -3.11 3.34
C LEU A 113 10.98 -1.69 2.79
N ILE A 114 10.14 -1.21 1.87
CA ILE A 114 10.24 0.16 1.30
C ILE A 114 9.87 1.23 2.35
N SER A 115 8.66 1.15 2.89
CA SER A 115 8.14 2.15 3.83
C SER A 115 6.97 1.68 4.70
N ARG A 116 7.15 1.73 6.03
CA ARG A 116 6.09 1.51 7.02
C ARG A 116 5.01 2.60 6.99
N LEU A 117 5.28 3.78 6.40
CA LEU A 117 4.26 4.83 6.22
C LEU A 117 3.10 4.36 5.33
N LEU A 118 3.38 3.52 4.32
CA LEU A 118 2.35 2.96 3.46
C LEU A 118 1.46 1.96 4.23
N VAL A 119 2.05 1.14 5.08
CA VAL A 119 1.31 0.25 6.01
C VAL A 119 0.42 1.08 6.94
N ARG A 120 0.91 2.22 7.43
CA ARG A 120 0.11 3.11 8.27
C ARG A 120 -1.00 3.83 7.47
N ALA A 121 -0.79 4.10 6.18
CA ALA A 121 -1.78 4.76 5.31
C ALA A 121 -2.97 3.86 4.95
N GLN A 122 -2.79 2.54 5.00
CA GLN A 122 -3.87 1.58 4.81
C GLN A 122 -4.54 1.14 6.13
N GLN A 123 -3.78 1.03 7.24
CA GLN A 123 -4.34 0.62 8.53
C GLN A 123 -5.09 1.77 9.22
N GLN A 124 -4.56 2.99 9.16
CA GLN A 124 -5.24 4.25 9.52
C GLN A 124 -5.68 4.33 10.99
N ASN A 125 -5.02 3.60 11.90
CA ASN A 125 -5.32 3.53 13.32
C ASN A 125 -4.75 4.75 14.10
N TRP A 126 -5.16 5.95 13.69
CA TRP A 126 -4.65 7.23 14.19
C TRP A 126 -5.27 7.69 15.53
N GLY A 127 -6.35 7.05 15.99
CA GLY A 127 -7.03 7.35 17.27
C GLY A 127 -7.91 8.61 17.23
N THR A 128 -8.11 9.20 16.05
CA THR A 128 -8.87 10.44 15.80
C THR A 128 -10.39 10.26 15.87
#